data_2DBJ
#
_entry.id   2DBJ
#
_entity_poly.entity_id   1
_entity_poly.type   'polypeptide(L)'
_entity_poly.pdbx_seq_one_letter_code
;GSSGSSGWILASTTEGAPSVAPLNVTVFLNESSDNVDIRWMKPPTKQQDGELVGYRISHVWQSAGISKELLEEVGQNGSR
ARISVQVHNATCTVRIAAVTRGGVGPFSDPVKIFIPAHSGPSSG
;
_entity_poly.pdbx_strand_id   A
#
# COMPACT_ATOMS: atom_id res chain seq x y z
N GLY A 1 -33.20 -11.20 -19.03
CA GLY A 1 -31.91 -11.30 -19.69
C GLY A 1 -31.99 -12.07 -21.00
N SER A 2 -31.91 -11.34 -22.11
CA SER A 2 -31.98 -11.96 -23.42
C SER A 2 -30.61 -12.44 -23.87
N SER A 3 -30.38 -13.74 -23.75
CA SER A 3 -29.11 -14.34 -24.14
C SER A 3 -27.94 -13.55 -23.56
N GLY A 4 -28.07 -13.16 -22.28
CA GLY A 4 -27.02 -12.40 -21.64
C GLY A 4 -26.82 -12.82 -20.19
N SER A 5 -27.91 -12.83 -19.43
CA SER A 5 -27.84 -13.20 -18.01
C SER A 5 -26.58 -12.67 -17.37
N SER A 6 -26.31 -11.39 -17.57
CA SER A 6 -25.12 -10.76 -17.01
C SER A 6 -25.41 -10.16 -15.65
N GLY A 7 -24.38 -9.59 -15.01
CA GLY A 7 -24.55 -9.00 -13.71
C GLY A 7 -25.71 -8.01 -13.65
N TRP A 8 -25.97 -7.45 -12.48
CA TRP A 8 -27.04 -6.50 -12.31
C TRP A 8 -26.63 -5.37 -11.36
N ILE A 9 -26.43 -4.19 -11.91
CA ILE A 9 -26.04 -3.03 -11.12
C ILE A 9 -26.91 -2.89 -9.87
N LEU A 10 -26.48 -3.50 -8.78
CA LEU A 10 -27.23 -3.44 -7.53
C LEU A 10 -27.04 -2.09 -6.84
N ALA A 11 -27.75 -1.88 -5.74
CA ALA A 11 -27.66 -0.64 -4.99
C ALA A 11 -26.21 -0.20 -4.84
N SER A 12 -25.96 1.10 -5.05
CA SER A 12 -24.62 1.64 -4.95
C SER A 12 -24.59 2.86 -4.02
N THR A 13 -23.41 3.18 -3.50
CA THR A 13 -23.25 4.30 -2.60
C THR A 13 -23.14 5.61 -3.38
N THR A 14 -23.32 6.73 -2.67
CA THR A 14 -23.24 8.04 -3.29
C THR A 14 -22.14 8.89 -2.65
N GLU A 15 -21.73 8.50 -1.45
CA GLU A 15 -20.68 9.23 -0.74
C GLU A 15 -20.25 8.47 0.52
N GLY A 16 -19.02 8.69 0.94
CA GLY A 16 -18.51 8.03 2.13
C GLY A 16 -17.25 7.23 1.85
N ALA A 17 -16.10 7.81 2.19
CA ALA A 17 -14.81 7.15 1.98
C ALA A 17 -13.71 7.85 2.76
N PRO A 18 -12.70 7.07 3.17
CA PRO A 18 -11.55 7.59 3.93
C PRO A 18 -10.65 8.49 3.09
N SER A 19 -10.94 9.78 3.09
CA SER A 19 -10.17 10.75 2.32
C SER A 19 -8.87 11.07 3.05
N VAL A 20 -8.20 10.05 3.57
CA VAL A 20 -6.94 10.24 4.29
C VAL A 20 -6.09 8.98 4.23
N ALA A 21 -4.78 9.15 4.43
CA ALA A 21 -3.86 8.02 4.40
C ALA A 21 -3.30 7.73 5.78
N PRO A 22 -2.65 6.57 5.94
CA PRO A 22 -2.06 6.14 7.21
C PRO A 22 -0.85 6.99 7.60
N LEU A 23 -0.64 7.14 8.89
CA LEU A 23 0.49 7.93 9.39
C LEU A 23 1.66 7.02 9.77
N ASN A 24 2.70 7.61 10.34
CA ASN A 24 3.88 6.86 10.75
C ASN A 24 4.27 5.84 9.70
N VAL A 25 4.01 6.17 8.43
CA VAL A 25 4.34 5.29 7.33
C VAL A 25 5.85 5.07 7.21
N THR A 26 6.29 3.87 7.56
CA THR A 26 7.71 3.53 7.50
C THR A 26 7.93 2.19 6.81
N VAL A 27 8.96 2.12 5.98
CA VAL A 27 9.28 0.89 5.25
C VAL A 27 10.77 0.55 5.38
N PHE A 28 11.05 -0.61 5.96
CA PHE A 28 12.43 -1.05 6.14
C PHE A 28 12.76 -2.20 5.20
N LEU A 29 13.97 -2.16 4.63
CA LEU A 29 14.41 -3.20 3.70
C LEU A 29 15.61 -3.95 4.27
N ASN A 30 15.38 -5.18 4.72
CA ASN A 30 16.44 -6.00 5.27
C ASN A 30 17.36 -6.52 4.17
N GLU A 31 18.66 -6.29 4.34
CA GLU A 31 19.65 -6.73 3.35
C GLU A 31 19.98 -8.21 3.55
N SER A 32 19.91 -8.66 4.79
CA SER A 32 20.22 -10.04 5.13
C SER A 32 19.00 -10.94 4.91
N SER A 33 17.82 -10.36 5.05
CA SER A 33 16.58 -11.10 4.87
C SER A 33 15.82 -10.60 3.64
N ASP A 34 15.30 -11.54 2.85
CA ASP A 34 14.54 -11.20 1.65
C ASP A 34 13.11 -10.80 1.99
N ASN A 35 12.97 -9.93 2.98
CA ASN A 35 11.65 -9.47 3.40
C ASN A 35 11.64 -7.96 3.63
N VAL A 36 10.47 -7.34 3.48
CA VAL A 36 10.33 -5.90 3.68
C VAL A 36 9.37 -5.60 4.82
N ASP A 37 9.90 -4.99 5.87
CA ASP A 37 9.09 -4.63 7.03
C ASP A 37 8.25 -3.39 6.75
N ILE A 38 6.95 -3.48 7.04
CA ILE A 38 6.04 -2.38 6.81
C ILE A 38 5.20 -2.08 8.06
N ARG A 39 5.37 -0.89 8.61
CA ARG A 39 4.64 -0.48 9.81
C ARG A 39 4.07 0.92 9.64
N TRP A 40 2.77 1.07 9.89
CA TRP A 40 2.11 2.36 9.78
C TRP A 40 1.19 2.60 10.98
N MET A 41 0.52 3.75 10.97
CA MET A 41 -0.39 4.11 12.05
C MET A 41 -1.81 4.29 11.54
N LYS A 42 -2.78 4.19 12.44
CA LYS A 42 -4.19 4.34 12.08
C LYS A 42 -4.55 5.81 11.91
N PRO A 43 -5.31 6.12 10.84
CA PRO A 43 -5.74 7.48 10.55
C PRO A 43 -6.77 7.98 11.55
N PRO A 44 -6.95 9.32 11.60
CA PRO A 44 -7.91 9.95 12.51
C PRO A 44 -9.36 9.67 12.11
N THR A 45 -9.54 8.84 11.10
CA THR A 45 -10.87 8.50 10.62
C THR A 45 -11.74 7.96 11.75
N LYS A 46 -12.33 8.85 12.52
CA LYS A 46 -13.18 8.46 13.64
C LYS A 46 -14.47 9.28 13.63
N GLN A 47 -14.61 10.17 12.66
CA GLN A 47 -15.80 11.01 12.55
C GLN A 47 -16.91 10.28 11.80
N GLN A 48 -18.01 10.98 11.55
CA GLN A 48 -19.15 10.40 10.84
C GLN A 48 -18.68 9.42 9.78
N ASP A 49 -17.52 9.69 9.19
CA ASP A 49 -16.96 8.84 8.16
C ASP A 49 -17.30 7.37 8.42
N GLY A 50 -16.94 6.89 9.61
CA GLY A 50 -17.22 5.51 9.97
C GLY A 50 -16.08 4.88 10.75
N GLU A 51 -15.60 3.74 10.28
CA GLU A 51 -14.52 3.03 10.95
C GLU A 51 -13.60 2.36 9.93
N LEU A 52 -12.44 1.91 10.40
CA LEU A 52 -11.47 1.25 9.53
C LEU A 52 -11.62 -0.26 9.60
N VAL A 53 -11.74 -0.90 8.44
CA VAL A 53 -11.87 -2.35 8.37
C VAL A 53 -10.59 -3.00 7.88
N GLY A 54 -9.77 -2.23 7.16
CA GLY A 54 -8.53 -2.76 6.65
C GLY A 54 -7.69 -1.71 5.94
N TYR A 55 -6.56 -2.12 5.38
CA TYR A 55 -5.68 -1.20 4.67
C TYR A 55 -5.44 -1.66 3.25
N ARG A 56 -4.72 -0.85 2.48
CA ARG A 56 -4.41 -1.18 1.09
C ARG A 56 -2.95 -0.88 0.77
N ILE A 57 -2.17 -1.93 0.55
CA ILE A 57 -0.75 -1.78 0.23
C ILE A 57 -0.48 -2.13 -1.22
N SER A 58 0.25 -1.24 -1.90
CA SER A 58 0.57 -1.45 -3.31
C SER A 58 2.08 -1.27 -3.55
N HIS A 59 2.75 -2.38 -3.83
CA HIS A 59 4.19 -2.35 -4.08
C HIS A 59 4.51 -2.86 -5.49
N VAL A 60 5.01 -1.97 -6.33
CA VAL A 60 5.36 -2.32 -7.70
C VAL A 60 6.87 -2.36 -7.90
N TRP A 61 7.34 -3.33 -8.67
CA TRP A 61 8.77 -3.47 -8.93
C TRP A 61 9.10 -3.03 -10.35
N GLN A 62 9.97 -2.03 -10.47
CA GLN A 62 10.38 -1.52 -11.77
C GLN A 62 11.87 -1.70 -11.99
N SER A 63 12.23 -2.55 -12.95
CA SER A 63 13.63 -2.82 -13.26
C SER A 63 13.92 -2.61 -14.74
N ALA A 64 15.19 -2.44 -15.07
CA ALA A 64 15.60 -2.23 -16.46
C ALA A 64 15.29 -3.46 -17.31
N GLY A 65 14.23 -3.37 -18.11
CA GLY A 65 13.86 -4.49 -18.96
C GLY A 65 12.81 -5.38 -18.32
N ILE A 66 12.60 -5.20 -17.01
CA ILE A 66 11.63 -6.00 -16.28
C ILE A 66 10.78 -5.12 -15.36
N SER A 67 9.48 -5.09 -15.61
CA SER A 67 8.57 -4.30 -14.79
C SER A 67 7.39 -5.15 -14.31
N LYS A 68 7.35 -5.41 -13.01
CA LYS A 68 6.28 -6.20 -12.41
C LYS A 68 5.49 -5.38 -11.41
N GLU A 69 4.26 -5.82 -11.13
CA GLU A 69 3.40 -5.13 -10.18
C GLU A 69 2.79 -6.10 -9.19
N LEU A 70 2.81 -5.74 -7.91
CA LEU A 70 2.25 -6.59 -6.86
C LEU A 70 1.23 -5.81 -6.03
N LEU A 71 0.34 -6.54 -5.36
CA LEU A 71 -0.68 -5.93 -4.52
C LEU A 71 -0.98 -6.79 -3.30
N GLU A 72 -0.73 -6.25 -2.12
CA GLU A 72 -0.97 -6.97 -0.88
C GLU A 72 -2.32 -6.59 -0.28
N GLU A 73 -2.91 -7.51 0.48
CA GLU A 73 -4.20 -7.26 1.11
C GLU A 73 -4.13 -7.47 2.61
N VAL A 74 -4.31 -6.39 3.37
CA VAL A 74 -4.26 -6.45 4.82
C VAL A 74 -5.52 -5.88 5.44
N GLY A 75 -5.99 -6.51 6.51
CA GLY A 75 -7.20 -6.05 7.18
C GLY A 75 -6.89 -5.15 8.37
N GLN A 76 -7.94 -4.75 9.09
CA GLN A 76 -7.78 -3.89 10.25
C GLN A 76 -6.87 -4.55 11.29
N ASN A 77 -7.16 -5.79 11.62
CA ASN A 77 -6.37 -6.53 12.60
C ASN A 77 -5.05 -6.99 12.00
N GLY A 78 -4.07 -6.09 11.99
CA GLY A 78 -2.76 -6.42 11.44
C GLY A 78 -1.71 -5.40 11.82
N SER A 79 -1.94 -4.15 11.45
CA SER A 79 -0.99 -3.07 11.76
C SER A 79 0.44 -3.50 11.42
N ARG A 80 0.56 -4.40 10.44
CA ARG A 80 1.87 -4.89 10.03
C ARG A 80 1.76 -5.71 8.75
N ALA A 81 2.73 -5.52 7.86
CA ALA A 81 2.75 -6.25 6.59
C ALA A 81 4.17 -6.59 6.18
N ARG A 82 4.31 -7.65 5.38
CA ARG A 82 5.62 -8.09 4.91
C ARG A 82 5.54 -8.56 3.46
N ILE A 83 6.62 -8.33 2.72
CA ILE A 83 6.69 -8.74 1.32
C ILE A 83 8.01 -9.42 1.00
N SER A 84 7.93 -10.54 0.29
CA SER A 84 9.12 -11.30 -0.08
C SER A 84 9.74 -10.74 -1.37
N VAL A 85 10.95 -10.21 -1.25
CA VAL A 85 11.65 -9.64 -2.39
C VAL A 85 11.34 -10.42 -3.67
N GLN A 86 10.54 -9.83 -4.54
CA GLN A 86 10.17 -10.47 -5.79
C GLN A 86 11.19 -10.17 -6.88
N VAL A 87 11.88 -9.04 -6.74
CA VAL A 87 12.89 -8.64 -7.71
C VAL A 87 14.05 -7.92 -7.04
N HIS A 88 15.27 -8.20 -7.51
CA HIS A 88 16.47 -7.58 -6.95
C HIS A 88 17.07 -6.59 -7.93
N ASN A 89 17.79 -5.61 -7.41
CA ASN A 89 18.43 -4.59 -8.24
C ASN A 89 17.40 -3.80 -9.02
N ALA A 90 16.27 -3.52 -8.37
CA ALA A 90 15.20 -2.75 -8.99
C ALA A 90 14.61 -1.73 -8.02
N THR A 91 13.93 -0.72 -8.57
CA THR A 91 13.32 0.32 -7.75
C THR A 91 11.84 0.04 -7.50
N CYS A 92 11.51 -0.29 -6.25
CA CYS A 92 10.14 -0.58 -5.89
C CYS A 92 9.51 0.58 -5.12
N THR A 93 8.26 0.90 -5.44
CA THR A 93 7.57 1.99 -4.79
C THR A 93 6.45 1.47 -3.89
N VAL A 94 6.59 1.71 -2.58
CA VAL A 94 5.60 1.26 -1.61
C VAL A 94 4.55 2.34 -1.36
N ARG A 95 3.31 1.91 -1.12
CA ARG A 95 2.21 2.84 -0.87
C ARG A 95 1.10 2.17 -0.09
N ILE A 96 0.69 2.78 1.02
CA ILE A 96 -0.37 2.24 1.85
C ILE A 96 -1.56 3.20 1.91
N ALA A 97 -2.76 2.63 2.03
CA ALA A 97 -3.98 3.43 2.10
C ALA A 97 -4.97 2.82 3.09
N ALA A 98 -5.87 3.65 3.60
CA ALA A 98 -6.88 3.19 4.55
C ALA A 98 -8.12 2.68 3.83
N VAL A 99 -8.66 1.56 4.33
CA VAL A 99 -9.84 0.95 3.73
C VAL A 99 -10.96 0.85 4.75
N THR A 100 -12.18 1.22 4.33
CA THR A 100 -13.33 1.17 5.21
C THR A 100 -14.48 0.39 4.56
N ARG A 101 -15.62 0.34 5.24
CA ARG A 101 -16.78 -0.37 4.74
C ARG A 101 -17.41 0.38 3.57
N GLY A 102 -16.84 1.54 3.23
CA GLY A 102 -17.36 2.34 2.13
C GLY A 102 -16.52 2.21 0.88
N GLY A 103 -15.22 2.46 1.02
CA GLY A 103 -14.32 2.38 -0.13
C GLY A 103 -12.87 2.38 0.28
N VAL A 104 -11.99 2.73 -0.65
CA VAL A 104 -10.56 2.77 -0.39
C VAL A 104 -10.03 4.20 -0.47
N GLY A 105 -9.43 4.68 0.62
CA GLY A 105 -8.89 6.02 0.64
C GLY A 105 -7.66 6.16 -0.23
N PRO A 106 -7.16 7.40 -0.36
CA PRO A 106 -5.97 7.71 -1.16
C PRO A 106 -4.70 7.14 -0.55
N PHE A 107 -3.84 6.58 -1.39
CA PHE A 107 -2.58 6.01 -0.93
C PHE A 107 -1.66 7.09 -0.39
N SER A 108 -0.79 6.70 0.55
CA SER A 108 0.15 7.65 1.15
C SER A 108 1.25 8.01 0.17
N ASP A 109 2.21 8.80 0.65
CA ASP A 109 3.34 9.22 -0.19
C ASP A 109 4.11 8.02 -0.72
N PRO A 110 4.51 8.09 -1.99
CA PRO A 110 5.27 7.02 -2.65
C PRO A 110 6.69 6.88 -2.10
N VAL A 111 7.03 5.69 -1.64
CA VAL A 111 8.35 5.42 -1.10
C VAL A 111 9.19 4.59 -2.06
N LYS A 112 10.21 5.22 -2.64
CA LYS A 112 11.09 4.53 -3.58
C LYS A 112 12.23 3.83 -2.85
N ILE A 113 12.14 2.51 -2.74
CA ILE A 113 13.16 1.72 -2.07
C ILE A 113 14.10 1.06 -3.07
N PHE A 114 15.40 1.11 -2.78
CA PHE A 114 16.40 0.51 -3.66
C PHE A 114 16.69 -0.92 -3.24
N ILE A 115 16.37 -1.86 -4.12
CA ILE A 115 16.61 -3.28 -3.85
C ILE A 115 18.00 -3.70 -4.32
N PRO A 116 18.90 -3.95 -3.36
CA PRO A 116 20.27 -4.37 -3.65
C PRO A 116 20.33 -5.79 -4.21
N ALA A 117 21.15 -5.98 -5.25
CA ALA A 117 21.31 -7.29 -5.87
C ALA A 117 21.71 -8.34 -4.85
N HIS A 118 21.52 -9.61 -5.20
CA HIS A 118 21.87 -10.71 -4.32
C HIS A 118 23.16 -10.41 -3.56
N SER A 119 24.26 -10.29 -4.30
CA SER A 119 25.56 -10.01 -3.69
C SER A 119 26.48 -9.31 -4.68
N GLY A 120 27.24 -8.33 -4.19
CA GLY A 120 28.15 -7.60 -5.05
C GLY A 120 29.31 -6.99 -4.28
N PRO A 121 30.36 -7.78 -4.07
CA PRO A 121 31.55 -7.34 -3.33
C PRO A 121 32.36 -6.31 -4.12
N SER A 122 33.52 -5.95 -3.58
CA SER A 122 34.39 -4.98 -4.23
C SER A 122 33.59 -3.76 -4.70
N SER A 123 32.75 -3.23 -3.81
CA SER A 123 31.93 -2.08 -4.14
C SER A 123 32.50 -0.81 -3.50
N GLY A 124 33.02 -0.95 -2.29
CA GLY A 124 33.59 0.19 -1.60
C GLY A 124 34.22 -0.20 -0.27
N GLY A 1 0.81 0.25 -30.68
CA GLY A 1 -0.16 1.31 -30.45
C GLY A 1 0.32 2.33 -29.44
N SER A 2 -0.57 3.22 -29.02
CA SER A 2 -0.23 4.27 -28.06
C SER A 2 -1.47 4.74 -27.31
N SER A 3 -1.33 4.92 -26.00
CA SER A 3 -2.44 5.37 -25.18
C SER A 3 -1.93 6.19 -23.98
N GLY A 4 -2.86 6.72 -23.20
CA GLY A 4 -2.49 7.51 -22.05
C GLY A 4 -3.18 7.05 -20.78
N SER A 5 -2.84 7.67 -19.65
CA SER A 5 -3.42 7.32 -18.37
C SER A 5 -3.25 8.44 -17.36
N SER A 6 -4.37 9.01 -16.92
CA SER A 6 -4.35 10.10 -15.96
C SER A 6 -5.09 9.72 -14.68
N GLY A 7 -4.73 10.38 -13.58
CA GLY A 7 -5.38 10.09 -12.31
C GLY A 7 -6.65 10.91 -12.11
N TRP A 8 -7.71 10.53 -12.81
CA TRP A 8 -8.98 11.23 -12.70
C TRP A 8 -9.57 11.07 -11.31
N ILE A 9 -9.78 12.19 -10.62
CA ILE A 9 -10.34 12.16 -9.28
C ILE A 9 -11.68 12.90 -9.23
N LEU A 10 -12.74 12.16 -8.93
CA LEU A 10 -14.08 12.74 -8.86
C LEU A 10 -14.62 12.67 -7.44
N ALA A 11 -15.32 13.72 -7.01
CA ALA A 11 -15.88 13.77 -5.68
C ALA A 11 -16.80 12.58 -5.42
N SER A 12 -17.06 12.29 -4.15
CA SER A 12 -17.91 11.17 -3.78
C SER A 12 -19.35 11.64 -3.57
N THR A 13 -20.10 11.73 -4.66
CA THR A 13 -21.50 12.16 -4.59
C THR A 13 -22.30 11.30 -3.62
N THR A 14 -23.01 11.95 -2.71
CA THR A 14 -23.82 11.25 -1.72
C THR A 14 -23.12 9.96 -1.27
N GLU A 15 -21.80 10.01 -1.17
CA GLU A 15 -21.03 8.85 -0.74
C GLU A 15 -20.04 9.22 0.36
N GLY A 16 -19.55 8.22 1.07
CA GLY A 16 -18.59 8.46 2.15
C GLY A 16 -17.42 7.51 2.11
N ALA A 17 -16.23 8.04 1.85
CA ALA A 17 -15.03 7.23 1.78
C ALA A 17 -13.91 7.83 2.63
N PRO A 18 -12.89 7.00 2.95
CA PRO A 18 -11.75 7.44 3.75
C PRO A 18 -10.85 8.42 3.01
N SER A 19 -11.16 9.70 3.12
CA SER A 19 -10.38 10.74 2.46
C SER A 19 -9.12 11.06 3.24
N VAL A 20 -8.45 10.02 3.73
CA VAL A 20 -7.23 10.18 4.50
C VAL A 20 -6.39 8.91 4.50
N ALA A 21 -5.07 9.08 4.52
CA ALA A 21 -4.16 7.94 4.52
C ALA A 21 -3.53 7.74 5.89
N PRO A 22 -2.85 6.59 6.07
CA PRO A 22 -2.19 6.25 7.33
C PRO A 22 -0.97 7.12 7.59
N LEU A 23 -0.57 7.21 8.86
CA LEU A 23 0.58 8.01 9.24
C LEU A 23 1.77 7.12 9.61
N ASN A 24 2.87 7.74 10.01
CA ASN A 24 4.07 7.00 10.39
C ASN A 24 4.37 5.89 9.39
N VAL A 25 4.18 6.19 8.11
CA VAL A 25 4.43 5.23 7.04
C VAL A 25 5.93 5.09 6.76
N THR A 26 6.49 3.93 7.13
CA THR A 26 7.91 3.68 6.91
C THR A 26 8.13 2.37 6.16
N VAL A 27 9.37 2.14 5.74
CA VAL A 27 9.70 0.92 5.01
C VAL A 27 11.05 0.37 5.48
N PHE A 28 11.01 -0.79 6.15
CA PHE A 28 12.22 -1.42 6.65
C PHE A 28 12.65 -2.56 5.73
N LEU A 29 13.90 -2.51 5.28
CA LEU A 29 14.43 -3.54 4.39
C LEU A 29 15.50 -4.37 5.10
N ASN A 30 15.22 -5.67 5.24
CA ASN A 30 16.15 -6.58 5.91
C ASN A 30 17.22 -7.07 4.92
N GLU A 31 18.48 -6.82 5.25
CA GLU A 31 19.58 -7.23 4.40
C GLU A 31 19.86 -8.73 4.56
N SER A 32 19.83 -9.19 5.80
CA SER A 32 20.08 -10.61 6.09
C SER A 32 19.02 -11.49 5.46
N SER A 33 17.81 -10.95 5.33
CA SER A 33 16.70 -11.69 4.74
C SER A 33 16.25 -11.04 3.44
N ASP A 34 15.32 -11.69 2.75
CA ASP A 34 14.81 -11.19 1.48
C ASP A 34 13.35 -10.76 1.62
N ASN A 35 13.05 -10.00 2.67
CA ASN A 35 11.70 -9.53 2.92
C ASN A 35 11.69 -8.05 3.28
N VAL A 36 10.55 -7.40 3.09
CA VAL A 36 10.42 -5.98 3.39
C VAL A 36 9.32 -5.74 4.44
N ASP A 37 9.70 -5.11 5.53
CA ASP A 37 8.75 -4.82 6.61
C ASP A 37 8.14 -3.44 6.43
N ILE A 38 6.86 -3.32 6.78
CA ILE A 38 6.15 -2.05 6.65
C ILE A 38 5.41 -1.70 7.95
N ARG A 39 5.57 -0.47 8.40
CA ARG A 39 4.93 0.00 9.61
C ARG A 39 4.12 1.26 9.36
N TRP A 40 2.89 1.29 9.85
CA TRP A 40 2.01 2.45 9.67
C TRP A 40 1.17 2.68 10.92
N MET A 41 0.39 3.75 10.91
CA MET A 41 -0.48 4.09 12.03
C MET A 41 -1.91 4.37 11.56
N LYS A 42 -2.84 4.35 12.49
CA LYS A 42 -4.25 4.61 12.18
C LYS A 42 -4.50 6.10 11.99
N PRO A 43 -5.32 6.44 10.98
CA PRO A 43 -5.66 7.84 10.67
C PRO A 43 -6.55 8.45 11.75
N PRO A 44 -6.73 9.79 11.67
CA PRO A 44 -7.55 10.53 12.63
C PRO A 44 -9.04 10.24 12.46
N THR A 45 -9.36 9.29 11.57
CA THR A 45 -10.74 8.93 11.32
C THR A 45 -11.41 8.42 12.59
N LYS A 46 -11.90 9.35 13.40
CA LYS A 46 -12.57 9.00 14.66
C LYS A 46 -14.04 9.41 14.61
N GLN A 47 -14.92 8.43 14.41
CA GLN A 47 -16.35 8.69 14.34
C GLN A 47 -16.65 9.88 13.44
N GLN A 48 -15.81 10.08 12.43
CA GLN A 48 -15.99 11.18 11.50
C GLN A 48 -16.33 10.66 10.10
N ASP A 49 -15.57 9.68 9.64
CA ASP A 49 -15.78 9.09 8.33
C ASP A 49 -16.55 7.77 8.44
N GLY A 50 -16.16 6.95 9.41
CA GLY A 50 -16.82 5.67 9.61
C GLY A 50 -15.98 4.71 10.44
N GLU A 51 -15.73 3.53 9.89
CA GLU A 51 -14.95 2.52 10.59
C GLU A 51 -13.93 1.88 9.66
N LEU A 52 -12.72 1.64 10.17
CA LEU A 52 -11.66 1.04 9.38
C LEU A 52 -11.68 -0.48 9.52
N VAL A 53 -11.66 -1.18 8.38
CA VAL A 53 -11.66 -2.64 8.38
C VAL A 53 -10.33 -3.20 7.92
N GLY A 54 -9.52 -2.33 7.31
CA GLY A 54 -8.21 -2.76 6.83
C GLY A 54 -7.49 -1.66 6.07
N TYR A 55 -6.40 -2.03 5.39
CA TYR A 55 -5.61 -1.06 4.63
C TYR A 55 -5.36 -1.57 3.22
N ARG A 56 -4.75 -0.72 2.40
CA ARG A 56 -4.45 -1.08 1.01
C ARG A 56 -2.99 -0.79 0.68
N ILE A 57 -2.17 -1.84 0.63
CA ILE A 57 -0.76 -1.70 0.32
C ILE A 57 -0.47 -2.04 -1.14
N SER A 58 0.19 -1.11 -1.83
CA SER A 58 0.53 -1.32 -3.23
C SER A 58 2.03 -1.26 -3.46
N HIS A 59 2.65 -2.44 -3.60
CA HIS A 59 4.08 -2.52 -3.81
C HIS A 59 4.40 -2.98 -5.24
N VAL A 60 4.94 -2.06 -6.04
CA VAL A 60 5.28 -2.36 -7.43
C VAL A 60 6.79 -2.39 -7.61
N TRP A 61 7.25 -3.15 -8.61
CA TRP A 61 8.67 -3.27 -8.90
C TRP A 61 8.96 -2.87 -10.33
N GLN A 62 9.94 -1.98 -10.52
CA GLN A 62 10.32 -1.51 -11.84
C GLN A 62 11.81 -1.66 -12.07
N SER A 63 12.19 -2.65 -12.87
CA SER A 63 13.59 -2.91 -13.16
C SER A 63 13.87 -2.76 -14.65
N ALA A 64 15.09 -2.35 -14.99
CA ALA A 64 15.49 -2.17 -16.38
C ALA A 64 15.28 -3.47 -17.18
N GLY A 65 14.21 -3.49 -17.96
CA GLY A 65 13.92 -4.67 -18.76
C GLY A 65 12.77 -5.48 -18.20
N ILE A 66 12.57 -5.40 -16.89
CA ILE A 66 11.49 -6.13 -16.23
C ILE A 66 10.67 -5.21 -15.33
N SER A 67 9.37 -5.16 -15.56
CA SER A 67 8.47 -4.33 -14.77
C SER A 67 7.29 -5.13 -14.26
N LYS A 68 7.33 -5.46 -12.96
CA LYS A 68 6.25 -6.24 -12.34
C LYS A 68 5.47 -5.37 -11.36
N GLU A 69 4.22 -5.76 -11.12
CA GLU A 69 3.36 -5.02 -10.21
C GLU A 69 2.64 -5.96 -9.24
N LEU A 70 2.99 -5.88 -7.96
CA LEU A 70 2.40 -6.73 -6.95
C LEU A 70 1.43 -5.93 -6.08
N LEU A 71 0.46 -6.62 -5.49
CA LEU A 71 -0.53 -5.98 -4.64
C LEU A 71 -0.82 -6.83 -3.40
N GLU A 72 -0.60 -6.25 -2.22
CA GLU A 72 -0.83 -6.95 -0.97
C GLU A 72 -2.19 -6.57 -0.38
N GLU A 73 -2.69 -7.44 0.50
CA GLU A 73 -3.99 -7.18 1.14
C GLU A 73 -3.91 -7.44 2.64
N VAL A 74 -4.32 -6.46 3.43
CA VAL A 74 -4.29 -6.57 4.88
C VAL A 74 -5.60 -6.07 5.50
N GLY A 75 -5.92 -6.56 6.68
CA GLY A 75 -7.13 -6.15 7.35
C GLY A 75 -6.87 -5.16 8.46
N GLN A 76 -7.85 -4.98 9.36
CA GLN A 76 -7.72 -4.06 10.47
C GLN A 76 -6.90 -4.67 11.60
N ASN A 77 -6.91 -6.00 11.67
CA ASN A 77 -6.17 -6.71 12.71
C ASN A 77 -4.82 -7.19 12.18
N GLY A 78 -4.08 -6.27 11.56
CA GLY A 78 -2.78 -6.63 11.03
C GLY A 78 -1.70 -5.64 11.43
N SER A 79 -1.98 -4.35 11.25
CA SER A 79 -1.04 -3.30 11.60
C SER A 79 0.39 -3.74 11.28
N ARG A 80 0.54 -4.58 10.27
CA ARG A 80 1.85 -5.08 9.87
C ARG A 80 1.76 -5.90 8.59
N ALA A 81 2.69 -5.65 7.67
CA ALA A 81 2.71 -6.37 6.39
C ALA A 81 4.14 -6.65 5.95
N ARG A 82 4.36 -7.86 5.44
CA ARG A 82 5.69 -8.25 4.98
C ARG A 82 5.64 -8.73 3.52
N ILE A 83 6.62 -8.30 2.74
CA ILE A 83 6.68 -8.68 1.33
C ILE A 83 7.98 -9.42 1.03
N SER A 84 7.88 -10.45 0.19
CA SER A 84 9.05 -11.25 -0.19
C SER A 84 9.70 -10.70 -1.45
N VAL A 85 10.89 -10.12 -1.29
CA VAL A 85 11.62 -9.56 -2.42
C VAL A 85 11.41 -10.38 -3.68
N GLN A 86 10.59 -9.85 -4.59
CA GLN A 86 10.31 -10.54 -5.84
C GLN A 86 11.39 -10.25 -6.88
N VAL A 87 11.96 -9.06 -6.83
CA VAL A 87 13.01 -8.67 -7.77
C VAL A 87 14.15 -7.97 -7.05
N HIS A 88 15.38 -8.21 -7.51
CA HIS A 88 16.56 -7.61 -6.91
C HIS A 88 17.17 -6.56 -7.83
N ASN A 89 17.83 -5.56 -7.25
CA ASN A 89 18.46 -4.50 -8.02
C ASN A 89 17.41 -3.72 -8.83
N ALA A 90 16.28 -3.44 -8.20
CA ALA A 90 15.20 -2.71 -8.86
C ALA A 90 14.64 -1.62 -7.94
N THR A 91 13.75 -0.80 -8.48
CA THR A 91 13.14 0.28 -7.72
C THR A 91 11.69 -0.05 -7.37
N CYS A 92 11.41 -0.21 -6.09
CA CYS A 92 10.06 -0.52 -5.63
C CYS A 92 9.43 0.69 -4.95
N THR A 93 8.13 0.87 -5.16
CA THR A 93 7.40 1.99 -4.57
C THR A 93 6.31 1.49 -3.62
N VAL A 94 6.46 1.81 -2.34
CA VAL A 94 5.49 1.40 -1.34
C VAL A 94 4.42 2.47 -1.14
N ARG A 95 3.18 2.04 -0.96
CA ARG A 95 2.06 2.95 -0.75
C ARG A 95 0.92 2.27 0.00
N ILE A 96 0.53 2.85 1.13
CA ILE A 96 -0.55 2.30 1.93
C ILE A 96 -1.75 3.25 1.97
N ALA A 97 -2.94 2.67 2.14
CA ALA A 97 -4.15 3.46 2.19
C ALA A 97 -5.14 2.88 3.21
N ALA A 98 -6.09 3.71 3.64
CA ALA A 98 -7.09 3.29 4.61
C ALA A 98 -8.32 2.70 3.91
N VAL A 99 -8.72 1.52 4.34
CA VAL A 99 -9.88 0.84 3.76
C VAL A 99 -11.04 0.79 4.75
N THR A 100 -12.22 1.19 4.31
CA THR A 100 -13.40 1.19 5.15
C THR A 100 -14.55 0.45 4.49
N ARG A 101 -15.72 0.45 5.15
CA ARG A 101 -16.89 -0.22 4.62
C ARG A 101 -17.60 0.65 3.59
N GLY A 102 -16.91 1.69 3.11
CA GLY A 102 -17.49 2.58 2.14
C GLY A 102 -16.72 2.59 0.83
N GLY A 103 -15.40 2.74 0.92
CA GLY A 103 -14.58 2.77 -0.27
C GLY A 103 -13.10 2.94 0.04
N VAL A 104 -12.25 2.67 -0.95
CA VAL A 104 -10.81 2.80 -0.77
C VAL A 104 -10.37 4.25 -0.84
N GLY A 105 -9.60 4.69 0.14
CA GLY A 105 -9.12 6.06 0.18
C GLY A 105 -7.80 6.23 -0.55
N PRO A 106 -7.32 7.48 -0.61
CA PRO A 106 -6.06 7.81 -1.28
C PRO A 106 -4.84 7.27 -0.54
N PHE A 107 -3.87 6.77 -1.29
CA PHE A 107 -2.65 6.21 -0.70
C PHE A 107 -1.72 7.32 -0.22
N SER A 108 -0.83 6.99 0.68
CA SER A 108 0.12 7.96 1.23
C SER A 108 1.21 8.28 0.22
N ASP A 109 2.18 9.08 0.64
CA ASP A 109 3.28 9.47 -0.23
C ASP A 109 4.06 8.25 -0.71
N PRO A 110 4.46 8.24 -1.99
CA PRO A 110 5.21 7.15 -2.58
C PRO A 110 6.63 7.05 -2.06
N VAL A 111 7.03 5.86 -1.63
CA VAL A 111 8.36 5.63 -1.10
C VAL A 111 9.21 4.79 -2.05
N LYS A 112 10.24 5.40 -2.62
CA LYS A 112 11.12 4.71 -3.54
C LYS A 112 12.33 4.14 -2.82
N ILE A 113 12.35 2.82 -2.67
CA ILE A 113 13.47 2.15 -2.00
C ILE A 113 14.28 1.31 -2.98
N PHE A 114 15.58 1.53 -2.99
CA PHE A 114 16.48 0.80 -3.88
C PHE A 114 16.77 -0.59 -3.32
N ILE A 115 16.36 -1.62 -4.07
CA ILE A 115 16.58 -3.00 -3.66
C ILE A 115 17.99 -3.46 -4.00
N PRO A 116 18.80 -3.69 -2.96
CA PRO A 116 20.19 -4.14 -3.12
C PRO A 116 20.27 -5.58 -3.63
N ALA A 117 20.97 -5.76 -4.76
CA ALA A 117 21.13 -7.09 -5.35
C ALA A 117 21.40 -8.14 -4.27
N HIS A 118 21.25 -9.40 -4.64
CA HIS A 118 21.49 -10.50 -3.71
C HIS A 118 22.98 -10.79 -3.57
N SER A 119 23.51 -10.58 -2.36
CA SER A 119 24.92 -10.82 -2.10
C SER A 119 25.19 -10.83 -0.60
N GLY A 120 26.11 -11.70 -0.18
CA GLY A 120 26.46 -11.79 1.22
C GLY A 120 27.94 -12.05 1.44
N PRO A 121 28.37 -13.30 1.19
CA PRO A 121 29.77 -13.70 1.36
C PRO A 121 30.68 -13.07 0.32
N SER A 122 31.99 -13.23 0.50
CA SER A 122 32.96 -12.68 -0.42
C SER A 122 33.96 -13.74 -0.87
N SER A 123 34.44 -13.62 -2.11
CA SER A 123 35.39 -14.58 -2.65
C SER A 123 36.78 -13.97 -2.72
N GLY A 124 36.87 -12.76 -3.27
CA GLY A 124 38.14 -12.09 -3.38
C GLY A 124 38.01 -10.57 -3.35
N GLY A 1 -47.96 -13.77 -22.20
CA GLY A 1 -47.93 -12.62 -21.33
C GLY A 1 -47.32 -12.93 -19.97
N SER A 2 -46.77 -11.91 -19.32
CA SER A 2 -46.16 -12.08 -18.01
C SER A 2 -46.05 -10.75 -17.28
N SER A 3 -46.77 -10.62 -16.17
CA SER A 3 -46.75 -9.39 -15.38
C SER A 3 -46.52 -9.69 -13.90
N GLY A 4 -45.99 -8.72 -13.18
CA GLY A 4 -45.73 -8.89 -11.77
C GLY A 4 -45.57 -7.58 -11.03
N SER A 5 -44.54 -7.50 -10.18
CA SER A 5 -44.27 -6.29 -9.41
C SER A 5 -42.84 -5.81 -9.63
N SER A 6 -42.52 -4.65 -9.07
CA SER A 6 -41.18 -4.09 -9.20
C SER A 6 -40.84 -3.22 -7.99
N GLY A 7 -39.55 -3.05 -7.75
CA GLY A 7 -39.10 -2.25 -6.61
C GLY A 7 -38.20 -1.10 -7.04
N TRP A 8 -38.09 -0.09 -6.19
CA TRP A 8 -37.27 1.08 -6.47
C TRP A 8 -35.90 0.95 -5.81
N ILE A 9 -34.86 1.41 -6.50
CA ILE A 9 -33.51 1.35 -5.97
C ILE A 9 -33.18 2.58 -5.14
N LEU A 10 -33.09 2.39 -3.83
CA LEU A 10 -32.78 3.49 -2.92
C LEU A 10 -31.39 3.32 -2.30
N ALA A 11 -30.47 4.19 -2.69
CA ALA A 11 -29.10 4.14 -2.18
C ALA A 11 -29.03 4.72 -0.78
N SER A 12 -28.39 3.99 0.14
CA SER A 12 -28.25 4.43 1.52
C SER A 12 -27.55 5.79 1.58
N THR A 13 -26.51 5.95 0.78
CA THR A 13 -25.75 7.19 0.74
C THR A 13 -25.49 7.71 2.14
N THR A 14 -25.14 6.81 3.06
CA THR A 14 -24.87 7.19 4.44
C THR A 14 -23.38 7.06 4.77
N GLU A 15 -22.69 6.20 4.01
CA GLU A 15 -21.26 5.99 4.22
C GLU A 15 -20.47 6.47 3.01
N GLY A 16 -19.68 7.53 3.21
CA GLY A 16 -18.88 8.06 2.13
C GLY A 16 -17.62 7.26 1.88
N ALA A 17 -16.47 7.87 2.09
CA ALA A 17 -15.19 7.20 1.89
C ALA A 17 -14.09 7.83 2.74
N PRO A 18 -13.10 7.03 3.13
CA PRO A 18 -11.97 7.49 3.94
C PRO A 18 -11.04 8.42 3.17
N SER A 19 -11.33 9.72 3.23
CA SER A 19 -10.51 10.70 2.53
C SER A 19 -9.23 11.00 3.30
N VAL A 20 -8.59 9.95 3.80
CA VAL A 20 -7.36 10.10 4.56
C VAL A 20 -6.48 8.86 4.43
N ALA A 21 -5.18 9.04 4.66
CA ALA A 21 -4.23 7.94 4.57
C ALA A 21 -3.56 7.68 5.91
N PRO A 22 -2.86 6.54 6.01
CA PRO A 22 -2.15 6.14 7.23
C PRO A 22 -0.95 7.03 7.52
N LEU A 23 -0.81 7.46 8.77
CA LEU A 23 0.30 8.32 9.17
C LEU A 23 1.46 7.47 9.71
N ASN A 24 2.59 8.13 9.97
CA ASN A 24 3.77 7.45 10.48
C ASN A 24 4.12 6.24 9.62
N VAL A 25 4.03 6.41 8.31
CA VAL A 25 4.35 5.34 7.37
C VAL A 25 5.85 5.14 7.25
N THR A 26 6.31 3.97 7.69
CA THR A 26 7.74 3.65 7.64
C THR A 26 8.01 2.53 6.63
N VAL A 27 9.25 2.46 6.15
CA VAL A 27 9.64 1.43 5.19
C VAL A 27 11.03 0.88 5.50
N PHE A 28 11.07 -0.37 5.94
CA PHE A 28 12.34 -1.01 6.27
C PHE A 28 12.53 -2.28 5.45
N LEU A 29 13.78 -2.55 5.07
CA LEU A 29 14.11 -3.73 4.29
C LEU A 29 15.00 -4.69 5.08
N ASN A 30 14.55 -5.94 5.19
CA ASN A 30 15.30 -6.95 5.93
C ASN A 30 15.99 -7.91 4.97
N GLU A 31 17.32 -7.86 4.93
CA GLU A 31 18.10 -8.73 4.06
C GLU A 31 18.29 -10.10 4.69
N SER A 32 18.27 -10.15 6.02
CA SER A 32 18.45 -11.39 6.74
C SER A 32 17.30 -12.36 6.47
N SER A 33 16.08 -11.81 6.38
CA SER A 33 14.90 -12.61 6.13
C SER A 33 14.41 -12.41 4.70
N ASP A 34 15.25 -11.80 3.87
CA ASP A 34 14.90 -11.56 2.48
C ASP A 34 13.45 -11.10 2.35
N ASN A 35 13.09 -10.07 3.11
CA ASN A 35 11.72 -9.54 3.08
C ASN A 35 11.71 -8.07 3.47
N VAL A 36 10.68 -7.36 3.04
CA VAL A 36 10.54 -5.94 3.34
C VAL A 36 9.54 -5.71 4.45
N ASP A 37 9.98 -5.03 5.51
CA ASP A 37 9.13 -4.74 6.65
C ASP A 37 8.36 -3.44 6.44
N ILE A 38 7.15 -3.36 7.00
CA ILE A 38 6.33 -2.17 6.87
C ILE A 38 5.55 -1.90 8.15
N ARG A 39 5.54 -0.64 8.58
CA ARG A 39 4.84 -0.25 9.79
C ARG A 39 4.18 1.11 9.62
N TRP A 40 2.87 1.17 9.87
CA TRP A 40 2.12 2.41 9.76
C TRP A 40 1.30 2.68 11.01
N MET A 41 0.56 3.78 11.00
CA MET A 41 -0.28 4.15 12.14
C MET A 41 -1.74 4.26 11.72
N LYS A 42 -2.63 4.22 12.71
CA LYS A 42 -4.06 4.31 12.44
C LYS A 42 -4.50 5.77 12.27
N PRO A 43 -5.23 6.05 11.19
CA PRO A 43 -5.71 7.40 10.89
C PRO A 43 -6.79 7.85 11.86
N PRO A 44 -7.07 9.17 11.88
CA PRO A 44 -8.08 9.76 12.76
C PRO A 44 -9.50 9.38 12.35
N THR A 45 -9.60 8.53 11.33
CA THR A 45 -10.89 8.09 10.84
C THR A 45 -11.67 7.34 11.93
N LYS A 46 -12.49 8.08 12.67
CA LYS A 46 -13.29 7.50 13.74
C LYS A 46 -14.77 7.71 13.49
N GLN A 47 -15.17 8.98 13.33
CA GLN A 47 -16.56 9.32 13.09
C GLN A 47 -16.73 9.97 11.71
N GLN A 48 -15.64 10.04 10.96
CA GLN A 48 -15.66 10.63 9.63
C GLN A 48 -16.37 9.72 8.64
N ASP A 49 -15.98 8.45 8.64
CA ASP A 49 -16.58 7.47 7.73
C ASP A 49 -17.20 6.32 8.52
N GLY A 50 -16.48 5.83 9.52
CA GLY A 50 -16.98 4.73 10.33
C GLY A 50 -15.87 4.01 11.08
N GLU A 51 -15.61 2.76 10.70
CA GLU A 51 -14.57 1.97 11.35
C GLU A 51 -13.61 1.38 10.32
N LEU A 52 -12.33 1.37 10.65
CA LEU A 52 -11.31 0.84 9.76
C LEU A 52 -11.47 -0.67 9.58
N VAL A 53 -11.53 -1.11 8.32
CA VAL A 53 -11.68 -2.52 8.02
C VAL A 53 -10.35 -3.15 7.64
N GLY A 54 -9.51 -2.38 6.94
CA GLY A 54 -8.20 -2.88 6.54
C GLY A 54 -7.40 -1.84 5.80
N TYR A 55 -6.24 -2.25 5.29
CA TYR A 55 -5.36 -1.35 4.55
C TYR A 55 -5.00 -1.93 3.19
N ARG A 56 -4.72 -1.05 2.24
CA ARG A 56 -4.36 -1.48 0.89
C ARG A 56 -2.92 -1.08 0.56
N ILE A 57 -2.03 -2.07 0.51
CA ILE A 57 -0.63 -1.82 0.21
C ILE A 57 -0.31 -2.17 -1.24
N SER A 58 0.17 -1.17 -1.99
CA SER A 58 0.52 -1.38 -3.39
C SER A 58 2.03 -1.36 -3.59
N HIS A 59 2.62 -2.54 -3.74
CA HIS A 59 4.06 -2.66 -3.94
C HIS A 59 4.38 -3.07 -5.36
N VAL A 60 4.99 -2.17 -6.12
CA VAL A 60 5.36 -2.44 -7.51
C VAL A 60 6.87 -2.55 -7.66
N TRP A 61 7.30 -3.43 -8.55
CA TRP A 61 8.73 -3.63 -8.80
C TRP A 61 9.10 -3.22 -10.23
N GLN A 62 9.94 -2.20 -10.35
CA GLN A 62 10.37 -1.71 -11.65
C GLN A 62 11.88 -1.91 -11.84
N SER A 63 12.24 -2.75 -12.80
CA SER A 63 13.65 -3.03 -13.08
C SER A 63 13.96 -2.79 -14.55
N ALA A 64 15.24 -2.58 -14.85
CA ALA A 64 15.68 -2.34 -16.21
C ALA A 64 15.38 -3.53 -17.11
N GLY A 65 14.34 -3.41 -17.93
CA GLY A 65 13.96 -4.50 -18.81
C GLY A 65 12.86 -5.36 -18.24
N ILE A 66 12.69 -5.31 -16.92
CA ILE A 66 11.67 -6.10 -16.25
C ILE A 66 10.82 -5.23 -15.33
N SER A 67 9.53 -5.11 -15.64
CA SER A 67 8.62 -4.31 -14.84
C SER A 67 7.37 -5.10 -14.48
N LYS A 68 7.20 -5.38 -13.19
CA LYS A 68 6.06 -6.14 -12.71
C LYS A 68 5.26 -5.32 -11.70
N GLU A 69 4.00 -5.70 -11.51
CA GLU A 69 3.13 -5.00 -10.56
C GLU A 69 2.42 -5.99 -9.64
N LEU A 70 2.63 -5.82 -8.34
CA LEU A 70 2.02 -6.71 -7.34
C LEU A 70 1.12 -5.92 -6.39
N LEU A 71 0.20 -6.61 -5.75
CA LEU A 71 -0.72 -5.97 -4.80
C LEU A 71 -0.90 -6.84 -3.56
N GLU A 72 -0.71 -6.23 -2.39
CA GLU A 72 -0.87 -6.94 -1.13
C GLU A 72 -2.16 -6.54 -0.42
N GLU A 73 -2.74 -7.47 0.32
CA GLU A 73 -3.98 -7.22 1.04
C GLU A 73 -3.83 -7.52 2.52
N VAL A 74 -4.25 -6.59 3.36
CA VAL A 74 -4.16 -6.77 4.81
C VAL A 74 -5.41 -6.25 5.51
N GLY A 75 -5.75 -6.86 6.63
CA GLY A 75 -6.92 -6.45 7.38
C GLY A 75 -6.63 -5.34 8.37
N GLN A 76 -7.61 -5.00 9.19
CA GLN A 76 -7.45 -3.94 10.18
C GLN A 76 -6.62 -4.42 11.37
N ASN A 77 -6.39 -5.73 11.43
CA ASN A 77 -5.62 -6.32 12.52
C ASN A 77 -4.12 -6.30 12.19
N GLY A 78 -3.78 -6.81 11.01
CA GLY A 78 -2.39 -6.84 10.60
C GLY A 78 -1.76 -5.45 10.55
N SER A 79 -1.21 -5.02 11.67
CA SER A 79 -0.58 -3.70 11.76
C SER A 79 0.76 -3.69 11.03
N ARG A 80 1.34 -4.87 10.87
CA ARG A 80 2.63 -5.00 10.19
C ARG A 80 2.50 -5.85 8.93
N ALA A 81 3.06 -5.35 7.83
CA ALA A 81 3.01 -6.06 6.56
C ALA A 81 4.40 -6.47 6.10
N ARG A 82 4.49 -7.61 5.44
CA ARG A 82 5.77 -8.11 4.95
C ARG A 82 5.66 -8.57 3.50
N ILE A 83 6.75 -8.42 2.74
CA ILE A 83 6.77 -8.82 1.35
C ILE A 83 8.03 -9.59 1.01
N SER A 84 7.89 -10.62 0.19
CA SER A 84 9.02 -11.45 -0.21
C SER A 84 9.68 -10.89 -1.46
N VAL A 85 10.83 -10.23 -1.28
CA VAL A 85 11.55 -9.65 -2.39
C VAL A 85 11.45 -10.52 -3.64
N GLN A 86 10.61 -10.10 -4.58
CA GLN A 86 10.41 -10.84 -5.81
C GLN A 86 11.52 -10.53 -6.82
N VAL A 87 11.95 -9.27 -6.84
CA VAL A 87 13.00 -8.84 -7.76
C VAL A 87 14.11 -8.10 -7.01
N HIS A 88 15.35 -8.29 -7.46
CA HIS A 88 16.50 -7.65 -6.84
C HIS A 88 17.11 -6.62 -7.78
N ASN A 89 17.75 -5.61 -7.20
CA ASN A 89 18.38 -4.55 -7.98
C ASN A 89 17.35 -3.78 -8.79
N ALA A 90 16.22 -3.49 -8.17
CA ALA A 90 15.15 -2.75 -8.83
C ALA A 90 14.55 -1.71 -7.90
N THR A 91 13.78 -0.78 -8.48
CA THR A 91 13.15 0.27 -7.70
C THR A 91 11.70 -0.07 -7.38
N CYS A 92 11.38 -0.09 -6.09
CA CYS A 92 10.03 -0.41 -5.65
C CYS A 92 9.40 0.77 -4.92
N THR A 93 8.10 0.98 -5.15
CA THR A 93 7.37 2.08 -4.52
C THR A 93 6.28 1.56 -3.61
N VAL A 94 6.40 1.86 -2.31
CA VAL A 94 5.41 1.43 -1.33
C VAL A 94 4.34 2.50 -1.13
N ARG A 95 3.10 2.06 -0.92
CA ARG A 95 1.99 2.99 -0.70
C ARG A 95 0.86 2.30 0.04
N ILE A 96 0.48 2.87 1.18
CA ILE A 96 -0.59 2.31 2.00
C ILE A 96 -1.77 3.27 2.08
N ALA A 97 -2.98 2.72 1.98
CA ALA A 97 -4.19 3.53 2.06
C ALA A 97 -5.20 2.93 3.03
N ALA A 98 -5.94 3.79 3.72
CA ALA A 98 -6.95 3.35 4.68
C ALA A 98 -8.29 3.13 4.01
N VAL A 99 -8.86 1.94 4.19
CA VAL A 99 -10.14 1.61 3.59
C VAL A 99 -11.20 1.35 4.67
N THR A 100 -12.45 1.65 4.35
CA THR A 100 -13.54 1.44 5.29
C THR A 100 -14.64 0.57 4.68
N ARG A 101 -15.74 0.42 5.42
CA ARG A 101 -16.86 -0.39 4.95
C ARG A 101 -17.65 0.36 3.89
N GLY A 102 -17.17 1.54 3.51
CA GLY A 102 -17.86 2.34 2.49
C GLY A 102 -17.08 2.42 1.20
N GLY A 103 -15.80 2.77 1.31
CA GLY A 103 -14.96 2.88 0.12
C GLY A 103 -13.48 2.89 0.46
N VAL A 104 -12.64 2.91 -0.57
CA VAL A 104 -11.20 2.93 -0.39
C VAL A 104 -10.65 4.36 -0.42
N GLY A 105 -9.83 4.69 0.57
CA GLY A 105 -9.26 6.02 0.63
C GLY A 105 -8.00 6.14 -0.20
N PRO A 106 -7.50 7.39 -0.36
CA PRO A 106 -6.29 7.66 -1.13
C PRO A 106 -5.02 7.14 -0.44
N PHE A 107 -4.04 6.76 -1.23
CA PHE A 107 -2.79 6.24 -0.71
C PHE A 107 -1.88 7.38 -0.25
N SER A 108 -0.98 7.07 0.69
CA SER A 108 -0.06 8.06 1.22
C SER A 108 1.03 8.39 0.21
N ASP A 109 1.98 9.23 0.62
CA ASP A 109 3.07 9.63 -0.25
C ASP A 109 3.89 8.42 -0.68
N PRO A 110 4.30 8.39 -1.96
CA PRO A 110 5.08 7.30 -2.52
C PRO A 110 6.50 7.26 -1.97
N VAL A 111 7.02 6.05 -1.75
CA VAL A 111 8.37 5.89 -1.24
C VAL A 111 9.19 4.95 -2.12
N LYS A 112 10.21 5.50 -2.76
CA LYS A 112 11.08 4.71 -3.63
C LYS A 112 12.23 4.09 -2.85
N ILE A 113 12.21 2.78 -2.69
CA ILE A 113 13.24 2.07 -1.96
C ILE A 113 14.12 1.26 -2.91
N PHE A 114 15.42 1.50 -2.88
CA PHE A 114 16.36 0.80 -3.73
C PHE A 114 16.63 -0.61 -3.19
N ILE A 115 16.31 -1.61 -4.01
CA ILE A 115 16.51 -3.00 -3.63
C ILE A 115 17.92 -3.47 -3.98
N PRO A 116 18.75 -3.68 -2.95
CA PRO A 116 20.13 -4.14 -3.12
C PRO A 116 20.21 -5.58 -3.60
N ALA A 117 20.94 -5.80 -4.69
CA ALA A 117 21.09 -7.13 -5.25
C ALA A 117 21.35 -8.16 -4.16
N HIS A 118 21.16 -9.43 -4.49
CA HIS A 118 21.39 -10.52 -3.54
C HIS A 118 22.82 -10.53 -3.05
N SER A 119 23.00 -10.34 -1.75
CA SER A 119 24.34 -10.33 -1.15
C SER A 119 25.16 -11.53 -1.62
N GLY A 120 26.46 -11.48 -1.37
CA GLY A 120 27.33 -12.57 -1.78
C GLY A 120 27.69 -12.51 -3.25
N PRO A 121 28.81 -11.83 -3.56
CA PRO A 121 29.28 -11.68 -4.95
C PRO A 121 29.80 -12.99 -5.52
N SER A 122 29.58 -13.20 -6.81
CA SER A 122 30.03 -14.42 -7.48
C SER A 122 31.28 -14.14 -8.32
N SER A 123 32.41 -14.66 -7.85
CA SER A 123 33.68 -14.48 -8.56
C SER A 123 34.23 -15.82 -9.04
N GLY A 124 35.27 -15.75 -9.88
CA GLY A 124 35.87 -16.96 -10.40
C GLY A 124 36.89 -16.67 -11.48
N GLY A 1 -46.85 29.90 -12.08
CA GLY A 1 -45.52 29.84 -11.49
C GLY A 1 -44.43 30.13 -12.50
N SER A 2 -43.20 29.77 -12.16
CA SER A 2 -42.06 30.00 -13.04
C SER A 2 -41.10 28.82 -13.01
N SER A 3 -40.22 28.77 -14.00
CA SER A 3 -39.25 27.68 -14.10
C SER A 3 -37.90 28.20 -14.62
N GLY A 4 -36.84 27.43 -14.37
CA GLY A 4 -35.52 27.82 -14.81
C GLY A 4 -34.46 26.79 -14.47
N SER A 5 -34.38 25.74 -15.28
CA SER A 5 -33.40 24.68 -15.06
C SER A 5 -31.99 25.24 -15.01
N SER A 6 -31.04 24.40 -14.59
CA SER A 6 -29.65 24.82 -14.49
C SER A 6 -28.78 24.03 -15.47
N GLY A 7 -28.73 22.72 -15.29
CA GLY A 7 -27.94 21.88 -16.17
C GLY A 7 -27.79 20.46 -15.63
N TRP A 8 -26.77 19.76 -16.12
CA TRP A 8 -26.52 18.39 -15.68
C TRP A 8 -25.08 18.22 -15.22
N ILE A 9 -24.81 18.60 -13.97
CA ILE A 9 -23.47 18.49 -13.40
C ILE A 9 -23.32 17.20 -12.60
N LEU A 10 -22.25 16.47 -12.87
CA LEU A 10 -21.99 15.21 -12.17
C LEU A 10 -20.57 15.18 -11.61
N ALA A 11 -20.46 15.24 -10.29
CA ALA A 11 -19.16 15.22 -9.62
C ALA A 11 -19.27 14.67 -8.21
N SER A 12 -18.21 14.02 -7.74
CA SER A 12 -18.20 13.44 -6.41
C SER A 12 -17.19 14.18 -5.51
N THR A 13 -17.63 15.31 -4.96
CA THR A 13 -16.77 16.10 -4.09
C THR A 13 -16.66 15.47 -2.70
N THR A 14 -17.79 14.97 -2.19
CA THR A 14 -17.81 14.34 -0.87
C THR A 14 -18.64 13.06 -0.90
N GLU A 15 -18.13 12.02 -0.25
CA GLU A 15 -18.84 10.74 -0.19
C GLU A 15 -18.40 9.93 1.02
N GLY A 16 -19.04 8.79 1.23
CA GLY A 16 -18.72 7.94 2.36
C GLY A 16 -17.46 7.11 2.11
N ALA A 17 -16.31 7.78 2.13
CA ALA A 17 -15.04 7.10 1.90
C ALA A 17 -13.91 7.79 2.65
N PRO A 18 -12.84 7.03 2.97
CA PRO A 18 -11.68 7.55 3.69
C PRO A 18 -10.86 8.50 2.84
N SER A 19 -11.20 9.79 2.92
CA SER A 19 -10.50 10.81 2.15
C SER A 19 -9.17 11.18 2.83
N VAL A 20 -8.45 10.16 3.28
CA VAL A 20 -7.17 10.39 3.95
C VAL A 20 -6.28 9.15 3.83
N ALA A 21 -5.05 9.27 4.31
CA ALA A 21 -4.10 8.16 4.27
C ALA A 21 -3.46 7.94 5.64
N PRO A 22 -2.83 6.76 5.81
CA PRO A 22 -2.18 6.38 7.06
C PRO A 22 -0.92 7.20 7.32
N LEU A 23 -0.57 7.35 8.60
CA LEU A 23 0.60 8.11 8.99
C LEU A 23 1.75 7.18 9.39
N ASN A 24 2.85 7.77 9.85
CA ASN A 24 4.01 6.99 10.27
C ASN A 24 4.32 5.89 9.25
N VAL A 25 4.10 6.19 7.98
CA VAL A 25 4.35 5.24 6.91
C VAL A 25 5.85 5.06 6.68
N THR A 26 6.37 3.90 7.06
CA THR A 26 7.78 3.61 6.90
C THR A 26 8.00 2.25 6.23
N VAL A 27 9.22 1.99 5.78
CA VAL A 27 9.55 0.73 5.13
C VAL A 27 10.91 0.21 5.58
N PHE A 28 10.91 -0.90 6.30
CA PHE A 28 12.14 -1.49 6.78
C PHE A 28 12.59 -2.65 5.89
N LEU A 29 13.81 -2.56 5.39
CA LEU A 29 14.36 -3.60 4.51
C LEU A 29 15.26 -4.55 5.29
N ASN A 30 14.82 -5.80 5.42
CA ASN A 30 15.58 -6.81 6.16
C ASN A 30 16.72 -7.34 5.29
N GLU A 31 17.94 -7.27 5.82
CA GLU A 31 19.12 -7.75 5.10
C GLU A 31 19.28 -9.26 5.26
N SER A 32 19.12 -9.73 6.50
CA SER A 32 19.26 -11.15 6.80
C SER A 32 18.20 -11.96 6.07
N SER A 33 16.99 -11.40 5.97
CA SER A 33 15.89 -12.08 5.29
C SER A 33 15.47 -11.31 4.05
N ASP A 34 15.12 -12.04 3.00
CA ASP A 34 14.70 -11.43 1.75
C ASP A 34 13.25 -10.97 1.83
N ASN A 35 12.97 -10.09 2.79
CA ASN A 35 11.62 -9.57 2.99
C ASN A 35 11.67 -8.09 3.35
N VAL A 36 10.54 -7.40 3.14
CA VAL A 36 10.44 -5.98 3.44
C VAL A 36 9.31 -5.70 4.41
N ASP A 37 9.66 -5.19 5.59
CA ASP A 37 8.67 -4.88 6.62
C ASP A 37 8.05 -3.51 6.37
N ILE A 38 6.79 -3.36 6.75
CA ILE A 38 6.09 -2.10 6.57
C ILE A 38 5.18 -1.80 7.76
N ARG A 39 5.34 -0.62 8.34
CA ARG A 39 4.53 -0.21 9.48
C ARG A 39 3.92 1.17 9.26
N TRP A 40 2.71 1.37 9.78
CA TRP A 40 2.02 2.63 9.63
C TRP A 40 1.18 2.95 10.86
N MET A 41 0.46 4.07 10.83
CA MET A 41 -0.39 4.47 11.95
C MET A 41 -1.83 4.64 11.50
N LYS A 42 -2.75 4.61 12.47
CA LYS A 42 -4.17 4.76 12.18
C LYS A 42 -4.52 6.23 11.98
N PRO A 43 -5.27 6.51 10.90
CA PRO A 43 -5.70 7.88 10.57
C PRO A 43 -6.73 8.42 11.56
N PRO A 44 -6.94 9.75 11.53
CA PRO A 44 -7.90 10.41 12.41
C PRO A 44 -9.34 10.08 12.06
N THR A 45 -9.51 9.18 11.09
CA THR A 45 -10.85 8.78 10.67
C THR A 45 -11.55 7.94 11.73
N LYS A 46 -12.07 8.60 12.75
CA LYS A 46 -12.75 7.92 13.84
C LYS A 46 -14.26 8.13 13.74
N GLN A 47 -14.66 9.32 13.30
CA GLN A 47 -16.07 9.64 13.16
C GLN A 47 -16.41 10.05 11.73
N GLN A 48 -15.37 10.41 10.97
CA GLN A 48 -15.54 10.81 9.58
C GLN A 48 -16.11 9.67 8.74
N ASP A 49 -15.46 8.52 8.82
CA ASP A 49 -15.89 7.34 8.07
C ASP A 49 -16.65 6.37 8.96
N GLY A 50 -16.06 6.05 10.11
CA GLY A 50 -16.69 5.13 11.03
C GLY A 50 -15.70 4.20 11.69
N GLU A 51 -15.40 3.08 11.03
CA GLU A 51 -14.46 2.11 11.56
C GLU A 51 -13.66 1.45 10.44
N LEU A 52 -12.34 1.52 10.54
CA LEU A 52 -11.46 0.92 9.54
C LEU A 52 -11.46 -0.59 9.65
N VAL A 53 -11.65 -1.26 8.51
CA VAL A 53 -11.66 -2.72 8.49
C VAL A 53 -10.32 -3.27 8.00
N GLY A 54 -9.50 -2.39 7.43
CA GLY A 54 -8.20 -2.81 6.93
C GLY A 54 -7.49 -1.70 6.19
N TYR A 55 -6.45 -2.07 5.43
CA TYR A 55 -5.68 -1.10 4.67
C TYR A 55 -5.43 -1.60 3.25
N ARG A 56 -4.78 -0.77 2.43
CA ARG A 56 -4.48 -1.12 1.06
C ARG A 56 -3.03 -0.81 0.72
N ILE A 57 -2.21 -1.86 0.62
CA ILE A 57 -0.80 -1.71 0.31
C ILE A 57 -0.51 -2.09 -1.15
N SER A 58 0.18 -1.21 -1.85
CA SER A 58 0.51 -1.45 -3.25
C SER A 58 2.03 -1.39 -3.46
N HIS A 59 2.64 -2.55 -3.67
CA HIS A 59 4.08 -2.63 -3.88
C HIS A 59 4.39 -3.04 -5.32
N VAL A 60 5.02 -2.13 -6.06
CA VAL A 60 5.38 -2.39 -7.45
C VAL A 60 6.89 -2.48 -7.62
N TRP A 61 7.33 -3.30 -8.57
CA TRP A 61 8.75 -3.47 -8.84
C TRP A 61 9.09 -3.08 -10.28
N GLN A 62 9.96 -2.09 -10.43
CA GLN A 62 10.36 -1.63 -11.75
C GLN A 62 11.87 -1.75 -11.94
N SER A 63 12.30 -2.76 -12.68
CA SER A 63 13.72 -2.98 -12.92
C SER A 63 14.08 -2.64 -14.37
N ALA A 64 15.37 -2.41 -14.61
CA ALA A 64 15.85 -2.08 -15.94
C ALA A 64 15.60 -3.23 -16.92
N GLY A 65 14.54 -3.10 -17.71
CA GLY A 65 14.21 -4.14 -18.68
C GLY A 65 13.00 -4.95 -18.27
N ILE A 66 12.65 -4.89 -16.98
CA ILE A 66 11.51 -5.62 -16.47
C ILE A 66 10.67 -4.76 -15.54
N SER A 67 9.35 -4.75 -15.78
CA SER A 67 8.44 -3.96 -14.97
C SER A 67 7.27 -4.82 -14.48
N LYS A 68 7.31 -5.18 -13.20
CA LYS A 68 6.25 -6.00 -12.61
C LYS A 68 5.57 -5.26 -11.47
N GLU A 69 4.28 -5.54 -11.27
CA GLU A 69 3.52 -4.91 -10.20
C GLU A 69 2.75 -5.94 -9.39
N LEU A 70 2.69 -5.72 -8.08
CA LEU A 70 1.98 -6.63 -7.18
C LEU A 70 1.10 -5.87 -6.21
N LEU A 71 0.09 -6.55 -5.67
CA LEU A 71 -0.82 -5.92 -4.72
C LEU A 71 -1.02 -6.81 -3.49
N GLU A 72 -0.82 -6.23 -2.31
CA GLU A 72 -0.97 -6.97 -1.05
C GLU A 72 -2.31 -6.65 -0.40
N GLU A 73 -2.77 -7.56 0.45
CA GLU A 73 -4.04 -7.38 1.15
C GLU A 73 -3.85 -7.50 2.66
N VAL A 74 -4.33 -6.49 3.39
CA VAL A 74 -4.21 -6.49 4.84
C VAL A 74 -5.53 -6.07 5.49
N GLY A 75 -5.82 -6.65 6.65
CA GLY A 75 -7.04 -6.33 7.35
C GLY A 75 -6.82 -5.31 8.46
N GLN A 76 -7.87 -5.03 9.21
CA GLN A 76 -7.80 -4.06 10.29
C GLN A 76 -6.73 -4.46 11.31
N ASN A 77 -6.49 -5.76 11.43
CA ASN A 77 -5.50 -6.28 12.36
C ASN A 77 -4.20 -6.60 11.63
N GLY A 78 -3.66 -5.62 10.91
CA GLY A 78 -2.42 -5.82 10.18
C GLY A 78 -1.53 -4.59 10.19
N SER A 79 -1.38 -4.00 11.38
CA SER A 79 -0.54 -2.81 11.52
C SER A 79 0.84 -3.03 10.92
N ARG A 80 1.21 -4.29 10.75
CA ARG A 80 2.50 -4.64 10.18
C ARG A 80 2.35 -5.56 8.98
N ALA A 81 3.11 -5.27 7.92
CA ALA A 81 3.05 -6.07 6.71
C ALA A 81 4.45 -6.43 6.22
N ARG A 82 4.56 -7.56 5.52
CA ARG A 82 5.85 -8.01 5.00
C ARG A 82 5.69 -8.57 3.59
N ILE A 83 6.70 -8.33 2.75
CA ILE A 83 6.68 -8.82 1.38
C ILE A 83 7.98 -9.52 1.02
N SER A 84 7.86 -10.68 0.36
CA SER A 84 9.04 -11.45 -0.04
C SER A 84 9.66 -10.87 -1.30
N VAL A 85 10.80 -10.21 -1.15
CA VAL A 85 11.50 -9.61 -2.28
C VAL A 85 11.38 -10.49 -3.52
N GLN A 86 10.67 -9.99 -4.53
CA GLN A 86 10.49 -10.73 -5.77
C GLN A 86 11.60 -10.41 -6.76
N VAL A 87 12.03 -9.16 -6.79
CA VAL A 87 13.10 -8.72 -7.69
C VAL A 87 14.17 -7.96 -6.94
N HIS A 88 15.42 -8.14 -7.37
CA HIS A 88 16.55 -7.47 -6.74
C HIS A 88 17.21 -6.48 -7.70
N ASN A 89 17.86 -5.46 -7.15
CA ASN A 89 18.52 -4.45 -7.96
C ASN A 89 17.51 -3.65 -8.78
N ALA A 90 16.33 -3.43 -8.20
CA ALA A 90 15.28 -2.68 -8.87
C ALA A 90 14.70 -1.61 -7.95
N THR A 91 13.83 -0.77 -8.50
CA THR A 91 13.20 0.30 -7.74
C THR A 91 11.77 -0.05 -7.38
N CYS A 92 11.51 -0.24 -6.09
CA CYS A 92 10.18 -0.59 -5.61
C CYS A 92 9.52 0.61 -4.94
N THR A 93 8.23 0.80 -5.19
CA THR A 93 7.49 1.91 -4.60
C THR A 93 6.39 1.40 -3.68
N VAL A 94 6.49 1.75 -2.39
CA VAL A 94 5.50 1.32 -1.41
C VAL A 94 4.43 2.39 -1.22
N ARG A 95 3.19 1.95 -1.05
CA ARG A 95 2.07 2.88 -0.86
C ARG A 95 0.95 2.21 -0.05
N ILE A 96 0.59 2.83 1.07
CA ILE A 96 -0.46 2.30 1.93
C ILE A 96 -1.62 3.28 2.05
N ALA A 97 -2.84 2.75 2.16
CA ALA A 97 -4.03 3.58 2.28
C ALA A 97 -5.02 2.97 3.27
N ALA A 98 -6.03 3.75 3.62
CA ALA A 98 -7.05 3.29 4.56
C ALA A 98 -8.20 2.61 3.84
N VAL A 99 -8.70 1.52 4.42
CA VAL A 99 -9.79 0.77 3.82
C VAL A 99 -11.00 0.71 4.76
N THR A 100 -12.16 1.09 4.25
CA THR A 100 -13.38 1.09 5.04
C THR A 100 -14.50 0.32 4.33
N ARG A 101 -15.65 0.24 4.97
CA ARG A 101 -16.80 -0.45 4.40
C ARG A 101 -17.58 0.45 3.45
N GLY A 102 -16.96 1.57 3.06
CA GLY A 102 -17.60 2.49 2.16
C GLY A 102 -16.82 2.68 0.87
N GLY A 103 -15.50 2.54 0.95
CA GLY A 103 -14.67 2.70 -0.23
C GLY A 103 -13.20 2.84 0.11
N VAL A 104 -12.34 2.63 -0.88
CA VAL A 104 -10.90 2.73 -0.68
C VAL A 104 -10.43 4.16 -0.84
N GLY A 105 -9.70 4.66 0.16
CA GLY A 105 -9.19 6.02 0.11
C GLY A 105 -7.88 6.11 -0.64
N PRO A 106 -7.37 7.35 -0.78
CA PRO A 106 -6.11 7.61 -1.48
C PRO A 106 -4.90 7.10 -0.72
N PHE A 107 -3.92 6.57 -1.45
CA PHE A 107 -2.71 6.04 -0.83
C PHE A 107 -1.81 7.17 -0.36
N SER A 108 -0.94 6.86 0.61
CA SER A 108 -0.03 7.85 1.16
C SER A 108 1.08 8.18 0.16
N ASP A 109 2.01 9.04 0.57
CA ASP A 109 3.12 9.43 -0.29
C ASP A 109 3.93 8.21 -0.71
N PRO A 110 4.28 8.16 -2.01
CA PRO A 110 5.06 7.05 -2.57
C PRO A 110 6.51 7.07 -2.09
N VAL A 111 7.02 5.88 -1.76
CA VAL A 111 8.40 5.76 -1.29
C VAL A 111 9.21 4.84 -2.20
N LYS A 112 10.22 5.41 -2.85
CA LYS A 112 11.07 4.65 -3.75
C LYS A 112 12.27 4.08 -3.01
N ILE A 113 12.26 2.77 -2.79
CA ILE A 113 13.35 2.10 -2.09
C ILE A 113 14.22 1.30 -3.05
N PHE A 114 15.53 1.49 -2.97
CA PHE A 114 16.46 0.78 -3.83
C PHE A 114 16.77 -0.61 -3.28
N ILE A 115 16.37 -1.63 -4.03
CA ILE A 115 16.60 -3.01 -3.63
C ILE A 115 18.02 -3.46 -3.96
N PRO A 116 18.83 -3.68 -2.92
CA PRO A 116 20.22 -4.11 -3.08
C PRO A 116 20.33 -5.55 -3.60
N ALA A 117 21.06 -5.73 -4.68
CA ALA A 117 21.24 -7.05 -5.27
C ALA A 117 21.39 -8.12 -4.20
N HIS A 118 22.37 -7.94 -3.32
CA HIS A 118 22.61 -8.89 -2.24
C HIS A 118 22.66 -8.17 -0.89
N SER A 119 22.82 -8.95 0.17
CA SER A 119 22.87 -8.40 1.52
C SER A 119 23.92 -9.12 2.37
N GLY A 120 24.59 -8.36 3.24
CA GLY A 120 25.61 -8.94 4.09
C GLY A 120 26.03 -8.01 5.21
N PRO A 121 26.79 -8.55 6.18
CA PRO A 121 27.26 -7.78 7.33
C PRO A 121 28.31 -6.74 6.93
N SER A 122 27.87 -5.51 6.72
CA SER A 122 28.78 -4.44 6.33
C SER A 122 29.88 -4.25 7.37
N SER A 123 31.01 -4.92 7.16
CA SER A 123 32.13 -4.84 8.07
C SER A 123 31.70 -5.12 9.51
N GLY A 124 30.96 -6.22 9.69
CA GLY A 124 30.48 -6.57 11.02
C GLY A 124 31.62 -6.82 11.99
N GLY A 1 -7.63 -6.46 -39.63
CA GLY A 1 -7.95 -7.79 -39.14
C GLY A 1 -9.38 -7.90 -38.66
N SER A 2 -9.61 -8.79 -37.71
CA SER A 2 -10.95 -8.99 -37.16
C SER A 2 -10.89 -9.34 -35.67
N SER A 3 -11.81 -8.78 -34.90
CA SER A 3 -11.85 -9.02 -33.47
C SER A 3 -13.18 -8.56 -32.87
N GLY A 4 -13.35 -8.77 -31.57
CA GLY A 4 -14.57 -8.36 -30.91
C GLY A 4 -14.38 -7.13 -30.04
N SER A 5 -15.09 -7.09 -28.91
CA SER A 5 -14.99 -5.96 -28.00
C SER A 5 -15.70 -6.27 -26.68
N SER A 6 -15.52 -5.38 -25.70
CA SER A 6 -16.14 -5.57 -24.39
C SER A 6 -15.91 -4.34 -23.51
N GLY A 7 -16.64 -4.28 -22.39
CA GLY A 7 -16.50 -3.16 -21.48
C GLY A 7 -17.76 -2.86 -20.72
N TRP A 8 -17.64 -2.24 -19.56
CA TRP A 8 -18.79 -1.90 -18.74
C TRP A 8 -18.48 -0.71 -17.83
N ILE A 9 -19.53 0.00 -17.42
CA ILE A 9 -19.37 1.16 -16.55
C ILE A 9 -20.31 1.07 -15.35
N LEU A 10 -19.75 0.87 -14.17
CA LEU A 10 -20.54 0.77 -12.94
C LEU A 10 -20.64 2.14 -12.26
N ALA A 11 -21.33 2.17 -11.12
CA ALA A 11 -21.50 3.40 -10.37
C ALA A 11 -20.40 3.56 -9.33
N SER A 12 -20.48 4.64 -8.55
CA SER A 12 -19.48 4.91 -7.52
C SER A 12 -20.14 5.49 -6.28
N THR A 13 -19.32 5.80 -5.27
CA THR A 13 -19.82 6.36 -4.01
C THR A 13 -19.56 7.86 -3.95
N THR A 14 -20.25 8.54 -3.04
CA THR A 14 -20.09 9.98 -2.87
C THR A 14 -20.18 10.37 -1.39
N GLU A 15 -19.22 11.17 -0.95
CA GLU A 15 -19.19 11.63 0.44
C GLU A 15 -19.31 10.45 1.40
N GLY A 16 -18.59 9.37 1.10
CA GLY A 16 -18.63 8.19 1.94
C GLY A 16 -17.39 7.33 1.79
N ALA A 17 -16.26 7.85 2.30
CA ALA A 17 -15.00 7.11 2.22
C ALA A 17 -13.91 7.85 2.97
N PRO A 18 -12.92 7.09 3.49
CA PRO A 18 -11.79 7.65 4.24
C PRO A 18 -10.84 8.44 3.34
N SER A 19 -11.10 9.74 3.20
CA SER A 19 -10.27 10.59 2.37
C SER A 19 -9.00 11.00 3.10
N VAL A 20 -8.38 10.02 3.77
CA VAL A 20 -7.15 10.26 4.51
C VAL A 20 -6.30 9.00 4.60
N ALA A 21 -4.99 9.16 4.42
CA ALA A 21 -4.07 8.03 4.48
C ALA A 21 -3.53 7.85 5.89
N PRO A 22 -2.89 6.70 6.14
CA PRO A 22 -2.31 6.37 7.45
C PRO A 22 -1.08 7.23 7.76
N LEU A 23 -0.74 7.31 9.04
CA LEU A 23 0.41 8.08 9.47
C LEU A 23 1.56 7.17 9.90
N ASN A 24 2.69 7.78 10.25
CA ASN A 24 3.87 7.02 10.67
C ASN A 24 4.21 5.94 9.65
N VAL A 25 4.10 6.28 8.38
CA VAL A 25 4.41 5.34 7.30
C VAL A 25 5.92 5.17 7.14
N THR A 26 6.39 3.93 7.28
CA THR A 26 7.81 3.64 7.15
C THR A 26 8.03 2.32 6.43
N VAL A 27 9.25 2.09 5.96
CA VAL A 27 9.60 0.86 5.26
C VAL A 27 11.03 0.43 5.56
N PHE A 28 11.20 -0.84 5.89
CA PHE A 28 12.53 -1.37 6.20
C PHE A 28 12.84 -2.59 5.32
N LEU A 29 14.11 -2.78 5.03
CA LEU A 29 14.56 -3.90 4.21
C LEU A 29 15.34 -4.92 5.04
N ASN A 30 15.14 -6.20 4.75
CA ASN A 30 15.82 -7.26 5.45
C ASN A 30 16.71 -8.08 4.51
N GLU A 31 17.97 -8.24 4.89
CA GLU A 31 18.92 -8.99 4.08
C GLU A 31 18.92 -10.47 4.46
N SER A 32 18.75 -10.73 5.76
CA SER A 32 18.73 -12.10 6.26
C SER A 32 17.38 -12.75 6.03
N SER A 33 16.33 -11.94 6.07
CA SER A 33 14.97 -12.43 5.88
C SER A 33 14.49 -12.16 4.44
N ASP A 34 15.31 -11.45 3.68
CA ASP A 34 14.98 -11.13 2.29
C ASP A 34 13.51 -10.73 2.18
N ASN A 35 13.07 -9.85 3.07
CA ASN A 35 11.69 -9.39 3.07
C ASN A 35 11.61 -7.89 3.29
N VAL A 36 10.48 -7.30 2.93
CA VAL A 36 10.28 -5.86 3.09
C VAL A 36 9.29 -5.56 4.20
N ASP A 37 9.77 -4.95 5.27
CA ASP A 37 8.93 -4.60 6.40
C ASP A 37 8.26 -3.24 6.20
N ILE A 38 7.06 -3.10 6.74
CA ILE A 38 6.31 -1.85 6.61
C ILE A 38 5.52 -1.54 7.88
N ARG A 39 5.63 -0.31 8.35
CA ARG A 39 4.92 0.11 9.56
C ARG A 39 4.15 1.41 9.32
N TRP A 40 2.87 1.39 9.70
CA TRP A 40 2.02 2.57 9.51
C TRP A 40 1.12 2.78 10.73
N MET A 41 0.32 3.83 10.69
CA MET A 41 -0.58 4.15 11.79
C MET A 41 -1.99 4.44 11.27
N LYS A 42 -2.97 4.33 12.15
CA LYS A 42 -4.36 4.58 11.78
C LYS A 42 -4.64 6.08 11.71
N PRO A 43 -5.46 6.48 10.72
CA PRO A 43 -5.83 7.89 10.52
C PRO A 43 -6.73 8.43 11.63
N PRO A 44 -6.94 9.75 11.64
CA PRO A 44 -7.78 10.41 12.64
C PRO A 44 -9.27 10.07 12.46
N THR A 45 -9.56 9.17 11.54
CA THR A 45 -10.93 8.76 11.28
C THR A 45 -11.70 8.53 12.58
N LYS A 46 -12.80 9.23 12.75
CA LYS A 46 -13.62 9.10 13.94
C LYS A 46 -15.10 8.94 13.58
N GLN A 47 -15.63 9.91 12.84
CA GLN A 47 -17.03 9.88 12.43
C GLN A 47 -17.15 9.60 10.94
N GLN A 48 -16.51 10.45 10.12
CA GLN A 48 -16.54 10.29 8.68
C GLN A 48 -16.57 8.81 8.29
N ASP A 49 -15.47 8.12 8.54
CA ASP A 49 -15.37 6.70 8.22
C ASP A 49 -15.82 5.84 9.39
N GLY A 50 -16.96 5.18 9.24
CA GLY A 50 -17.47 4.32 10.31
C GLY A 50 -16.37 3.67 11.10
N GLU A 51 -15.95 2.48 10.67
CA GLU A 51 -14.90 1.74 11.35
C GLU A 51 -13.91 1.15 10.36
N LEU A 52 -12.62 1.30 10.66
CA LEU A 52 -11.57 0.79 9.78
C LEU A 52 -11.69 -0.73 9.60
N VAL A 53 -11.71 -1.17 8.36
CA VAL A 53 -11.83 -2.59 8.05
C VAL A 53 -10.49 -3.17 7.63
N GLY A 54 -9.65 -2.34 7.02
CA GLY A 54 -8.34 -2.79 6.59
C GLY A 54 -7.61 -1.76 5.75
N TYR A 55 -6.39 -2.09 5.34
CA TYR A 55 -5.59 -1.17 4.53
C TYR A 55 -5.23 -1.81 3.19
N ARG A 56 -4.72 -0.99 2.27
CA ARG A 56 -4.33 -1.48 0.95
C ARG A 56 -2.88 -1.11 0.66
N ILE A 57 -2.01 -2.12 0.70
CA ILE A 57 -0.59 -1.90 0.43
C ILE A 57 -0.23 -2.29 -1.00
N SER A 58 0.10 -1.29 -1.81
CA SER A 58 0.46 -1.52 -3.20
C SER A 58 1.95 -1.34 -3.41
N HIS A 59 2.64 -2.44 -3.74
CA HIS A 59 4.08 -2.41 -3.97
C HIS A 59 4.40 -2.79 -5.41
N VAL A 60 4.85 -1.81 -6.19
CA VAL A 60 5.19 -2.04 -7.59
C VAL A 60 6.71 -2.12 -7.77
N TRP A 61 7.15 -3.08 -8.56
CA TRP A 61 8.58 -3.27 -8.83
C TRP A 61 8.94 -2.77 -10.22
N GLN A 62 10.02 -1.99 -10.29
CA GLN A 62 10.47 -1.44 -11.56
C GLN A 62 11.97 -1.70 -11.76
N SER A 63 12.30 -2.52 -12.74
CA SER A 63 13.69 -2.85 -13.02
C SER A 63 14.01 -2.60 -14.49
N ALA A 64 15.31 -2.48 -14.79
CA ALA A 64 15.75 -2.24 -16.16
C ALA A 64 15.41 -3.41 -17.07
N GLY A 65 14.35 -3.27 -17.85
CA GLY A 65 13.93 -4.32 -18.75
C GLY A 65 12.76 -5.12 -18.20
N ILE A 66 12.56 -5.05 -16.90
CA ILE A 66 11.46 -5.78 -16.26
C ILE A 66 10.70 -4.87 -15.29
N SER A 67 9.40 -4.70 -15.56
CA SER A 67 8.57 -3.86 -14.72
C SER A 67 7.29 -4.60 -14.31
N LYS A 68 7.25 -5.06 -13.06
CA LYS A 68 6.10 -5.77 -12.54
C LYS A 68 5.47 -5.02 -11.38
N GLU A 69 4.21 -5.33 -11.10
CA GLU A 69 3.48 -4.69 -10.01
C GLU A 69 2.73 -5.71 -9.18
N LEU A 70 2.97 -5.69 -7.87
CA LEU A 70 2.31 -6.63 -6.95
C LEU A 70 1.34 -5.89 -6.04
N LEU A 71 0.35 -6.63 -5.54
CA LEU A 71 -0.65 -6.04 -4.64
C LEU A 71 -0.83 -6.90 -3.40
N GLU A 72 -0.75 -6.28 -2.23
CA GLU A 72 -0.91 -6.99 -0.97
C GLU A 72 -2.26 -6.65 -0.32
N GLU A 73 -2.66 -7.47 0.64
CA GLU A 73 -3.92 -7.26 1.35
C GLU A 73 -3.73 -7.35 2.85
N VAL A 74 -4.11 -6.30 3.56
CA VAL A 74 -3.99 -6.26 5.02
C VAL A 74 -5.28 -5.78 5.66
N GLY A 75 -5.51 -6.22 6.89
CA GLY A 75 -6.71 -5.82 7.61
C GLY A 75 -6.46 -4.67 8.57
N GLN A 76 -7.49 -4.32 9.35
CA GLN A 76 -7.37 -3.24 10.31
C GLN A 76 -6.51 -3.64 11.51
N ASN A 77 -6.56 -4.93 11.84
CA ASN A 77 -5.80 -5.45 12.97
C ASN A 77 -4.30 -5.32 12.70
N GLY A 78 -3.83 -5.96 11.63
CA GLY A 78 -2.42 -5.91 11.30
C GLY A 78 -1.86 -4.50 11.36
N SER A 79 -0.86 -4.29 12.22
CA SER A 79 -0.24 -2.99 12.38
C SER A 79 0.93 -2.82 11.41
N ARG A 80 1.34 -3.93 10.79
CA ARG A 80 2.45 -3.90 9.84
C ARG A 80 2.22 -4.88 8.71
N ALA A 81 3.17 -4.96 7.79
CA ALA A 81 3.07 -5.86 6.65
C ALA A 81 4.45 -6.31 6.18
N ARG A 82 4.51 -7.50 5.59
CA ARG A 82 5.78 -8.04 5.11
C ARG A 82 5.60 -8.66 3.72
N ILE A 83 6.60 -8.48 2.86
CA ILE A 83 6.55 -9.01 1.51
C ILE A 83 7.85 -9.74 1.16
N SER A 84 7.75 -10.70 0.25
CA SER A 84 8.92 -11.46 -0.17
C SER A 84 9.54 -10.88 -1.44
N VAL A 85 10.74 -10.33 -1.30
CA VAL A 85 11.44 -9.72 -2.43
C VAL A 85 11.18 -10.51 -3.71
N GLN A 86 10.25 -10.03 -4.52
CA GLN A 86 9.91 -10.69 -5.78
C GLN A 86 10.99 -10.43 -6.83
N VAL A 87 11.59 -9.25 -6.78
CA VAL A 87 12.63 -8.87 -7.72
C VAL A 87 13.82 -8.24 -7.01
N HIS A 88 15.02 -8.60 -7.44
CA HIS A 88 16.24 -8.06 -6.84
C HIS A 88 16.91 -7.06 -7.78
N ASN A 89 17.62 -6.10 -7.21
CA ASN A 89 18.31 -5.08 -8.00
C ASN A 89 17.31 -4.22 -8.76
N ALA A 90 16.21 -3.88 -8.12
CA ALA A 90 15.17 -3.05 -8.74
C ALA A 90 14.61 -2.04 -7.75
N THR A 91 13.70 -1.21 -8.23
CA THR A 91 13.07 -0.19 -7.39
C THR A 91 11.64 -0.55 -7.05
N CYS A 92 11.33 -0.57 -5.76
CA CYS A 92 9.98 -0.90 -5.30
C CYS A 92 9.34 0.30 -4.61
N THR A 93 8.13 0.64 -5.04
CA THR A 93 7.40 1.76 -4.46
C THR A 93 6.28 1.27 -3.55
N VAL A 94 6.39 1.58 -2.25
CA VAL A 94 5.39 1.18 -1.28
C VAL A 94 4.33 2.26 -1.10
N ARG A 95 3.08 1.84 -0.94
CA ARG A 95 1.99 2.78 -0.75
C ARG A 95 0.83 2.12 0.00
N ILE A 96 0.43 2.73 1.11
CA ILE A 96 -0.66 2.21 1.92
C ILE A 96 -1.88 3.13 1.88
N ALA A 97 -3.06 2.54 1.94
CA ALA A 97 -4.30 3.31 1.92
C ALA A 97 -5.33 2.72 2.88
N ALA A 98 -6.11 3.60 3.51
CA ALA A 98 -7.14 3.17 4.45
C ALA A 98 -8.38 2.67 3.71
N VAL A 99 -8.79 1.44 4.03
CA VAL A 99 -9.96 0.85 3.40
C VAL A 99 -11.10 0.70 4.40
N THR A 100 -12.32 0.99 3.94
CA THR A 100 -13.50 0.88 4.80
C THR A 100 -14.57 0.01 4.16
N ARG A 101 -15.70 -0.14 4.85
CA ARG A 101 -16.80 -0.96 4.34
C ARG A 101 -17.64 -0.17 3.36
N GLY A 102 -17.14 0.99 2.95
CA GLY A 102 -17.87 1.82 2.01
C GLY A 102 -17.07 2.13 0.76
N GLY A 103 -15.78 2.45 0.95
CA GLY A 103 -14.93 2.77 -0.18
C GLY A 103 -13.48 2.88 0.22
N VAL A 104 -12.58 2.67 -0.74
CA VAL A 104 -11.15 2.75 -0.48
C VAL A 104 -10.66 4.19 -0.57
N GLY A 105 -9.89 4.61 0.43
CA GLY A 105 -9.37 5.96 0.45
C GLY A 105 -8.06 6.09 -0.29
N PRO A 106 -7.54 7.32 -0.39
CA PRO A 106 -6.28 7.60 -1.08
C PRO A 106 -5.07 7.05 -0.33
N PHE A 107 -4.07 6.59 -1.08
CA PHE A 107 -2.86 6.05 -0.48
C PHE A 107 -1.96 7.16 0.05
N SER A 108 -0.96 6.78 0.84
CA SER A 108 -0.04 7.75 1.42
C SER A 108 1.06 8.09 0.42
N ASP A 109 2.01 8.92 0.86
CA ASP A 109 3.12 9.33 0.02
C ASP A 109 3.94 8.13 -0.42
N PRO A 110 4.24 8.05 -1.73
CA PRO A 110 5.02 6.94 -2.30
C PRO A 110 6.48 6.98 -1.88
N VAL A 111 7.05 5.82 -1.62
CA VAL A 111 8.45 5.72 -1.20
C VAL A 111 9.22 4.77 -2.10
N LYS A 112 10.20 5.30 -2.83
CA LYS A 112 11.01 4.51 -3.73
C LYS A 112 12.21 3.92 -3.00
N ILE A 113 12.22 2.60 -2.84
CA ILE A 113 13.31 1.92 -2.16
C ILE A 113 14.12 1.07 -3.13
N PHE A 114 15.44 1.15 -3.02
CA PHE A 114 16.33 0.39 -3.89
C PHE A 114 16.58 -1.00 -3.34
N ILE A 115 16.22 -2.01 -4.12
CA ILE A 115 16.41 -3.41 -3.71
C ILE A 115 17.80 -3.92 -4.09
N PRO A 116 18.64 -4.15 -3.07
CA PRO A 116 20.01 -4.65 -3.26
C PRO A 116 20.04 -6.09 -3.76
N ALA A 117 20.73 -6.32 -4.86
CA ALA A 117 20.84 -7.65 -5.44
C ALA A 117 21.01 -8.71 -4.35
N HIS A 118 20.61 -9.94 -4.66
CA HIS A 118 20.72 -11.04 -3.70
C HIS A 118 22.10 -11.08 -3.07
N SER A 119 23.12 -10.82 -3.88
CA SER A 119 24.50 -10.83 -3.40
C SER A 119 24.69 -9.84 -2.26
N GLY A 120 25.76 -10.04 -1.48
CA GLY A 120 26.02 -9.15 -0.36
C GLY A 120 27.25 -9.57 0.42
N PRO A 121 28.44 -9.14 -0.04
CA PRO A 121 29.71 -9.47 0.60
C PRO A 121 29.86 -8.76 1.95
N SER A 122 28.92 -7.89 2.26
CA SER A 122 28.96 -7.14 3.53
C SER A 122 28.98 -8.10 4.72
N SER A 123 28.23 -9.19 4.61
CA SER A 123 28.16 -10.18 5.67
C SER A 123 28.33 -11.59 5.12
N GLY A 124 27.86 -11.80 3.91
CA GLY A 124 27.97 -13.10 3.28
C GLY A 124 29.35 -13.36 2.72
N GLY A 1 -4.34 16.26 -29.37
CA GLY A 1 -3.80 17.43 -28.71
C GLY A 1 -2.87 17.07 -27.56
N SER A 2 -1.90 17.93 -27.30
CA SER A 2 -0.95 17.70 -26.22
C SER A 2 -1.37 18.43 -24.95
N SER A 3 -1.72 19.70 -25.11
CA SER A 3 -2.13 20.52 -23.97
C SER A 3 -3.40 19.96 -23.33
N GLY A 4 -3.22 19.07 -22.37
CA GLY A 4 -4.36 18.46 -21.69
C GLY A 4 -4.75 19.22 -20.44
N SER A 5 -5.96 19.77 -20.44
CA SER A 5 -6.46 20.53 -19.30
C SER A 5 -7.69 19.86 -18.71
N SER A 6 -8.16 20.39 -17.59
CA SER A 6 -9.33 19.85 -16.90
C SER A 6 -10.41 19.48 -17.92
N GLY A 7 -10.87 18.23 -17.84
CA GLY A 7 -11.91 17.77 -18.76
C GLY A 7 -12.98 16.98 -18.05
N TRP A 8 -12.60 15.86 -17.45
CA TRP A 8 -13.55 15.01 -16.74
C TRP A 8 -13.63 15.40 -15.26
N ILE A 9 -14.75 15.06 -14.63
CA ILE A 9 -14.95 15.37 -13.22
C ILE A 9 -15.50 14.17 -12.46
N LEU A 10 -14.82 13.80 -11.38
CA LEU A 10 -15.25 12.66 -10.57
C LEU A 10 -16.20 13.11 -9.47
N ALA A 11 -17.36 12.46 -9.40
CA ALA A 11 -18.36 12.78 -8.39
C ALA A 11 -18.17 11.94 -7.13
N SER A 12 -17.72 12.59 -6.06
CA SER A 12 -17.50 11.90 -4.79
C SER A 12 -17.92 12.77 -3.61
N THR A 13 -17.80 12.22 -2.41
CA THR A 13 -18.18 12.94 -1.20
C THR A 13 -17.01 13.00 -0.22
N THR A 14 -17.10 13.94 0.73
CA THR A 14 -16.05 14.11 1.73
C THR A 14 -16.43 13.45 3.05
N GLU A 15 -17.71 13.09 3.17
CA GLU A 15 -18.21 12.45 4.38
C GLU A 15 -18.50 10.97 4.13
N GLY A 16 -17.82 10.10 4.87
CA GLY A 16 -18.03 8.67 4.72
C GLY A 16 -16.74 7.92 4.54
N ALA A 17 -16.23 7.89 3.30
CA ALA A 17 -14.99 7.19 3.00
C ALA A 17 -13.79 7.94 3.56
N PRO A 18 -12.72 7.20 3.86
CA PRO A 18 -11.48 7.77 4.40
C PRO A 18 -10.73 8.62 3.37
N SER A 19 -11.04 9.92 3.35
CA SER A 19 -10.40 10.83 2.41
C SER A 19 -9.01 11.23 2.91
N VAL A 20 -8.26 10.24 3.39
CA VAL A 20 -6.91 10.48 3.89
C VAL A 20 -6.10 9.19 3.93
N ALA A 21 -4.79 9.33 4.12
CA ALA A 21 -3.91 8.17 4.19
C ALA A 21 -3.36 7.98 5.59
N PRO A 22 -2.73 6.81 5.83
CA PRO A 22 -2.15 6.49 7.14
C PRO A 22 -0.92 7.31 7.44
N LEU A 23 -0.54 7.35 8.72
CA LEU A 23 0.63 8.11 9.15
C LEU A 23 1.80 7.18 9.48
N ASN A 24 2.88 7.76 9.99
CA ASN A 24 4.06 6.98 10.36
C ASN A 24 4.38 5.94 9.29
N VAL A 25 4.10 6.28 8.03
CA VAL A 25 4.36 5.38 6.92
C VAL A 25 5.86 5.16 6.72
N THR A 26 6.31 3.94 6.95
CA THR A 26 7.73 3.61 6.80
C THR A 26 7.89 2.19 6.30
N VAL A 27 9.06 1.91 5.71
CA VAL A 27 9.35 0.58 5.19
C VAL A 27 10.78 0.15 5.54
N PHE A 28 10.90 -1.00 6.18
CA PHE A 28 12.20 -1.51 6.57
C PHE A 28 12.63 -2.67 5.66
N LEU A 29 13.88 -2.62 5.22
CA LEU A 29 14.41 -3.65 4.33
C LEU A 29 15.35 -4.59 5.09
N ASN A 30 15.19 -5.89 4.87
CA ASN A 30 16.01 -6.89 5.53
C ASN A 30 17.11 -7.40 4.59
N GLU A 31 18.36 -7.24 5.01
CA GLU A 31 19.50 -7.68 4.22
C GLU A 31 19.73 -9.18 4.38
N SER A 32 19.44 -9.69 5.57
CA SER A 32 19.63 -11.10 5.86
C SER A 32 18.44 -11.91 5.37
N SER A 33 17.33 -11.23 5.12
CA SER A 33 16.12 -11.89 4.65
C SER A 33 15.62 -11.26 3.34
N ASP A 34 14.91 -12.05 2.55
CA ASP A 34 14.39 -11.57 1.27
C ASP A 34 12.96 -11.06 1.43
N ASN A 35 12.75 -10.16 2.38
CA ASN A 35 11.44 -9.59 2.63
C ASN A 35 11.56 -8.15 3.12
N VAL A 36 10.48 -7.38 2.94
CA VAL A 36 10.46 -5.99 3.37
C VAL A 36 9.35 -5.74 4.38
N ASP A 37 9.71 -5.15 5.52
CA ASP A 37 8.74 -4.86 6.56
C ASP A 37 8.12 -3.48 6.36
N ILE A 38 6.89 -3.33 6.83
CA ILE A 38 6.17 -2.06 6.70
C ILE A 38 5.41 -1.72 7.97
N ARG A 39 5.47 -0.45 8.38
CA ARG A 39 4.78 0.00 9.58
C ARG A 39 4.09 1.33 9.33
N TRP A 40 2.83 1.42 9.74
CA TRP A 40 2.05 2.64 9.57
C TRP A 40 1.19 2.92 10.79
N MET A 41 0.39 3.98 10.72
CA MET A 41 -0.49 4.35 11.83
C MET A 41 -1.89 4.64 11.33
N LYS A 42 -2.86 4.65 12.26
CA LYS A 42 -4.25 4.90 11.92
C LYS A 42 -4.48 6.39 11.68
N PRO A 43 -5.19 6.70 10.58
CA PRO A 43 -5.49 8.09 10.21
C PRO A 43 -6.51 8.72 11.16
N PRO A 44 -6.64 10.06 11.08
CA PRO A 44 -7.57 10.82 11.91
C PRO A 44 -9.03 10.56 11.55
N THR A 45 -9.24 9.61 10.63
CA THR A 45 -10.59 9.27 10.19
C THR A 45 -11.38 8.62 11.32
N LYS A 46 -11.77 9.43 12.30
CA LYS A 46 -12.54 8.93 13.44
C LYS A 46 -13.73 9.85 13.72
N GLN A 47 -13.92 10.85 12.87
CA GLN A 47 -15.02 11.80 13.03
C GLN A 47 -16.18 11.44 12.12
N GLN A 48 -17.24 10.87 12.69
CA GLN A 48 -18.42 10.48 11.92
C GLN A 48 -18.01 9.86 10.59
N ASP A 49 -16.93 9.09 10.60
CA ASP A 49 -16.44 8.43 9.40
C ASP A 49 -16.93 7.00 9.32
N GLY A 50 -16.90 6.30 10.45
CA GLY A 50 -17.35 4.92 10.49
C GLY A 50 -16.41 4.03 11.29
N GLU A 51 -15.93 2.96 10.65
CA GLU A 51 -15.02 2.03 11.31
C GLU A 51 -14.08 1.39 10.31
N LEU A 52 -12.79 1.41 10.62
CA LEU A 52 -11.78 0.83 9.75
C LEU A 52 -11.98 -0.68 9.58
N VAL A 53 -11.70 -1.19 8.40
CA VAL A 53 -11.86 -2.62 8.12
C VAL A 53 -10.52 -3.25 7.74
N GLY A 54 -9.71 -2.51 7.01
CA GLY A 54 -8.41 -3.02 6.60
C GLY A 54 -7.56 -1.96 5.91
N TYR A 55 -6.54 -2.40 5.20
CA TYR A 55 -5.65 -1.49 4.49
C TYR A 55 -5.31 -2.02 3.10
N ARG A 56 -4.80 -1.13 2.24
CA ARG A 56 -4.43 -1.52 0.89
C ARG A 56 -2.98 -1.13 0.59
N ILE A 57 -2.10 -2.12 0.60
CA ILE A 57 -0.69 -1.88 0.32
C ILE A 57 -0.34 -2.24 -1.13
N SER A 58 0.06 -1.24 -1.89
CA SER A 58 0.42 -1.45 -3.30
C SER A 58 1.92 -1.32 -3.49
N HIS A 59 2.59 -2.45 -3.68
CA HIS A 59 4.04 -2.47 -3.87
C HIS A 59 4.38 -2.93 -5.29
N VAL A 60 4.85 -2.00 -6.11
CA VAL A 60 5.21 -2.30 -7.48
C VAL A 60 6.73 -2.36 -7.64
N TRP A 61 7.18 -3.20 -8.58
CA TRP A 61 8.61 -3.35 -8.83
C TRP A 61 8.97 -2.86 -10.23
N GLN A 62 10.03 -2.06 -10.33
CA GLN A 62 10.48 -1.53 -11.61
C GLN A 62 11.98 -1.72 -11.79
N SER A 63 12.35 -2.57 -12.74
CA SER A 63 13.75 -2.86 -13.01
C SER A 63 14.10 -2.57 -14.46
N ALA A 64 15.38 -2.40 -14.74
CA ALA A 64 15.84 -2.11 -16.10
C ALA A 64 15.53 -3.28 -17.04
N GLY A 65 14.48 -3.13 -17.83
CA GLY A 65 14.09 -4.17 -18.76
C GLY A 65 12.99 -5.05 -18.22
N ILE A 66 12.81 -5.04 -16.90
CA ILE A 66 11.78 -5.84 -16.26
C ILE A 66 10.94 -4.99 -15.30
N SER A 67 9.66 -4.88 -15.59
CA SER A 67 8.75 -4.09 -14.76
C SER A 67 7.56 -4.94 -14.31
N LYS A 68 7.54 -5.29 -13.03
CA LYS A 68 6.45 -6.10 -12.47
C LYS A 68 5.67 -5.31 -11.44
N GLU A 69 4.38 -5.62 -11.31
CA GLU A 69 3.52 -4.94 -10.35
C GLU A 69 2.86 -5.94 -9.40
N LEU A 70 2.85 -5.60 -8.11
CA LEU A 70 2.26 -6.46 -7.09
C LEU A 70 1.30 -5.68 -6.21
N LEU A 71 0.38 -6.40 -5.56
CA LEU A 71 -0.59 -5.77 -4.68
C LEU A 71 -0.88 -6.66 -3.48
N GLU A 72 -0.59 -6.14 -2.28
CA GLU A 72 -0.83 -6.88 -1.05
C GLU A 72 -2.15 -6.48 -0.40
N GLU A 73 -2.71 -7.38 0.39
CA GLU A 73 -3.98 -7.12 1.06
C GLU A 73 -3.88 -7.41 2.56
N VAL A 74 -4.22 -6.42 3.38
CA VAL A 74 -4.17 -6.57 4.82
C VAL A 74 -5.44 -6.05 5.48
N GLY A 75 -5.76 -6.59 6.65
CA GLY A 75 -6.95 -6.16 7.36
C GLY A 75 -6.65 -5.13 8.43
N GLN A 76 -7.65 -4.83 9.25
CA GLN A 76 -7.49 -3.85 10.32
C GLN A 76 -6.63 -4.41 11.44
N ASN A 77 -6.19 -5.65 11.28
CA ASN A 77 -5.35 -6.29 12.29
C ASN A 77 -4.02 -6.74 11.70
N GLY A 78 -3.14 -5.77 11.46
CA GLY A 78 -1.84 -6.08 10.89
C GLY A 78 -0.98 -4.84 10.72
N SER A 79 -0.92 -4.00 11.75
CA SER A 79 -0.14 -2.78 11.70
C SER A 79 1.20 -3.02 11.01
N ARG A 80 1.72 -4.23 11.14
CA ARG A 80 3.00 -4.59 10.52
C ARG A 80 2.79 -5.55 9.35
N ALA A 81 3.31 -5.18 8.19
CA ALA A 81 3.17 -6.01 7.00
C ALA A 81 4.55 -6.37 6.43
N ARG A 82 4.65 -7.59 5.91
CA ARG A 82 5.91 -8.07 5.34
C ARG A 82 5.68 -8.69 3.96
N ILE A 83 6.59 -8.42 3.04
CA ILE A 83 6.49 -8.96 1.69
C ILE A 83 7.71 -9.79 1.34
N SER A 84 7.62 -10.52 0.22
CA SER A 84 8.73 -11.36 -0.23
C SER A 84 9.38 -10.79 -1.47
N VAL A 85 10.56 -10.20 -1.29
CA VAL A 85 11.31 -9.62 -2.40
C VAL A 85 11.15 -10.45 -3.67
N GLN A 86 10.30 -9.99 -4.58
CA GLN A 86 10.07 -10.69 -5.83
C GLN A 86 11.18 -10.41 -6.83
N VAL A 87 11.76 -9.21 -6.74
CA VAL A 87 12.83 -8.82 -7.64
C VAL A 87 13.96 -8.13 -6.87
N HIS A 88 15.20 -8.35 -7.32
CA HIS A 88 16.36 -7.75 -6.67
C HIS A 88 17.02 -6.74 -7.60
N ASN A 89 17.69 -5.75 -7.00
CA ASN A 89 18.37 -4.72 -7.77
C ASN A 89 17.37 -3.92 -8.62
N ALA A 90 16.23 -3.62 -8.03
CA ALA A 90 15.19 -2.86 -8.73
C ALA A 90 14.53 -1.85 -7.80
N THR A 91 13.88 -0.85 -8.40
CA THR A 91 13.22 0.19 -7.62
C THR A 91 11.75 -0.16 -7.37
N CYS A 92 11.37 -0.23 -6.11
CA CYS A 92 10.00 -0.55 -5.73
C CYS A 92 9.33 0.64 -5.06
N THR A 93 8.03 0.80 -5.31
CA THR A 93 7.26 1.89 -4.74
C THR A 93 6.19 1.37 -3.78
N VAL A 94 6.31 1.73 -2.51
CA VAL A 94 5.34 1.30 -1.51
C VAL A 94 4.31 2.39 -1.23
N ARG A 95 3.06 1.98 -1.05
CA ARG A 95 1.97 2.92 -0.79
C ARG A 95 0.84 2.25 -0.03
N ILE A 96 0.49 2.80 1.13
CA ILE A 96 -0.59 2.25 1.94
C ILE A 96 -1.77 3.19 2.01
N ALA A 97 -2.98 2.63 2.02
CA ALA A 97 -4.19 3.43 2.09
C ALA A 97 -5.21 2.81 3.05
N ALA A 98 -5.84 3.66 3.85
CA ALA A 98 -6.83 3.20 4.82
C ALA A 98 -8.20 3.00 4.16
N VAL A 99 -8.74 1.80 4.30
CA VAL A 99 -10.04 1.47 3.72
C VAL A 99 -11.08 1.19 4.80
N THR A 100 -12.33 1.55 4.52
CA THR A 100 -13.40 1.33 5.47
C THR A 100 -14.56 0.57 4.83
N ARG A 101 -15.62 0.37 5.60
CA ARG A 101 -16.79 -0.35 5.10
C ARG A 101 -17.56 0.50 4.09
N GLY A 102 -17.11 1.74 3.90
CA GLY A 102 -17.76 2.63 2.95
C GLY A 102 -17.01 2.72 1.64
N GLY A 103 -15.69 2.70 1.70
CA GLY A 103 -14.88 2.79 0.49
C GLY A 103 -13.40 2.73 0.79
N VAL A 104 -12.59 3.03 -0.23
CA VAL A 104 -11.14 3.01 -0.08
C VAL A 104 -10.56 4.42 -0.15
N GLY A 105 -9.76 4.78 0.85
CA GLY A 105 -9.16 6.10 0.88
C GLY A 105 -7.93 6.20 -0.02
N PRO A 106 -7.47 7.43 -0.25
CA PRO A 106 -6.30 7.68 -1.09
C PRO A 106 -5.00 7.20 -0.45
N PHE A 107 -4.08 6.70 -1.27
CA PHE A 107 -2.80 6.21 -0.79
C PHE A 107 -1.88 7.36 -0.40
N SER A 108 -0.98 7.10 0.54
CA SER A 108 -0.05 8.12 1.01
C SER A 108 1.04 8.39 -0.05
N ASP A 109 1.99 9.24 0.30
CA ASP A 109 3.07 9.59 -0.60
C ASP A 109 3.87 8.35 -1.00
N PRO A 110 4.28 8.29 -2.27
CA PRO A 110 5.06 7.16 -2.81
C PRO A 110 6.47 7.12 -2.24
N VAL A 111 6.90 5.92 -1.85
CA VAL A 111 8.24 5.74 -1.30
C VAL A 111 9.08 4.83 -2.20
N LYS A 112 10.15 5.40 -2.76
CA LYS A 112 11.03 4.64 -3.64
C LYS A 112 12.16 4.00 -2.84
N ILE A 113 12.11 2.68 -2.70
CA ILE A 113 13.13 1.95 -1.95
C ILE A 113 14.02 1.14 -2.90
N PHE A 114 15.33 1.37 -2.80
CA PHE A 114 16.28 0.66 -3.64
C PHE A 114 16.54 -0.74 -3.11
N ILE A 115 16.17 -1.75 -3.89
CA ILE A 115 16.37 -3.15 -3.50
C ILE A 115 17.79 -3.61 -3.82
N PRO A 116 18.57 -3.87 -2.76
CA PRO A 116 19.96 -4.33 -2.89
C PRO A 116 20.04 -5.75 -3.43
N ALA A 117 20.77 -5.91 -4.53
CA ALA A 117 20.94 -7.23 -5.13
C ALA A 117 21.22 -8.29 -4.08
N HIS A 118 20.74 -9.50 -4.34
CA HIS A 118 20.93 -10.62 -3.41
C HIS A 118 22.41 -10.84 -3.14
N SER A 119 22.84 -10.54 -1.93
CA SER A 119 24.24 -10.71 -1.54
C SER A 119 24.35 -11.37 -0.17
N GLY A 120 25.00 -12.52 -0.12
CA GLY A 120 25.17 -13.24 1.13
C GLY A 120 26.61 -13.62 1.39
N PRO A 121 26.81 -14.58 2.30
CA PRO A 121 28.15 -15.06 2.67
C PRO A 121 28.80 -15.86 1.54
N SER A 122 28.08 -16.83 1.02
CA SER A 122 28.59 -17.67 -0.06
C SER A 122 28.68 -16.89 -1.37
N SER A 123 29.89 -16.80 -1.92
CA SER A 123 30.12 -16.08 -3.16
C SER A 123 30.03 -17.01 -4.36
N GLY A 124 29.56 -16.48 -5.49
CA GLY A 124 29.43 -17.28 -6.69
C GLY A 124 28.02 -17.27 -7.26
N GLY A 1 -52.82 15.61 -11.43
CA GLY A 1 -52.24 14.29 -11.35
C GLY A 1 -51.05 14.23 -10.41
N SER A 2 -51.06 13.25 -9.51
CA SER A 2 -49.97 13.09 -8.56
C SER A 2 -49.82 11.64 -8.13
N SER A 3 -48.64 11.07 -8.37
CA SER A 3 -48.38 9.68 -8.02
C SER A 3 -46.93 9.51 -7.56
N GLY A 4 -46.76 9.01 -6.34
CA GLY A 4 -45.43 8.80 -5.80
C GLY A 4 -45.44 7.96 -4.53
N SER A 5 -45.14 6.67 -4.67
CA SER A 5 -45.13 5.76 -3.54
C SER A 5 -43.72 5.20 -3.31
N SER A 6 -43.40 4.95 -2.05
CA SER A 6 -42.08 4.42 -1.70
C SER A 6 -42.17 3.51 -0.48
N GLY A 7 -41.44 2.40 -0.52
CA GLY A 7 -41.45 1.45 0.59
C GLY A 7 -40.13 0.74 0.76
N TRP A 8 -39.08 1.52 1.00
CA TRP A 8 -37.74 0.96 1.18
C TRP A 8 -36.85 1.92 1.97
N ILE A 9 -35.74 1.41 2.49
CA ILE A 9 -34.81 2.21 3.26
C ILE A 9 -33.65 2.70 2.39
N LEU A 10 -33.70 3.96 1.99
CA LEU A 10 -32.65 4.55 1.16
C LEU A 10 -32.40 6.00 1.54
N ALA A 11 -31.35 6.58 0.97
CA ALA A 11 -30.99 7.97 1.25
C ALA A 11 -30.50 8.67 -0.01
N SER A 12 -30.36 9.99 0.07
CA SER A 12 -29.91 10.78 -1.06
C SER A 12 -28.44 10.49 -1.38
N THR A 13 -28.21 9.79 -2.49
CA THR A 13 -26.85 9.44 -2.90
C THR A 13 -25.86 10.54 -2.50
N THR A 14 -24.81 10.15 -1.80
CA THR A 14 -23.78 11.09 -1.37
C THR A 14 -22.41 10.43 -1.28
N GLU A 15 -21.37 11.23 -1.13
CA GLU A 15 -20.01 10.72 -1.03
C GLU A 15 -19.75 10.15 0.35
N GLY A 16 -19.14 8.96 0.38
CA GLY A 16 -18.85 8.31 1.65
C GLY A 16 -17.65 7.38 1.57
N ALA A 17 -16.47 7.90 1.87
CA ALA A 17 -15.25 7.10 1.82
C ALA A 17 -14.14 7.74 2.66
N PRO A 18 -13.13 6.93 3.00
CA PRO A 18 -11.99 7.39 3.80
C PRO A 18 -11.09 8.37 3.04
N SER A 19 -11.42 9.65 3.12
CA SER A 19 -10.64 10.68 2.44
C SER A 19 -9.37 11.00 3.21
N VAL A 20 -8.69 9.96 3.69
CA VAL A 20 -7.45 10.14 4.44
C VAL A 20 -6.58 8.89 4.37
N ALA A 21 -5.26 9.10 4.35
CA ALA A 21 -4.32 7.98 4.29
C ALA A 21 -3.64 7.76 5.63
N PRO A 22 -2.92 6.63 5.76
CA PRO A 22 -2.22 6.27 6.99
C PRO A 22 -1.01 7.17 7.24
N LEU A 23 -0.85 7.60 8.49
CA LEU A 23 0.27 8.47 8.86
C LEU A 23 1.42 7.65 9.45
N ASN A 24 2.53 8.32 9.71
CA ASN A 24 3.71 7.65 10.27
C ASN A 24 4.08 6.42 9.45
N VAL A 25 4.01 6.55 8.13
CA VAL A 25 4.34 5.45 7.24
C VAL A 25 5.85 5.26 7.14
N THR A 26 6.32 4.10 7.61
CA THR A 26 7.74 3.79 7.58
C THR A 26 8.01 2.54 6.75
N VAL A 27 9.27 2.31 6.41
CA VAL A 27 9.67 1.15 5.63
C VAL A 27 11.01 0.59 6.09
N PHE A 28 11.05 -0.71 6.34
CA PHE A 28 12.27 -1.36 6.79
C PHE A 28 12.61 -2.55 5.90
N LEU A 29 13.84 -2.59 5.41
CA LEU A 29 14.29 -3.67 4.54
C LEU A 29 15.26 -4.59 5.28
N ASN A 30 14.78 -5.76 5.66
CA ASN A 30 15.59 -6.74 6.38
C ASN A 30 16.63 -7.36 5.45
N GLU A 31 17.90 -7.16 5.77
CA GLU A 31 19.00 -7.71 4.96
C GLU A 31 19.15 -9.21 5.20
N SER A 32 19.05 -9.62 6.46
CA SER A 32 19.19 -11.03 6.81
C SER A 32 18.11 -11.87 6.14
N SER A 33 16.90 -11.31 6.04
CA SER A 33 15.78 -12.00 5.42
C SER A 33 15.48 -11.42 4.05
N ASP A 34 14.96 -12.27 3.16
CA ASP A 34 14.62 -11.84 1.81
C ASP A 34 13.21 -11.28 1.74
N ASN A 35 12.89 -10.39 2.68
CA ASN A 35 11.56 -9.78 2.74
C ASN A 35 11.67 -8.32 3.17
N VAL A 36 10.57 -7.58 3.01
CA VAL A 36 10.53 -6.17 3.38
C VAL A 36 9.47 -5.91 4.44
N ASP A 37 9.89 -5.31 5.54
CA ASP A 37 8.97 -5.00 6.64
C ASP A 37 8.32 -3.64 6.44
N ILE A 38 7.08 -3.50 6.91
CA ILE A 38 6.36 -2.24 6.78
C ILE A 38 5.55 -1.94 8.03
N ARG A 39 5.52 -0.68 8.43
CA ARG A 39 4.77 -0.27 9.62
C ARG A 39 4.20 1.15 9.44
N TRP A 40 2.93 1.31 9.77
CA TRP A 40 2.28 2.60 9.64
C TRP A 40 1.34 2.85 10.83
N MET A 41 0.67 4.00 10.81
CA MET A 41 -0.25 4.36 11.88
C MET A 41 -1.68 4.40 11.37
N LYS A 42 -2.64 4.41 12.30
CA LYS A 42 -4.06 4.45 11.94
C LYS A 42 -4.54 5.89 11.85
N PRO A 43 -5.27 6.20 10.77
CA PRO A 43 -5.82 7.53 10.53
C PRO A 43 -6.94 7.89 11.51
N PRO A 44 -7.19 9.19 11.70
CA PRO A 44 -8.23 9.68 12.60
C PRO A 44 -9.63 9.40 12.07
N THR A 45 -9.70 8.72 10.94
CA THR A 45 -10.99 8.37 10.33
C THR A 45 -12.03 9.43 10.64
N LYS A 46 -11.70 10.70 10.40
CA LYS A 46 -12.61 11.79 10.65
C LYS A 46 -13.39 12.15 9.38
N GLN A 47 -12.72 12.06 8.24
CA GLN A 47 -13.37 12.38 6.96
C GLN A 47 -14.32 11.27 6.55
N GLN A 48 -15.57 11.38 6.99
CA GLN A 48 -16.59 10.39 6.67
C GLN A 48 -15.98 8.99 6.59
N ASP A 49 -15.12 8.67 7.55
CA ASP A 49 -14.47 7.36 7.59
C ASP A 49 -15.08 6.49 8.68
N GLY A 50 -15.28 7.07 9.86
CA GLY A 50 -15.85 6.32 10.96
C GLY A 50 -14.87 5.35 11.59
N GLU A 51 -14.87 4.11 11.08
CA GLU A 51 -13.97 3.08 11.60
C GLU A 51 -13.31 2.33 10.46
N LEU A 52 -12.00 2.12 10.57
CA LEU A 52 -11.26 1.40 9.55
C LEU A 52 -11.44 -0.10 9.69
N VAL A 53 -11.52 -0.79 8.55
CA VAL A 53 -11.69 -2.24 8.54
C VAL A 53 -10.43 -2.95 8.09
N GLY A 54 -9.61 -2.25 7.30
CA GLY A 54 -8.38 -2.83 6.80
C GLY A 54 -7.53 -1.81 6.07
N TYR A 55 -6.39 -2.27 5.53
CA TYR A 55 -5.48 -1.40 4.80
C TYR A 55 -5.26 -1.91 3.38
N ARG A 56 -4.71 -1.05 2.53
CA ARG A 56 -4.45 -1.41 1.14
C ARG A 56 -3.04 -0.99 0.73
N ILE A 57 -2.14 -1.97 0.65
CA ILE A 57 -0.75 -1.69 0.27
C ILE A 57 -0.55 -1.91 -1.23
N SER A 58 0.30 -1.07 -1.82
CA SER A 58 0.58 -1.16 -3.25
C SER A 58 2.09 -1.22 -3.51
N HIS A 59 2.58 -2.41 -3.79
CA HIS A 59 4.01 -2.60 -4.04
C HIS A 59 4.25 -2.96 -5.50
N VAL A 60 5.08 -2.17 -6.18
CA VAL A 60 5.39 -2.41 -7.58
C VAL A 60 6.90 -2.45 -7.82
N TRP A 61 7.35 -3.37 -8.65
CA TRP A 61 8.77 -3.51 -8.95
C TRP A 61 9.06 -3.04 -10.37
N GLN A 62 10.01 -2.11 -10.50
CA GLN A 62 10.39 -1.57 -11.79
C GLN A 62 11.90 -1.65 -11.99
N SER A 63 12.33 -2.55 -12.86
CA SER A 63 13.76 -2.73 -13.13
C SER A 63 14.06 -2.51 -14.62
N ALA A 64 15.28 -2.10 -14.91
CA ALA A 64 15.70 -1.86 -16.28
C ALA A 64 15.55 -3.12 -17.13
N GLY A 65 14.46 -3.19 -17.89
CA GLY A 65 14.22 -4.34 -18.74
C GLY A 65 13.09 -5.21 -18.23
N ILE A 66 12.80 -5.10 -16.94
CA ILE A 66 11.74 -5.89 -16.32
C ILE A 66 10.88 -5.03 -15.39
N SER A 67 9.60 -4.90 -15.72
CA SER A 67 8.68 -4.10 -14.92
C SER A 67 7.42 -4.90 -14.60
N LYS A 68 7.25 -5.24 -13.32
CA LYS A 68 6.10 -6.00 -12.87
C LYS A 68 5.35 -5.24 -11.77
N GLU A 69 4.08 -5.60 -11.57
CA GLU A 69 3.25 -4.96 -10.56
C GLU A 69 2.59 -6.01 -9.67
N LEU A 70 2.49 -5.70 -8.38
CA LEU A 70 1.87 -6.60 -7.42
C LEU A 70 1.00 -5.84 -6.44
N LEU A 71 0.05 -6.55 -5.82
CA LEU A 71 -0.85 -5.94 -4.84
C LEU A 71 -0.99 -6.81 -3.60
N GLU A 72 -0.87 -6.18 -2.43
CA GLU A 72 -0.99 -6.90 -1.17
C GLU A 72 -2.36 -6.66 -0.52
N GLU A 73 -2.72 -7.54 0.41
CA GLU A 73 -4.00 -7.42 1.10
C GLU A 73 -3.83 -7.62 2.60
N VAL A 74 -4.29 -6.65 3.38
CA VAL A 74 -4.19 -6.71 4.83
C VAL A 74 -5.44 -6.15 5.50
N GLY A 75 -5.77 -6.68 6.66
CA GLY A 75 -6.94 -6.22 7.39
C GLY A 75 -6.62 -5.10 8.36
N GLN A 76 -7.54 -4.85 9.30
CA GLN A 76 -7.34 -3.80 10.29
C GLN A 76 -6.32 -4.23 11.34
N ASN A 77 -6.42 -5.49 11.77
CA ASN A 77 -5.51 -6.02 12.78
C ASN A 77 -4.08 -6.08 12.24
N GLY A 78 -3.95 -6.48 10.97
CA GLY A 78 -2.63 -6.58 10.37
C GLY A 78 -1.95 -5.23 10.26
N SER A 79 -1.39 -4.76 11.37
CA SER A 79 -0.70 -3.48 11.41
C SER A 79 0.64 -3.56 10.67
N ARG A 80 1.30 -4.71 10.79
CA ARG A 80 2.59 -4.91 10.14
C ARG A 80 2.45 -5.80 8.91
N ALA A 81 3.10 -5.40 7.82
CA ALA A 81 3.05 -6.15 6.59
C ALA A 81 4.44 -6.52 6.10
N ARG A 82 4.57 -7.71 5.51
CA ARG A 82 5.86 -8.18 5.02
C ARG A 82 5.73 -8.68 3.58
N ILE A 83 6.70 -8.30 2.74
CA ILE A 83 6.70 -8.71 1.34
C ILE A 83 7.93 -9.53 1.00
N SER A 84 7.76 -10.51 0.12
CA SER A 84 8.87 -11.37 -0.29
C SER A 84 9.56 -10.82 -1.53
N VAL A 85 10.74 -10.25 -1.34
CA VAL A 85 11.51 -9.69 -2.46
C VAL A 85 11.34 -10.52 -3.71
N GLN A 86 10.57 -10.00 -4.67
CA GLN A 86 10.33 -10.69 -5.93
C GLN A 86 11.45 -10.42 -6.92
N VAL A 87 11.95 -9.19 -6.93
CA VAL A 87 13.03 -8.80 -7.83
C VAL A 87 14.17 -8.13 -7.07
N HIS A 88 15.40 -8.39 -7.51
CA HIS A 88 16.57 -7.80 -6.88
C HIS A 88 17.21 -6.75 -7.78
N ASN A 89 17.81 -5.73 -7.16
CA ASN A 89 18.45 -4.67 -7.91
C ASN A 89 17.44 -3.88 -8.73
N ALA A 90 16.32 -3.54 -8.12
CA ALA A 90 15.26 -2.79 -8.79
C ALA A 90 14.66 -1.73 -7.86
N THR A 91 13.87 -0.84 -8.43
CA THR A 91 13.23 0.22 -7.66
C THR A 91 11.78 -0.13 -7.33
N CYS A 92 11.49 -0.30 -6.05
CA CYS A 92 10.14 -0.64 -5.61
C CYS A 92 9.47 0.56 -4.96
N THR A 93 8.17 0.72 -5.22
CA THR A 93 7.41 1.83 -4.65
C THR A 93 6.31 1.33 -3.73
N VAL A 94 6.41 1.64 -2.45
CA VAL A 94 5.42 1.23 -1.47
C VAL A 94 4.38 2.31 -1.24
N ARG A 95 3.13 1.90 -1.00
CA ARG A 95 2.05 2.84 -0.76
C ARG A 95 0.93 2.19 0.03
N ILE A 96 0.58 2.77 1.16
CA ILE A 96 -0.47 2.25 2.02
C ILE A 96 -1.67 3.20 2.05
N ALA A 97 -2.87 2.63 2.17
CA ALA A 97 -4.09 3.42 2.23
C ALA A 97 -5.07 2.85 3.24
N ALA A 98 -6.08 3.63 3.59
CA ALA A 98 -7.09 3.20 4.55
C ALA A 98 -8.29 2.58 3.84
N VAL A 99 -8.76 1.45 4.36
CA VAL A 99 -9.90 0.74 3.78
C VAL A 99 -11.06 0.69 4.76
N THR A 100 -12.26 0.94 4.25
CA THR A 100 -13.47 0.92 5.09
C THR A 100 -14.54 0.01 4.48
N ARG A 101 -15.67 -0.08 5.16
CA ARG A 101 -16.77 -0.92 4.69
C ARG A 101 -17.63 -0.17 3.67
N GLY A 102 -17.06 0.86 3.07
CA GLY A 102 -17.77 1.64 2.08
C GLY A 102 -16.96 1.90 0.83
N GLY A 103 -15.70 2.30 1.02
CA GLY A 103 -14.84 2.58 -0.11
C GLY A 103 -13.39 2.73 0.30
N VAL A 104 -12.48 2.47 -0.63
CA VAL A 104 -11.05 2.59 -0.38
C VAL A 104 -10.58 4.02 -0.56
N GLY A 105 -9.81 4.52 0.40
CA GLY A 105 -9.30 5.87 0.33
C GLY A 105 -8.03 5.97 -0.49
N PRO A 106 -7.54 7.21 -0.68
CA PRO A 106 -6.31 7.46 -1.45
C PRO A 106 -5.06 6.96 -0.74
N PHE A 107 -4.09 6.48 -1.52
CA PHE A 107 -2.85 5.97 -0.97
C PHE A 107 -1.95 7.12 -0.52
N SER A 108 -1.04 6.82 0.41
CA SER A 108 -0.12 7.83 0.93
C SER A 108 0.97 8.14 -0.09
N ASP A 109 1.91 9.00 0.30
CA ASP A 109 3.00 9.38 -0.58
C ASP A 109 3.82 8.16 -1.00
N PRO A 110 4.18 8.11 -2.28
CA PRO A 110 4.97 7.00 -2.84
C PRO A 110 6.41 6.99 -2.33
N VAL A 111 6.85 5.83 -1.85
CA VAL A 111 8.20 5.68 -1.33
C VAL A 111 9.04 4.76 -2.22
N LYS A 112 10.05 5.33 -2.86
CA LYS A 112 10.93 4.55 -3.73
C LYS A 112 12.11 3.99 -2.95
N ILE A 113 12.08 2.68 -2.70
CA ILE A 113 13.16 2.03 -1.97
C ILE A 113 14.07 1.23 -2.91
N PHE A 114 15.37 1.47 -2.80
CA PHE A 114 16.35 0.78 -3.64
C PHE A 114 16.59 -0.64 -3.15
N ILE A 115 16.20 -1.62 -3.95
CA ILE A 115 16.37 -3.02 -3.58
C ILE A 115 17.78 -3.50 -3.91
N PRO A 116 18.57 -3.77 -2.85
CA PRO A 116 19.95 -4.24 -2.98
C PRO A 116 20.03 -5.66 -3.54
N ALA A 117 20.84 -5.84 -4.58
CA ALA A 117 21.00 -7.15 -5.19
C ALA A 117 21.27 -8.22 -4.14
N HIS A 118 22.47 -8.22 -3.57
CA HIS A 118 22.83 -9.20 -2.55
C HIS A 118 22.48 -8.68 -1.16
N SER A 119 22.76 -9.50 -0.15
CA SER A 119 22.47 -9.13 1.23
C SER A 119 23.65 -8.40 1.86
N GLY A 120 24.85 -8.95 1.66
CA GLY A 120 26.04 -8.33 2.22
C GLY A 120 27.31 -8.85 1.56
N PRO A 121 28.26 -7.94 1.32
CA PRO A 121 29.55 -8.28 0.69
C PRO A 121 30.44 -9.10 1.63
N SER A 122 31.48 -9.70 1.06
CA SER A 122 32.40 -10.52 1.83
C SER A 122 33.39 -9.64 2.59
N SER A 123 34.12 -8.80 1.86
CA SER A 123 35.11 -7.91 2.47
C SER A 123 36.15 -8.70 3.25
N GLY A 124 36.59 -9.82 2.67
CA GLY A 124 37.58 -10.66 3.32
C GLY A 124 38.78 -10.91 2.45
N GLY A 1 -10.57 39.11 -33.92
CA GLY A 1 -10.64 38.13 -32.83
C GLY A 1 -10.92 38.79 -31.49
N SER A 2 -11.68 38.10 -30.65
CA SER A 2 -12.03 38.62 -29.33
C SER A 2 -11.28 37.88 -28.24
N SER A 3 -11.19 38.49 -27.06
CA SER A 3 -10.50 37.89 -25.94
C SER A 3 -11.45 37.68 -24.75
N GLY A 4 -10.93 37.11 -23.68
CA GLY A 4 -11.74 36.87 -22.50
C GLY A 4 -11.06 37.33 -21.22
N SER A 5 -11.53 36.82 -20.09
CA SER A 5 -10.95 37.19 -18.79
C SER A 5 -11.10 36.05 -17.79
N SER A 6 -10.57 36.26 -16.59
CA SER A 6 -10.64 35.23 -15.54
C SER A 6 -11.70 35.60 -14.50
N GLY A 7 -11.91 34.71 -13.54
CA GLY A 7 -12.89 34.95 -12.50
C GLY A 7 -12.45 34.40 -11.16
N TRP A 8 -13.42 33.93 -10.38
CA TRP A 8 -13.12 33.39 -9.06
C TRP A 8 -12.93 31.87 -9.12
N ILE A 9 -12.55 31.28 -8.00
CA ILE A 9 -12.33 29.84 -7.92
C ILE A 9 -13.24 29.20 -6.88
N LEU A 10 -13.53 27.92 -7.07
CA LEU A 10 -14.37 27.18 -6.14
C LEU A 10 -13.62 26.02 -5.50
N ALA A 11 -14.29 25.29 -4.63
CA ALA A 11 -13.68 24.15 -3.95
C ALA A 11 -14.59 22.92 -4.01
N SER A 12 -14.14 21.83 -3.41
CA SER A 12 -14.91 20.59 -3.39
C SER A 12 -15.17 20.13 -1.96
N THR A 13 -16.18 19.28 -1.80
CA THR A 13 -16.54 18.76 -0.49
C THR A 13 -16.48 17.24 -0.45
N THR A 14 -15.46 16.70 0.23
CA THR A 14 -15.29 15.27 0.33
C THR A 14 -15.68 14.76 1.72
N GLU A 15 -16.52 13.72 1.74
CA GLU A 15 -16.99 13.15 3.00
C GLU A 15 -17.50 11.73 2.80
N GLY A 16 -17.71 11.02 3.90
CA GLY A 16 -18.19 9.65 3.82
C GLY A 16 -17.07 8.63 3.79
N ALA A 17 -16.14 8.81 2.87
CA ALA A 17 -15.00 7.90 2.75
C ALA A 17 -13.76 8.48 3.41
N PRO A 18 -12.73 7.64 3.58
CA PRO A 18 -11.46 8.04 4.20
C PRO A 18 -10.67 9.01 3.32
N SER A 19 -10.94 10.29 3.46
CA SER A 19 -10.26 11.31 2.68
C SER A 19 -8.89 11.62 3.28
N VAL A 20 -8.17 10.59 3.70
CA VAL A 20 -6.85 10.75 4.29
C VAL A 20 -6.09 9.44 4.28
N ALA A 21 -4.76 9.53 4.27
CA ALA A 21 -3.90 8.35 4.26
C ALA A 21 -3.35 8.06 5.65
N PRO A 22 -2.76 6.87 5.82
CA PRO A 22 -2.19 6.43 7.09
C PRO A 22 -0.93 7.21 7.45
N LEU A 23 -0.62 7.27 8.74
CA LEU A 23 0.57 7.97 9.21
C LEU A 23 1.68 7.00 9.59
N ASN A 24 2.77 7.52 10.13
CA ASN A 24 3.91 6.70 10.52
C ASN A 24 4.22 5.67 9.45
N VAL A 25 3.97 6.02 8.19
CA VAL A 25 4.23 5.12 7.08
C VAL A 25 5.73 5.02 6.79
N THR A 26 6.31 3.88 7.13
CA THR A 26 7.74 3.66 6.91
C THR A 26 7.98 2.35 6.16
N VAL A 27 9.20 2.17 5.67
CA VAL A 27 9.56 0.97 4.95
C VAL A 27 10.94 0.45 5.37
N PHE A 28 10.96 -0.72 6.00
CA PHE A 28 12.21 -1.31 6.46
C PHE A 28 12.65 -2.44 5.53
N LEU A 29 13.92 -2.46 5.19
CA LEU A 29 14.48 -3.48 4.30
C LEU A 29 15.59 -4.25 5.00
N ASN A 30 15.51 -5.58 4.92
CA ASN A 30 16.52 -6.44 5.54
C ASN A 30 17.38 -7.12 4.48
N GLU A 31 18.69 -6.90 4.57
CA GLU A 31 19.62 -7.48 3.62
C GLU A 31 19.88 -8.95 3.94
N SER A 32 19.85 -9.28 5.23
CA SER A 32 20.08 -10.64 5.68
C SER A 32 18.91 -11.54 5.31
N SER A 33 17.71 -10.97 5.31
CA SER A 33 16.51 -11.72 4.98
C SER A 33 15.75 -11.06 3.84
N ASP A 34 15.40 -11.85 2.83
CA ASP A 34 14.67 -11.34 1.68
C ASP A 34 13.23 -11.00 2.04
N ASN A 35 13.07 -9.95 2.83
CA ASN A 35 11.74 -9.51 3.27
C ASN A 35 11.71 -8.01 3.53
N VAL A 36 10.55 -7.40 3.32
CA VAL A 36 10.39 -5.96 3.54
C VAL A 36 9.29 -5.67 4.56
N ASP A 37 9.68 -5.06 5.67
CA ASP A 37 8.73 -4.73 6.73
C ASP A 37 8.09 -3.37 6.47
N ILE A 38 6.88 -3.18 6.99
CA ILE A 38 6.16 -1.93 6.82
C ILE A 38 5.36 -1.58 8.07
N ARG A 39 5.51 -0.34 8.54
CA ARG A 39 4.81 0.12 9.73
C ARG A 39 4.03 1.40 9.44
N TRP A 40 2.77 1.43 9.85
CA TRP A 40 1.92 2.59 9.63
C TRP A 40 0.96 2.80 10.80
N MET A 41 0.17 3.86 10.73
CA MET A 41 -0.80 4.16 11.79
C MET A 41 -2.16 4.50 11.20
N LYS A 42 -3.19 4.47 12.04
CA LYS A 42 -4.55 4.77 11.60
C LYS A 42 -4.76 6.27 11.49
N PRO A 43 -5.45 6.71 10.43
CA PRO A 43 -5.74 8.12 10.20
C PRO A 43 -6.75 8.68 11.19
N PRO A 44 -6.87 10.02 11.23
CA PRO A 44 -7.80 10.71 12.13
C PRO A 44 -9.25 10.49 11.75
N THR A 45 -9.48 9.65 10.74
CA THR A 45 -10.83 9.36 10.28
C THR A 45 -11.67 8.76 11.39
N LYS A 46 -12.16 9.60 12.29
CA LYS A 46 -12.98 9.16 13.40
C LYS A 46 -14.25 10.01 13.52
N GLN A 47 -14.83 10.35 12.38
CA GLN A 47 -16.05 11.16 12.35
C GLN A 47 -16.81 10.95 11.05
N GLN A 48 -18.11 10.69 11.17
CA GLN A 48 -18.96 10.48 10.00
C GLN A 48 -18.21 9.67 8.93
N ASP A 49 -17.45 8.69 9.38
CA ASP A 49 -16.68 7.85 8.46
C ASP A 49 -17.18 6.40 8.52
N GLY A 50 -17.34 5.88 9.73
CA GLY A 50 -17.82 4.52 9.89
C GLY A 50 -16.88 3.69 10.76
N GLU A 51 -16.32 2.64 10.17
CA GLU A 51 -15.40 1.76 10.89
C GLU A 51 -14.28 1.28 9.98
N LEU A 52 -13.09 1.14 10.55
CA LEU A 52 -11.93 0.68 9.78
C LEU A 52 -11.96 -0.83 9.60
N VAL A 53 -11.70 -1.27 8.37
CA VAL A 53 -11.70 -2.70 8.06
C VAL A 53 -10.30 -3.18 7.71
N GLY A 54 -9.46 -2.25 7.28
CA GLY A 54 -8.09 -2.60 6.91
C GLY A 54 -7.45 -1.56 6.01
N TYR A 55 -6.26 -1.87 5.52
CA TYR A 55 -5.53 -0.95 4.64
C TYR A 55 -5.18 -1.63 3.32
N ARG A 56 -4.70 -0.83 2.37
CA ARG A 56 -4.33 -1.36 1.06
C ARG A 56 -2.88 -1.02 0.73
N ILE A 57 -2.02 -2.03 0.74
CA ILE A 57 -0.60 -1.83 0.45
C ILE A 57 -0.31 -2.10 -1.03
N SER A 58 0.46 -1.20 -1.63
CA SER A 58 0.81 -1.34 -3.05
C SER A 58 2.33 -1.45 -3.22
N HIS A 59 2.80 -2.64 -3.57
CA HIS A 59 4.22 -2.88 -3.76
C HIS A 59 4.52 -3.24 -5.21
N VAL A 60 5.16 -2.31 -5.93
CA VAL A 60 5.50 -2.54 -7.34
C VAL A 60 6.99 -2.77 -7.50
N TRP A 61 7.37 -3.31 -8.66
CA TRP A 61 8.78 -3.58 -8.95
C TRP A 61 9.14 -3.16 -10.37
N GLN A 62 10.03 -2.18 -10.48
CA GLN A 62 10.46 -1.69 -11.78
C GLN A 62 11.97 -1.87 -11.97
N SER A 63 12.34 -2.86 -12.77
CA SER A 63 13.74 -3.14 -13.04
C SER A 63 14.10 -2.85 -14.50
N ALA A 64 15.39 -2.67 -14.75
CA ALA A 64 15.86 -2.39 -16.11
C ALA A 64 15.56 -3.54 -17.04
N GLY A 65 14.52 -3.39 -17.87
CA GLY A 65 14.14 -4.44 -18.80
C GLY A 65 12.93 -5.21 -18.34
N ILE A 66 12.70 -5.24 -17.03
CA ILE A 66 11.56 -5.95 -16.47
C ILE A 66 10.75 -5.05 -15.56
N SER A 67 9.45 -4.93 -15.85
CA SER A 67 8.56 -4.09 -15.06
C SER A 67 7.32 -4.87 -14.63
N LYS A 68 7.26 -5.22 -13.35
CA LYS A 68 6.13 -5.96 -12.80
C LYS A 68 5.44 -5.16 -11.70
N GLU A 69 4.19 -5.53 -11.42
CA GLU A 69 3.41 -4.86 -10.38
C GLU A 69 2.73 -5.87 -9.47
N LEU A 70 2.74 -5.58 -8.17
CA LEU A 70 2.12 -6.46 -7.18
C LEU A 70 1.23 -5.66 -6.23
N LEU A 71 0.29 -6.35 -5.60
CA LEU A 71 -0.62 -5.71 -4.65
C LEU A 71 -0.88 -6.62 -3.45
N GLU A 72 -0.71 -6.07 -2.25
CA GLU A 72 -0.93 -6.82 -1.03
C GLU A 72 -2.26 -6.43 -0.37
N GLU A 73 -2.87 -7.37 0.33
CA GLU A 73 -4.14 -7.11 1.02
C GLU A 73 -4.02 -7.40 2.50
N VAL A 74 -4.37 -6.40 3.32
CA VAL A 74 -4.30 -6.54 4.77
C VAL A 74 -5.56 -5.97 5.43
N GLY A 75 -5.85 -6.46 6.63
CA GLY A 75 -7.02 -6.00 7.35
C GLY A 75 -6.70 -4.90 8.34
N GLN A 76 -7.65 -4.60 9.22
CA GLN A 76 -7.45 -3.56 10.23
C GLN A 76 -6.58 -4.08 11.38
N ASN A 77 -6.88 -5.28 11.85
CA ASN A 77 -6.12 -5.88 12.94
C ASN A 77 -4.65 -6.03 12.57
N GLY A 78 -4.40 -6.50 11.35
CA GLY A 78 -3.03 -6.68 10.89
C GLY A 78 -2.27 -5.37 10.81
N SER A 79 -1.70 -4.95 11.94
CA SER A 79 -0.93 -3.71 11.99
C SER A 79 0.50 -3.93 11.54
N ARG A 80 0.68 -4.84 10.58
CA ARG A 80 2.01 -5.14 10.06
C ARG A 80 1.92 -5.92 8.75
N ALA A 81 2.82 -5.62 7.82
CA ALA A 81 2.84 -6.29 6.54
C ALA A 81 4.27 -6.59 6.08
N ARG A 82 4.46 -7.74 5.45
CA ARG A 82 5.78 -8.14 4.99
C ARG A 82 5.71 -8.60 3.52
N ILE A 83 6.75 -8.25 2.76
CA ILE A 83 6.81 -8.62 1.35
C ILE A 83 8.11 -9.38 1.05
N SER A 84 7.99 -10.44 0.25
CA SER A 84 9.14 -11.25 -0.12
C SER A 84 9.78 -10.72 -1.39
N VAL A 85 10.99 -10.16 -1.25
CA VAL A 85 11.71 -9.61 -2.38
C VAL A 85 11.56 -10.50 -3.61
N GLN A 86 10.72 -10.05 -4.55
CA GLN A 86 10.48 -10.80 -5.77
C GLN A 86 11.56 -10.52 -6.80
N VAL A 87 12.05 -9.28 -6.81
CA VAL A 87 13.09 -8.88 -7.75
C VAL A 87 14.22 -8.12 -7.04
N HIS A 88 15.45 -8.33 -7.50
CA HIS A 88 16.60 -7.67 -6.92
C HIS A 88 17.17 -6.62 -7.87
N ASN A 89 17.81 -5.60 -7.30
CA ASN A 89 18.40 -4.53 -8.11
C ASN A 89 17.33 -3.78 -8.88
N ALA A 90 16.21 -3.51 -8.23
CA ALA A 90 15.10 -2.80 -8.86
C ALA A 90 14.53 -1.74 -7.93
N THR A 91 13.65 -0.90 -8.46
CA THR A 91 13.03 0.17 -7.68
C THR A 91 11.61 -0.21 -7.28
N CYS A 92 11.39 -0.38 -5.98
CA CYS A 92 10.07 -0.74 -5.47
C CYS A 92 9.36 0.48 -4.88
N THR A 93 8.04 0.52 -5.04
CA THR A 93 7.24 1.63 -4.53
C THR A 93 6.20 1.15 -3.54
N VAL A 94 6.32 1.60 -2.29
CA VAL A 94 5.39 1.20 -1.25
C VAL A 94 4.34 2.29 -1.02
N ARG A 95 3.07 1.89 -1.00
CA ARG A 95 1.98 2.83 -0.79
C ARG A 95 0.83 2.17 -0.04
N ILE A 96 0.46 2.75 1.10
CA ILE A 96 -0.61 2.21 1.92
C ILE A 96 -1.80 3.18 1.97
N ALA A 97 -3.00 2.63 2.04
CA ALA A 97 -4.21 3.45 2.10
C ALA A 97 -5.21 2.86 3.09
N ALA A 98 -5.93 3.75 3.78
CA ALA A 98 -6.93 3.33 4.76
C ALA A 98 -8.22 2.89 4.08
N VAL A 99 -8.69 1.69 4.41
CA VAL A 99 -9.92 1.16 3.83
C VAL A 99 -11.02 1.06 4.87
N THR A 100 -12.20 1.57 4.54
CA THR A 100 -13.33 1.54 5.45
C THR A 100 -14.53 0.82 4.81
N ARG A 101 -15.59 0.67 5.58
CA ARG A 101 -16.80 0.01 5.09
C ARG A 101 -17.56 0.89 4.12
N GLY A 102 -16.99 2.06 3.82
CA GLY A 102 -17.63 2.99 2.91
C GLY A 102 -16.93 3.06 1.57
N GLY A 103 -15.63 3.36 1.59
CA GLY A 103 -14.87 3.46 0.36
C GLY A 103 -13.38 3.58 0.61
N VAL A 104 -12.59 3.33 -0.43
CA VAL A 104 -11.13 3.40 -0.32
C VAL A 104 -10.64 4.83 -0.51
N GLY A 105 -9.72 5.25 0.34
CA GLY A 105 -9.18 6.60 0.26
C GLY A 105 -7.86 6.64 -0.50
N PRO A 106 -7.29 7.85 -0.63
CA PRO A 106 -6.03 8.05 -1.34
C PRO A 106 -4.85 7.46 -0.57
N PHE A 107 -3.91 6.86 -1.31
CA PHE A 107 -2.73 6.26 -0.70
C PHE A 107 -1.81 7.33 -0.12
N SER A 108 -0.92 6.92 0.78
CA SER A 108 0.01 7.84 1.40
C SER A 108 1.16 8.18 0.46
N ASP A 109 2.12 8.96 0.95
CA ASP A 109 3.28 9.35 0.16
C ASP A 109 4.08 8.13 -0.27
N PRO A 110 4.29 7.99 -1.59
CA PRO A 110 5.05 6.87 -2.15
C PRO A 110 6.54 6.94 -1.82
N VAL A 111 7.10 5.83 -1.37
CA VAL A 111 8.52 5.77 -1.02
C VAL A 111 9.27 4.82 -1.95
N LYS A 112 10.16 5.37 -2.75
CA LYS A 112 10.96 4.58 -3.68
C LYS A 112 12.21 4.02 -3.00
N ILE A 113 12.20 2.72 -2.73
CA ILE A 113 13.33 2.07 -2.09
C ILE A 113 14.15 1.26 -3.10
N PHE A 114 15.47 1.42 -3.04
CA PHE A 114 16.37 0.71 -3.94
C PHE A 114 16.69 -0.68 -3.40
N ILE A 115 16.32 -1.71 -4.15
CA ILE A 115 16.57 -3.08 -3.75
C ILE A 115 17.99 -3.51 -4.11
N PRO A 116 18.82 -3.73 -3.07
CA PRO A 116 20.21 -4.15 -3.24
C PRO A 116 20.33 -5.57 -3.77
N ALA A 117 21.05 -5.72 -4.88
CA ALA A 117 21.23 -7.03 -5.49
C ALA A 117 21.57 -8.08 -4.44
N HIS A 118 21.29 -9.35 -4.76
CA HIS A 118 21.56 -10.44 -3.84
C HIS A 118 23.04 -10.84 -3.88
N SER A 119 23.77 -10.48 -2.84
CA SER A 119 25.18 -10.78 -2.75
C SER A 119 25.61 -11.02 -1.31
N GLY A 120 26.27 -12.15 -1.06
CA GLY A 120 26.72 -12.49 0.28
C GLY A 120 26.06 -13.73 0.83
N PRO A 121 26.80 -14.49 1.63
CA PRO A 121 26.31 -15.74 2.24
C PRO A 121 25.26 -15.48 3.30
N SER A 122 24.82 -16.53 3.97
CA SER A 122 23.81 -16.42 5.02
C SER A 122 24.31 -17.05 6.32
N SER A 123 24.50 -16.22 7.33
CA SER A 123 24.97 -16.68 8.63
C SER A 123 23.97 -17.64 9.26
N GLY A 124 24.41 -18.37 10.28
CA GLY A 124 23.53 -19.31 10.96
C GLY A 124 23.44 -19.05 12.45
N GLY A 1 -33.51 -34.76 8.74
CA GLY A 1 -32.46 -33.81 8.47
C GLY A 1 -32.68 -32.49 9.15
N SER A 2 -32.44 -31.39 8.43
CA SER A 2 -32.61 -30.06 8.98
C SER A 2 -33.83 -29.37 8.37
N SER A 3 -34.55 -28.62 9.19
CA SER A 3 -35.74 -27.91 8.74
C SER A 3 -35.45 -26.43 8.56
N GLY A 4 -34.18 -26.06 8.66
CA GLY A 4 -33.79 -24.67 8.49
C GLY A 4 -32.96 -24.44 7.25
N SER A 5 -33.60 -23.95 6.20
CA SER A 5 -32.91 -23.69 4.94
C SER A 5 -32.00 -22.47 5.06
N SER A 6 -30.84 -22.54 4.41
CA SER A 6 -29.87 -21.46 4.46
C SER A 6 -30.35 -20.27 3.63
N GLY A 7 -29.93 -19.07 4.02
CA GLY A 7 -30.32 -17.88 3.30
C GLY A 7 -29.17 -17.24 2.54
N TRP A 8 -29.18 -15.92 2.45
CA TRP A 8 -28.13 -15.20 1.75
C TRP A 8 -27.61 -14.04 2.58
N ILE A 9 -26.59 -13.36 2.08
CA ILE A 9 -26.00 -12.22 2.78
C ILE A 9 -26.41 -10.91 2.14
N LEU A 10 -27.13 -10.08 2.89
CA LEU A 10 -27.58 -8.78 2.39
C LEU A 10 -26.59 -7.69 2.75
N ALA A 11 -26.12 -6.97 1.73
CA ALA A 11 -25.17 -5.89 1.94
C ALA A 11 -25.28 -4.84 0.83
N SER A 12 -24.84 -3.62 1.13
CA SER A 12 -24.90 -2.53 0.16
C SER A 12 -23.88 -1.45 0.50
N THR A 13 -23.64 -0.55 -0.44
CA THR A 13 -22.68 0.54 -0.24
C THR A 13 -23.36 1.75 0.38
N THR A 14 -22.60 2.48 1.20
CA THR A 14 -23.12 3.66 1.87
C THR A 14 -22.27 4.88 1.56
N GLU A 15 -22.91 5.98 1.19
CA GLU A 15 -22.21 7.22 0.88
C GLU A 15 -21.14 7.52 1.93
N GLY A 16 -19.91 7.66 1.47
CA GLY A 16 -18.81 7.94 2.38
C GLY A 16 -17.55 7.18 2.03
N ALA A 17 -16.40 7.79 2.30
CA ALA A 17 -15.12 7.16 2.01
C ALA A 17 -14.00 7.82 2.81
N PRO A 18 -12.95 7.03 3.10
CA PRO A 18 -11.79 7.51 3.86
C PRO A 18 -10.95 8.51 3.06
N SER A 19 -11.28 9.78 3.17
CA SER A 19 -10.56 10.84 2.46
C SER A 19 -9.26 11.19 3.17
N VAL A 20 -8.54 10.16 3.61
CA VAL A 20 -7.28 10.35 4.32
C VAL A 20 -6.40 9.10 4.22
N ALA A 21 -5.13 9.26 4.55
CA ALA A 21 -4.18 8.16 4.49
C ALA A 21 -3.53 7.92 5.85
N PRO A 22 -2.87 6.77 6.01
CA PRO A 22 -2.20 6.39 7.25
C PRO A 22 -0.98 7.24 7.53
N LEU A 23 -0.62 7.37 8.81
CA LEU A 23 0.54 8.16 9.21
C LEU A 23 1.70 7.26 9.62
N ASN A 24 2.81 7.87 10.01
CA ASN A 24 3.99 7.13 10.43
C ASN A 24 4.27 5.96 9.48
N VAL A 25 4.18 6.23 8.18
CA VAL A 25 4.43 5.22 7.17
C VAL A 25 5.92 5.06 6.90
N THR A 26 6.46 3.90 7.25
CA THR A 26 7.89 3.62 7.04
C THR A 26 8.09 2.24 6.41
N VAL A 27 9.28 2.01 5.88
CA VAL A 27 9.61 0.75 5.24
C VAL A 27 11.01 0.29 5.61
N PHE A 28 11.11 -0.89 6.21
CA PHE A 28 12.40 -1.44 6.62
C PHE A 28 12.76 -2.65 5.76
N LEU A 29 13.97 -2.65 5.22
CA LEU A 29 14.44 -3.74 4.38
C LEU A 29 15.09 -4.82 5.23
N ASN A 30 14.61 -6.06 5.09
CA ASN A 30 15.15 -7.18 5.84
C ASN A 30 16.03 -8.05 4.96
N GLU A 31 17.35 -7.97 5.18
CA GLU A 31 18.30 -8.76 4.40
C GLU A 31 18.49 -10.15 5.01
N SER A 32 17.95 -10.34 6.21
CA SER A 32 18.06 -11.62 6.89
C SER A 32 17.19 -12.68 6.22
N SER A 33 16.02 -12.25 5.75
CA SER A 33 15.09 -13.16 5.09
C SER A 33 14.64 -12.59 3.74
N ASP A 34 15.47 -11.72 3.17
CA ASP A 34 15.16 -11.10 1.89
C ASP A 34 13.70 -10.67 1.82
N ASN A 35 13.24 -10.02 2.90
CA ASN A 35 11.87 -9.55 2.97
C ASN A 35 11.82 -8.05 3.21
N VAL A 36 10.61 -7.50 3.25
CA VAL A 36 10.42 -6.07 3.47
C VAL A 36 9.34 -5.81 4.52
N ASP A 37 9.74 -5.19 5.63
CA ASP A 37 8.80 -4.87 6.70
C ASP A 37 8.20 -3.48 6.51
N ILE A 38 6.95 -3.32 6.92
CA ILE A 38 6.25 -2.05 6.80
C ILE A 38 5.46 -1.73 8.06
N ARG A 39 5.51 -0.47 8.49
CA ARG A 39 4.79 -0.03 9.68
C ARG A 39 4.12 1.31 9.45
N TRP A 40 2.84 1.39 9.80
CA TRP A 40 2.08 2.62 9.64
C TRP A 40 1.13 2.84 10.80
N MET A 41 0.41 3.96 10.77
CA MET A 41 -0.53 4.29 11.84
C MET A 41 -1.93 4.51 11.27
N LYS A 42 -2.93 4.39 12.14
CA LYS A 42 -4.32 4.58 11.72
C LYS A 42 -4.64 6.06 11.58
N PRO A 43 -5.32 6.41 10.47
CA PRO A 43 -5.71 7.79 10.19
C PRO A 43 -6.81 8.29 11.13
N PRO A 44 -6.96 9.62 11.22
CA PRO A 44 -7.96 10.25 12.07
C PRO A 44 -9.38 10.03 11.56
N THR A 45 -9.51 9.23 10.49
CA THR A 45 -10.80 8.94 9.90
C THR A 45 -11.89 8.88 10.97
N LYS A 46 -13.00 9.55 10.71
CA LYS A 46 -14.12 9.56 11.64
C LYS A 46 -15.30 8.74 11.12
N GLN A 47 -16.36 8.65 11.90
CA GLN A 47 -17.54 7.90 11.51
C GLN A 47 -17.94 8.21 10.07
N GLN A 48 -17.77 9.47 9.68
CA GLN A 48 -18.11 9.89 8.33
C GLN A 48 -17.65 8.87 7.30
N ASP A 49 -16.37 8.52 7.36
CA ASP A 49 -15.81 7.54 6.43
C ASP A 49 -16.27 6.13 6.77
N GLY A 50 -16.14 5.77 8.05
CA GLY A 50 -16.54 4.45 8.49
C GLY A 50 -15.41 3.68 9.15
N GLU A 51 -15.75 2.82 10.10
CA GLU A 51 -14.75 2.03 10.81
C GLU A 51 -13.80 1.35 9.83
N LEU A 52 -12.51 1.63 9.98
CA LEU A 52 -11.50 1.05 9.11
C LEU A 52 -11.46 -0.47 9.26
N VAL A 53 -11.54 -1.17 8.13
CA VAL A 53 -11.51 -2.62 8.13
C VAL A 53 -10.13 -3.15 7.76
N GLY A 54 -9.34 -2.30 7.11
CA GLY A 54 -8.00 -2.69 6.71
C GLY A 54 -7.31 -1.63 5.87
N TYR A 55 -6.15 -1.98 5.32
CA TYR A 55 -5.39 -1.05 4.50
C TYR A 55 -5.03 -1.67 3.16
N ARG A 56 -4.63 -0.83 2.21
CA ARG A 56 -4.25 -1.30 0.88
C ARG A 56 -2.80 -0.94 0.57
N ILE A 57 -1.93 -1.95 0.61
CA ILE A 57 -0.51 -1.74 0.33
C ILE A 57 -0.19 -2.07 -1.12
N SER A 58 0.24 -1.06 -1.87
CA SER A 58 0.59 -1.24 -3.27
C SER A 58 2.11 -1.22 -3.47
N HIS A 59 2.69 -2.41 -3.61
CA HIS A 59 4.13 -2.54 -3.81
C HIS A 59 4.45 -3.01 -5.22
N VAL A 60 4.99 -2.11 -6.03
CA VAL A 60 5.35 -2.42 -7.41
C VAL A 60 6.86 -2.51 -7.58
N TRP A 61 7.29 -3.32 -8.55
CA TRP A 61 8.71 -3.48 -8.81
C TRP A 61 9.05 -3.09 -10.25
N GLN A 62 9.81 -2.01 -10.40
CA GLN A 62 10.20 -1.52 -11.71
C GLN A 62 11.70 -1.66 -11.92
N SER A 63 12.09 -2.53 -12.85
CA SER A 63 13.51 -2.75 -13.14
C SER A 63 13.78 -2.53 -14.62
N ALA A 64 15.04 -2.23 -14.93
CA ALA A 64 15.45 -2.01 -16.32
C ALA A 64 15.24 -3.26 -17.16
N GLY A 65 14.17 -3.28 -17.94
CA GLY A 65 13.87 -4.41 -18.79
C GLY A 65 12.76 -5.28 -18.23
N ILE A 66 12.52 -5.17 -16.92
CA ILE A 66 11.48 -5.94 -16.26
C ILE A 66 10.64 -5.06 -15.35
N SER A 67 9.34 -4.99 -15.63
CA SER A 67 8.42 -4.19 -14.84
C SER A 67 7.23 -5.02 -14.38
N LYS A 68 7.22 -5.37 -13.09
CA LYS A 68 6.14 -6.16 -12.53
C LYS A 68 5.40 -5.38 -11.44
N GLU A 69 4.17 -5.80 -11.15
CA GLU A 69 3.36 -5.13 -10.13
C GLU A 69 2.71 -6.15 -9.21
N LEU A 70 2.62 -5.82 -7.93
CA LEU A 70 2.01 -6.70 -6.94
C LEU A 70 1.12 -5.92 -5.99
N LEU A 71 0.19 -6.63 -5.34
CA LEU A 71 -0.72 -6.00 -4.40
C LEU A 71 -0.92 -6.88 -3.17
N GLU A 72 -0.82 -6.27 -1.99
CA GLU A 72 -1.00 -7.00 -0.74
C GLU A 72 -2.32 -6.64 -0.08
N GLU A 73 -2.78 -7.50 0.83
CA GLU A 73 -4.03 -7.28 1.52
C GLU A 73 -3.84 -7.37 3.03
N VAL A 74 -4.31 -6.35 3.74
CA VAL A 74 -4.19 -6.32 5.20
C VAL A 74 -5.49 -5.88 5.85
N GLY A 75 -5.83 -6.50 6.97
CA GLY A 75 -7.05 -6.15 7.68
C GLY A 75 -6.86 -4.98 8.62
N GLN A 76 -7.80 -4.82 9.55
CA GLN A 76 -7.74 -3.73 10.52
C GLN A 76 -6.95 -4.15 11.76
N ASN A 77 -6.44 -5.37 11.74
CA ASN A 77 -5.67 -5.90 12.87
C ASN A 77 -4.22 -6.16 12.46
N GLY A 78 -4.03 -6.63 11.23
CA GLY A 78 -2.70 -6.91 10.74
C GLY A 78 -1.67 -5.89 11.22
N SER A 79 -2.00 -4.62 11.06
CA SER A 79 -1.10 -3.54 11.49
C SER A 79 0.35 -3.90 11.18
N ARG A 80 0.55 -4.71 10.15
CA ARG A 80 1.89 -5.13 9.74
C ARG A 80 1.85 -5.95 8.45
N ALA A 81 2.71 -5.60 7.51
CA ALA A 81 2.77 -6.31 6.23
C ALA A 81 4.21 -6.68 5.88
N ARG A 82 4.37 -7.80 5.19
CA ARG A 82 5.70 -8.28 4.79
C ARG A 82 5.70 -8.71 3.33
N ILE A 83 6.82 -8.51 2.66
CA ILE A 83 6.95 -8.90 1.26
C ILE A 83 8.32 -9.51 0.98
N SER A 84 8.32 -10.61 0.24
CA SER A 84 9.56 -11.31 -0.10
C SER A 84 10.17 -10.74 -1.38
N VAL A 85 11.28 -10.02 -1.23
CA VAL A 85 11.96 -9.42 -2.37
C VAL A 85 11.85 -10.30 -3.60
N GLN A 86 10.95 -9.94 -4.50
CA GLN A 86 10.75 -10.71 -5.74
C GLN A 86 11.80 -10.35 -6.78
N VAL A 87 12.23 -9.09 -6.77
CA VAL A 87 13.23 -8.62 -7.72
C VAL A 87 14.29 -7.76 -7.03
N HIS A 88 15.55 -7.97 -7.40
CA HIS A 88 16.65 -7.22 -6.81
C HIS A 88 17.20 -6.20 -7.80
N ASN A 89 17.89 -5.19 -7.29
CA ASN A 89 18.47 -4.14 -8.12
C ASN A 89 17.38 -3.41 -8.90
N ALA A 90 16.22 -3.24 -8.27
CA ALA A 90 15.11 -2.55 -8.91
C ALA A 90 14.49 -1.52 -7.96
N THR A 91 13.76 -0.57 -8.54
CA THR A 91 13.12 0.47 -7.74
C THR A 91 11.69 0.09 -7.37
N CYS A 92 11.44 -0.04 -6.08
CA CYS A 92 10.11 -0.41 -5.59
C CYS A 92 9.45 0.76 -4.88
N THR A 93 8.16 0.96 -5.13
CA THR A 93 7.41 2.04 -4.52
C THR A 93 6.31 1.51 -3.60
N VAL A 94 6.42 1.84 -2.32
CA VAL A 94 5.44 1.38 -1.34
C VAL A 94 4.37 2.45 -1.10
N ARG A 95 3.12 2.02 -0.98
CA ARG A 95 2.01 2.95 -0.75
C ARG A 95 0.91 2.27 0.06
N ILE A 96 0.56 2.87 1.19
CA ILE A 96 -0.49 2.33 2.06
C ILE A 96 -1.66 3.30 2.16
N ALA A 97 -2.88 2.75 2.12
CA ALA A 97 -4.08 3.55 2.21
C ALA A 97 -5.08 2.94 3.19
N ALA A 98 -6.10 3.72 3.56
CA ALA A 98 -7.11 3.25 4.49
C ALA A 98 -8.33 2.71 3.74
N VAL A 99 -8.79 1.53 4.15
CA VAL A 99 -9.94 0.90 3.52
C VAL A 99 -11.08 0.73 4.52
N THR A 100 -12.29 1.08 4.09
CA THR A 100 -13.47 0.97 4.95
C THR A 100 -14.56 0.14 4.28
N ARG A 101 -15.67 -0.05 4.98
CA ARG A 101 -16.78 -0.82 4.46
C ARG A 101 -17.55 -0.02 3.41
N GLY A 102 -17.08 1.19 3.13
CA GLY A 102 -17.73 2.04 2.16
C GLY A 102 -16.94 2.18 0.87
N GLY A 103 -15.66 2.50 1.00
CA GLY A 103 -14.81 2.65 -0.16
C GLY A 103 -13.34 2.78 0.20
N VAL A 104 -12.48 2.74 -0.81
CA VAL A 104 -11.05 2.85 -0.60
C VAL A 104 -10.59 4.30 -0.71
N GLY A 105 -9.79 4.74 0.25
CA GLY A 105 -9.29 6.11 0.23
C GLY A 105 -7.98 6.24 -0.52
N PRO A 106 -7.46 7.48 -0.62
CA PRO A 106 -6.21 7.76 -1.31
C PRO A 106 -4.99 7.21 -0.56
N PHE A 107 -3.98 6.81 -1.31
CA PHE A 107 -2.76 6.26 -0.72
C PHE A 107 -1.85 7.37 -0.22
N SER A 108 -1.00 7.04 0.74
CA SER A 108 -0.07 8.01 1.32
C SER A 108 1.04 8.36 0.34
N ASP A 109 1.99 9.17 0.79
CA ASP A 109 3.12 9.57 -0.05
C ASP A 109 3.92 8.36 -0.51
N PRO A 110 4.22 8.30 -1.81
CA PRO A 110 4.98 7.20 -2.40
C PRO A 110 6.45 7.21 -1.97
N VAL A 111 6.97 6.03 -1.66
CA VAL A 111 8.36 5.91 -1.23
C VAL A 111 9.14 4.97 -2.15
N LYS A 112 10.12 5.51 -2.85
CA LYS A 112 10.94 4.72 -3.77
C LYS A 112 12.18 4.19 -3.06
N ILE A 113 12.18 2.90 -2.75
CA ILE A 113 13.30 2.27 -2.08
C ILE A 113 14.16 1.48 -3.07
N PHE A 114 15.46 1.71 -3.03
CA PHE A 114 16.40 1.02 -3.92
C PHE A 114 16.74 -0.35 -3.37
N ILE A 115 16.42 -1.39 -4.14
CA ILE A 115 16.70 -2.76 -3.73
C ILE A 115 18.12 -3.16 -4.08
N PRO A 116 18.96 -3.35 -3.05
CA PRO A 116 20.36 -3.73 -3.22
C PRO A 116 20.51 -5.17 -3.73
N ALA A 117 21.20 -5.32 -4.86
CA ALA A 117 21.42 -6.63 -5.45
C ALA A 117 21.76 -7.67 -4.38
N HIS A 118 21.54 -8.94 -4.69
CA HIS A 118 21.83 -10.02 -3.76
C HIS A 118 22.74 -11.06 -4.40
N SER A 119 23.79 -11.45 -3.68
CA SER A 119 24.74 -12.44 -4.18
C SER A 119 24.70 -13.71 -3.34
N GLY A 120 24.48 -14.84 -4.00
CA GLY A 120 24.42 -16.10 -3.30
C GLY A 120 24.15 -17.27 -4.23
N PRO A 121 24.85 -18.40 -3.99
CA PRO A 121 24.70 -19.60 -4.82
C PRO A 121 23.35 -20.28 -4.61
N SER A 122 22.66 -20.57 -5.70
CA SER A 122 21.36 -21.21 -5.65
C SER A 122 21.47 -22.64 -5.13
N SER A 123 22.46 -23.37 -5.66
CA SER A 123 22.68 -24.75 -5.25
C SER A 123 23.87 -24.85 -4.31
N GLY A 124 23.88 -25.89 -3.47
CA GLY A 124 24.96 -26.08 -2.54
C GLY A 124 24.76 -27.31 -1.67
N GLY A 1 -39.52 27.38 -24.18
CA GLY A 1 -38.78 26.14 -23.98
C GLY A 1 -39.67 24.99 -23.53
N SER A 2 -39.19 23.77 -23.73
CA SER A 2 -39.96 22.59 -23.35
C SER A 2 -39.05 21.50 -22.80
N SER A 3 -39.64 20.45 -22.26
CA SER A 3 -38.89 19.33 -21.70
C SER A 3 -39.74 18.07 -21.63
N GLY A 4 -39.09 16.92 -21.79
CA GLY A 4 -39.80 15.66 -21.74
C GLY A 4 -39.46 14.84 -20.50
N SER A 5 -39.47 13.52 -20.65
CA SER A 5 -39.17 12.63 -19.54
C SER A 5 -38.40 11.40 -20.02
N SER A 6 -37.52 10.90 -19.18
CA SER A 6 -36.71 9.72 -19.53
C SER A 6 -35.88 9.26 -18.34
N GLY A 7 -35.18 8.14 -18.50
CA GLY A 7 -34.36 7.61 -17.43
C GLY A 7 -33.09 8.41 -17.22
N TRP A 8 -32.09 7.79 -16.62
CA TRP A 8 -30.82 8.44 -16.36
C TRP A 8 -29.75 7.43 -15.97
N ILE A 9 -28.49 7.81 -16.16
CA ILE A 9 -27.37 6.93 -15.83
C ILE A 9 -27.26 6.73 -14.32
N LEU A 10 -26.99 5.49 -13.92
CA LEU A 10 -26.87 5.16 -12.50
C LEU A 10 -25.53 5.64 -11.96
N ALA A 11 -25.55 6.79 -11.28
CA ALA A 11 -24.34 7.35 -10.69
C ALA A 11 -24.45 7.42 -9.17
N SER A 12 -24.18 6.29 -8.52
CA SER A 12 -24.25 6.23 -7.06
C SER A 12 -23.48 7.38 -6.43
N THR A 13 -23.96 7.84 -5.28
CA THR A 13 -23.31 8.94 -4.56
C THR A 13 -21.80 8.88 -4.71
N THR A 14 -21.25 9.80 -5.50
CA THR A 14 -19.80 9.86 -5.72
C THR A 14 -19.06 10.04 -4.42
N GLU A 15 -19.78 10.45 -3.37
CA GLU A 15 -19.17 10.67 -2.06
C GLU A 15 -19.39 9.45 -1.16
N GLY A 16 -18.34 9.08 -0.42
CA GLY A 16 -18.44 7.95 0.47
C GLY A 16 -17.20 7.06 0.43
N ALA A 17 -16.13 7.52 1.07
CA ALA A 17 -14.88 6.77 1.09
C ALA A 17 -13.85 7.45 1.99
N PRO A 18 -12.89 6.66 2.48
CA PRO A 18 -11.82 7.17 3.35
C PRO A 18 -10.84 8.06 2.61
N SER A 19 -11.13 9.36 2.58
CA SER A 19 -10.27 10.32 1.90
C SER A 19 -9.05 10.66 2.76
N VAL A 20 -8.45 9.63 3.35
CA VAL A 20 -7.27 9.82 4.20
C VAL A 20 -6.37 8.59 4.15
N ALA A 21 -5.07 8.82 4.25
CA ALA A 21 -4.09 7.73 4.23
C ALA A 21 -3.48 7.52 5.60
N PRO A 22 -2.79 6.38 5.78
CA PRO A 22 -2.14 6.03 7.04
C PRO A 22 -0.94 6.92 7.35
N LEU A 23 -0.56 6.97 8.62
CA LEU A 23 0.57 7.80 9.05
C LEU A 23 1.76 6.92 9.43
N ASN A 24 2.80 7.55 9.95
CA ASN A 24 4.01 6.84 10.36
C ASN A 24 4.40 5.80 9.31
N VAL A 25 4.08 6.08 8.05
CA VAL A 25 4.40 5.17 6.96
C VAL A 25 5.90 5.09 6.73
N THR A 26 6.49 3.94 7.12
CA THR A 26 7.93 3.74 6.95
C THR A 26 8.22 2.48 6.16
N VAL A 27 9.46 2.34 5.69
CA VAL A 27 9.87 1.17 4.93
C VAL A 27 11.26 0.72 5.33
N PHE A 28 11.35 -0.50 5.85
CA PHE A 28 12.62 -1.07 6.27
C PHE A 28 12.93 -2.36 5.51
N LEU A 29 14.09 -2.39 4.87
CA LEU A 29 14.51 -3.55 4.10
C LEU A 29 15.22 -4.56 4.99
N ASN A 30 14.54 -5.65 5.31
CA ASN A 30 15.11 -6.70 6.15
C ASN A 30 16.32 -7.34 5.48
N GLU A 31 17.51 -7.06 6.01
CA GLU A 31 18.74 -7.61 5.45
C GLU A 31 18.95 -9.05 5.91
N SER A 32 18.58 -9.32 7.16
CA SER A 32 18.73 -10.66 7.72
C SER A 32 17.74 -11.63 7.07
N SER A 33 16.59 -11.11 6.67
CA SER A 33 15.56 -11.94 6.04
C SER A 33 15.12 -11.33 4.71
N ASP A 34 15.05 -12.17 3.68
CA ASP A 34 14.64 -11.73 2.36
C ASP A 34 13.18 -11.28 2.35
N ASN A 35 12.92 -10.10 2.89
CA ASN A 35 11.56 -9.56 2.95
C ASN A 35 11.58 -8.07 3.23
N VAL A 36 10.40 -7.45 3.20
CA VAL A 36 10.28 -6.02 3.44
C VAL A 36 9.32 -5.74 4.60
N ASP A 37 9.81 -5.03 5.60
CA ASP A 37 8.99 -4.69 6.77
C ASP A 37 8.35 -3.32 6.60
N ILE A 38 7.07 -3.23 6.95
CA ILE A 38 6.35 -1.96 6.84
C ILE A 38 5.54 -1.68 8.10
N ARG A 39 5.51 -0.42 8.50
CA ARG A 39 4.77 -0.02 9.69
C ARG A 39 4.10 1.34 9.49
N TRP A 40 2.84 1.44 9.91
CA TRP A 40 2.08 2.67 9.78
C TRP A 40 1.17 2.89 10.98
N MET A 41 0.53 4.06 11.02
CA MET A 41 -0.38 4.39 12.12
C MET A 41 -1.83 4.38 11.64
N LYS A 42 -2.76 4.37 12.59
CA LYS A 42 -4.18 4.35 12.27
C LYS A 42 -4.65 5.74 11.85
N PRO A 43 -5.46 5.80 10.78
CA PRO A 43 -5.99 7.06 10.25
C PRO A 43 -7.02 7.68 11.19
N PRO A 44 -7.30 8.98 10.96
CA PRO A 44 -8.26 9.73 11.77
C PRO A 44 -9.70 9.27 11.54
N THR A 45 -9.86 8.23 10.74
CA THR A 45 -11.18 7.69 10.43
C THR A 45 -11.84 7.11 11.67
N LYS A 46 -12.56 7.95 12.40
CA LYS A 46 -13.25 7.52 13.62
C LYS A 46 -14.73 7.88 13.56
N GLN A 47 -15.02 9.11 13.13
CA GLN A 47 -16.40 9.56 13.03
C GLN A 47 -16.71 10.07 11.62
N GLN A 48 -15.68 10.59 10.95
CA GLN A 48 -15.84 11.10 9.59
C GLN A 48 -16.37 10.03 8.66
N ASP A 49 -15.55 9.01 8.39
CA ASP A 49 -15.94 7.93 7.51
C ASP A 49 -16.71 6.85 8.29
N GLY A 50 -16.14 6.43 9.42
CA GLY A 50 -16.79 5.41 10.22
C GLY A 50 -15.79 4.61 11.05
N GLU A 51 -15.51 3.39 10.60
CA GLU A 51 -14.57 2.52 11.30
C GLU A 51 -13.61 1.84 10.32
N LEU A 52 -12.42 1.53 10.80
CA LEU A 52 -11.41 0.88 9.97
C LEU A 52 -11.67 -0.61 9.87
N VAL A 53 -11.69 -1.13 8.64
CA VAL A 53 -11.93 -2.55 8.41
C VAL A 53 -10.67 -3.24 7.88
N GLY A 54 -9.82 -2.46 7.21
CA GLY A 54 -8.59 -3.02 6.66
C GLY A 54 -7.76 -1.97 5.95
N TYR A 55 -6.65 -2.40 5.38
CA TYR A 55 -5.75 -1.49 4.67
C TYR A 55 -5.46 -2.00 3.26
N ARG A 56 -4.90 -1.13 2.43
CA ARG A 56 -4.56 -1.50 1.05
C ARG A 56 -3.15 -1.06 0.70
N ILE A 57 -2.24 -2.03 0.61
CA ILE A 57 -0.85 -1.75 0.29
C ILE A 57 -0.57 -1.98 -1.19
N SER A 58 0.16 -1.06 -1.80
CA SER A 58 0.50 -1.15 -3.21
C SER A 58 2.00 -1.07 -3.43
N HIS A 59 2.63 -2.23 -3.65
CA HIS A 59 4.07 -2.29 -3.87
C HIS A 59 4.38 -2.79 -5.28
N VAL A 60 4.90 -1.89 -6.11
CA VAL A 60 5.25 -2.23 -7.48
C VAL A 60 6.75 -2.28 -7.67
N TRP A 61 7.20 -3.10 -8.61
CA TRP A 61 8.62 -3.24 -8.89
C TRP A 61 8.95 -2.77 -10.31
N GLN A 62 10.09 -2.10 -10.45
CA GLN A 62 10.52 -1.60 -11.76
C GLN A 62 12.01 -1.81 -11.96
N SER A 63 12.37 -2.63 -12.94
CA SER A 63 13.77 -2.90 -13.24
C SER A 63 14.08 -2.65 -14.70
N ALA A 64 15.36 -2.44 -15.01
CA ALA A 64 15.78 -2.18 -16.38
C ALA A 64 15.49 -3.39 -17.27
N GLY A 65 14.41 -3.31 -18.03
CA GLY A 65 14.04 -4.40 -18.91
C GLY A 65 12.94 -5.27 -18.33
N ILE A 66 12.72 -5.17 -17.03
CA ILE A 66 11.70 -5.95 -16.36
C ILE A 66 10.90 -5.09 -15.38
N SER A 67 9.60 -4.96 -15.64
CA SER A 67 8.73 -4.17 -14.78
C SER A 67 7.50 -4.98 -14.36
N LYS A 68 7.39 -5.23 -13.07
CA LYS A 68 6.27 -5.99 -12.53
C LYS A 68 5.49 -5.16 -11.50
N GLU A 69 4.26 -5.58 -11.22
CA GLU A 69 3.42 -4.88 -10.26
C GLU A 69 2.73 -5.86 -9.32
N LEU A 70 2.88 -5.62 -8.02
CA LEU A 70 2.28 -6.49 -7.01
C LEU A 70 1.26 -5.72 -6.17
N LEU A 71 0.35 -6.46 -5.55
CA LEU A 71 -0.69 -5.84 -4.71
C LEU A 71 -0.99 -6.71 -3.50
N GLU A 72 -0.73 -6.17 -2.31
CA GLU A 72 -0.98 -6.89 -1.07
C GLU A 72 -2.32 -6.47 -0.45
N GLU A 73 -2.89 -7.36 0.36
CA GLU A 73 -4.17 -7.08 1.01
C GLU A 73 -4.08 -7.33 2.51
N VAL A 74 -4.37 -6.31 3.30
CA VAL A 74 -4.31 -6.42 4.75
C VAL A 74 -5.64 -5.98 5.38
N GLY A 75 -5.92 -6.50 6.57
CA GLY A 75 -7.15 -6.15 7.26
C GLY A 75 -6.91 -5.31 8.50
N GLN A 76 -7.99 -4.92 9.17
CA GLN A 76 -7.88 -4.11 10.37
C GLN A 76 -6.70 -4.55 11.24
N ASN A 77 -6.45 -5.86 11.24
CA ASN A 77 -5.36 -6.42 12.03
C ASN A 77 -4.07 -6.51 11.20
N GLY A 78 -2.94 -6.58 11.89
CA GLY A 78 -1.67 -6.66 11.20
C GLY A 78 -1.07 -5.30 10.92
N SER A 79 -1.01 -4.45 11.94
CA SER A 79 -0.46 -3.11 11.80
C SER A 79 0.82 -3.14 10.97
N ARG A 80 1.50 -4.28 10.98
CA ARG A 80 2.74 -4.43 10.23
C ARG A 80 2.57 -5.43 9.08
N ALA A 81 3.01 -5.05 7.90
CA ALA A 81 2.91 -5.90 6.72
C ALA A 81 4.29 -6.39 6.29
N ARG A 82 4.31 -7.49 5.54
CA ARG A 82 5.56 -8.05 5.05
C ARG A 82 5.40 -8.55 3.61
N ILE A 83 6.49 -8.50 2.86
CA ILE A 83 6.48 -8.95 1.47
C ILE A 83 7.74 -9.74 1.13
N SER A 84 7.64 -10.59 0.12
CA SER A 84 8.78 -11.40 -0.31
C SER A 84 9.42 -10.83 -1.56
N VAL A 85 10.63 -10.30 -1.42
CA VAL A 85 11.36 -9.72 -2.54
C VAL A 85 11.12 -10.51 -3.81
N GLN A 86 10.32 -9.94 -4.72
CA GLN A 86 10.01 -10.59 -5.98
C GLN A 86 11.09 -10.31 -7.03
N VAL A 87 11.69 -9.12 -6.94
CA VAL A 87 12.73 -8.72 -7.87
C VAL A 87 13.87 -8.00 -7.15
N HIS A 88 15.10 -8.37 -7.48
CA HIS A 88 16.28 -7.75 -6.87
C HIS A 88 16.95 -6.79 -7.83
N ASN A 89 17.70 -5.84 -7.28
CA ASN A 89 18.40 -4.85 -8.09
C ASN A 89 17.41 -4.01 -8.90
N ALA A 90 16.27 -3.72 -8.29
CA ALA A 90 15.25 -2.91 -8.95
C ALA A 90 14.68 -1.86 -8.00
N THR A 91 13.90 -0.93 -8.55
CA THR A 91 13.30 0.13 -7.76
C THR A 91 11.83 -0.16 -7.48
N CYS A 92 11.50 -0.37 -6.20
CA CYS A 92 10.13 -0.65 -5.81
C CYS A 92 9.54 0.51 -5.03
N THR A 93 8.24 0.74 -5.21
CA THR A 93 7.55 1.82 -4.54
C THR A 93 6.49 1.29 -3.58
N VAL A 94 6.68 1.57 -2.29
CA VAL A 94 5.73 1.12 -1.27
C VAL A 94 4.66 2.17 -1.01
N ARG A 95 3.44 1.72 -0.74
CA ARG A 95 2.32 2.62 -0.48
C ARG A 95 1.24 1.92 0.33
N ILE A 96 0.50 2.70 1.11
CA ILE A 96 -0.58 2.15 1.92
C ILE A 96 -1.80 3.06 1.92
N ALA A 97 -2.98 2.46 1.97
CA ALA A 97 -4.23 3.22 1.97
C ALA A 97 -5.22 2.64 2.97
N ALA A 98 -6.00 3.52 3.61
CA ALA A 98 -6.99 3.09 4.59
C ALA A 98 -8.25 2.59 3.90
N VAL A 99 -8.64 1.35 4.23
CA VAL A 99 -9.83 0.76 3.64
C VAL A 99 -10.97 0.69 4.66
N THR A 100 -12.17 1.08 4.22
CA THR A 100 -13.34 1.07 5.09
C THR A 100 -14.49 0.29 4.46
N ARG A 101 -15.62 0.26 5.15
CA ARG A 101 -16.80 -0.45 4.65
C ARG A 101 -17.43 0.30 3.48
N GLY A 102 -16.90 1.49 3.19
CA GLY A 102 -17.42 2.28 2.10
C GLY A 102 -16.66 2.08 0.80
N GLY A 103 -15.33 2.15 0.89
CA GLY A 103 -14.51 1.96 -0.29
C GLY A 103 -13.03 2.20 -0.02
N VAL A 104 -12.20 1.90 -1.00
CA VAL A 104 -10.76 2.09 -0.85
C VAL A 104 -10.35 3.52 -1.18
N GLY A 105 -9.76 4.19 -0.20
CA GLY A 105 -9.33 5.57 -0.40
C GLY A 105 -7.94 5.66 -1.00
N PRO A 106 -7.41 6.88 -1.08
CA PRO A 106 -6.06 7.13 -1.64
C PRO A 106 -4.96 6.61 -0.73
N PHE A 107 -3.85 6.20 -1.34
CA PHE A 107 -2.72 5.66 -0.59
C PHE A 107 -1.86 6.80 -0.02
N SER A 108 -0.85 6.44 0.76
CA SER A 108 0.03 7.43 1.36
C SER A 108 1.12 7.84 0.39
N ASP A 109 2.02 8.72 0.84
CA ASP A 109 3.12 9.19 0.02
C ASP A 109 4.00 8.03 -0.45
N PRO A 110 4.27 7.98 -1.76
CA PRO A 110 5.09 6.94 -2.36
C PRO A 110 6.56 7.04 -1.96
N VAL A 111 7.12 5.94 -1.47
CA VAL A 111 8.51 5.90 -1.05
C VAL A 111 9.33 4.96 -1.92
N LYS A 112 10.24 5.52 -2.72
CA LYS A 112 11.09 4.73 -3.60
C LYS A 112 12.15 3.98 -2.79
N ILE A 113 12.14 2.66 -2.91
CA ILE A 113 13.11 1.83 -2.20
C ILE A 113 14.05 1.12 -3.18
N PHE A 114 15.33 1.10 -2.84
CA PHE A 114 16.34 0.45 -3.69
C PHE A 114 16.60 -0.98 -3.21
N ILE A 115 16.27 -1.94 -4.07
CA ILE A 115 16.48 -3.34 -3.74
C ILE A 115 17.85 -3.82 -4.22
N PRO A 116 18.77 -4.04 -3.26
CA PRO A 116 20.12 -4.51 -3.56
C PRO A 116 20.15 -5.96 -4.05
N ALA A 117 20.98 -6.23 -5.04
CA ALA A 117 21.11 -7.56 -5.61
C ALA A 117 21.59 -8.55 -4.56
N HIS A 118 21.30 -9.83 -4.77
CA HIS A 118 21.71 -10.88 -3.85
C HIS A 118 21.68 -10.38 -2.41
N SER A 119 20.53 -9.85 -2.00
CA SER A 119 20.37 -9.33 -0.64
C SER A 119 20.86 -10.33 0.39
N GLY A 120 22.00 -10.04 1.00
CA GLY A 120 22.56 -10.94 2.00
C GLY A 120 23.81 -10.37 2.64
N PRO A 121 24.01 -10.66 3.93
CA PRO A 121 25.17 -10.20 4.69
C PRO A 121 26.46 -10.88 4.25
N SER A 122 27.52 -10.10 4.10
CA SER A 122 28.82 -10.64 3.69
C SER A 122 29.44 -11.47 4.81
N SER A 123 29.29 -12.79 4.70
CA SER A 123 29.83 -13.70 5.70
C SER A 123 29.22 -13.44 7.07
N GLY A 124 27.92 -13.15 7.08
CA GLY A 124 27.23 -12.89 8.33
C GLY A 124 26.12 -13.88 8.60
N GLY A 1 -21.85 14.94 -41.81
CA GLY A 1 -21.20 13.66 -41.59
C GLY A 1 -21.85 12.87 -40.47
N SER A 2 -23.04 12.36 -40.72
CA SER A 2 -23.77 11.58 -39.72
C SER A 2 -23.12 10.22 -39.52
N SER A 3 -22.66 9.98 -38.29
CA SER A 3 -22.00 8.72 -37.95
C SER A 3 -21.85 8.57 -36.45
N GLY A 4 -22.37 7.48 -35.91
CA GLY A 4 -22.28 7.23 -34.47
C GLY A 4 -20.85 6.96 -34.03
N SER A 5 -20.54 7.37 -32.80
CA SER A 5 -19.19 7.16 -32.26
C SER A 5 -19.26 6.59 -30.85
N SER A 6 -18.11 6.23 -30.30
CA SER A 6 -18.03 5.66 -28.96
C SER A 6 -18.45 6.69 -27.92
N GLY A 7 -18.88 6.20 -26.76
CA GLY A 7 -19.30 7.09 -25.69
C GLY A 7 -19.83 6.34 -24.49
N TRP A 8 -19.05 6.31 -23.42
CA TRP A 8 -19.46 5.61 -22.20
C TRP A 8 -20.45 6.45 -21.39
N ILE A 9 -21.01 5.86 -20.35
CA ILE A 9 -21.97 6.55 -19.50
C ILE A 9 -21.36 6.90 -18.15
N LEU A 10 -21.76 8.05 -17.60
CA LEU A 10 -21.25 8.50 -16.32
C LEU A 10 -22.35 9.20 -15.52
N ALA A 11 -22.06 9.48 -14.26
CA ALA A 11 -23.02 10.15 -13.38
C ALA A 11 -22.35 10.64 -12.10
N SER A 12 -22.99 11.58 -11.43
CA SER A 12 -22.45 12.14 -10.18
C SER A 12 -22.96 11.34 -8.98
N THR A 13 -22.16 10.36 -8.55
CA THR A 13 -22.52 9.52 -7.42
C THR A 13 -22.03 10.13 -6.11
N THR A 14 -22.72 9.82 -5.02
CA THR A 14 -22.35 10.34 -3.71
C THR A 14 -22.17 9.22 -2.70
N GLU A 15 -21.15 9.34 -1.85
CA GLU A 15 -20.86 8.33 -0.84
C GLU A 15 -19.81 8.83 0.14
N GLY A 16 -19.55 8.03 1.17
CA GLY A 16 -18.56 8.40 2.17
C GLY A 16 -17.35 7.49 2.14
N ALA A 17 -16.24 8.00 1.61
CA ALA A 17 -15.00 7.23 1.52
C ALA A 17 -13.90 7.87 2.36
N PRO A 18 -12.93 7.04 2.80
CA PRO A 18 -11.80 7.51 3.60
C PRO A 18 -10.84 8.39 2.82
N SER A 19 -11.10 9.69 2.81
CA SER A 19 -10.26 10.64 2.08
C SER A 19 -9.00 10.96 2.88
N VAL A 20 -8.38 9.93 3.44
CA VAL A 20 -7.17 10.10 4.23
C VAL A 20 -6.36 8.81 4.28
N ALA A 21 -5.04 8.94 4.28
CA ALA A 21 -4.15 7.79 4.33
C ALA A 21 -3.54 7.62 5.71
N PRO A 22 -2.89 6.46 5.95
CA PRO A 22 -2.26 6.15 7.22
C PRO A 22 -1.03 7.00 7.48
N LEU A 23 -0.69 7.18 8.76
CA LEU A 23 0.47 7.98 9.14
C LEU A 23 1.64 7.08 9.52
N ASN A 24 2.72 7.70 9.97
CA ASN A 24 3.92 6.96 10.36
C ASN A 24 4.27 5.90 9.32
N VAL A 25 4.03 6.22 8.06
CA VAL A 25 4.33 5.31 6.97
C VAL A 25 5.83 5.13 6.79
N THR A 26 6.33 3.94 7.14
CA THR A 26 7.75 3.64 7.04
C THR A 26 7.96 2.24 6.47
N VAL A 27 9.13 2.04 5.85
CA VAL A 27 9.46 0.74 5.27
C VAL A 27 10.94 0.41 5.48
N PHE A 28 11.20 -0.77 6.02
CA PHE A 28 12.57 -1.21 6.26
C PHE A 28 12.92 -2.43 5.41
N LEU A 29 14.20 -2.56 5.09
CA LEU A 29 14.66 -3.69 4.28
C LEU A 29 15.55 -4.61 5.09
N ASN A 30 15.33 -5.91 4.96
CA ASN A 30 16.12 -6.91 5.68
C ASN A 30 17.17 -7.54 4.77
N GLU A 31 18.44 -7.29 5.07
CA GLU A 31 19.53 -7.84 4.28
C GLU A 31 19.71 -9.32 4.56
N SER A 32 19.56 -9.72 5.82
CA SER A 32 19.71 -11.11 6.22
C SER A 32 18.58 -11.96 5.64
N SER A 33 17.38 -11.38 5.56
CA SER A 33 16.22 -12.09 5.03
C SER A 33 15.50 -11.24 3.99
N ASP A 34 15.14 -11.86 2.87
CA ASP A 34 14.46 -11.18 1.79
C ASP A 34 13.03 -10.80 2.21
N ASN A 35 12.92 -9.74 3.01
CA ASN A 35 11.62 -9.28 3.49
C ASN A 35 11.63 -7.77 3.72
N VAL A 36 10.50 -7.13 3.44
CA VAL A 36 10.37 -5.69 3.61
C VAL A 36 9.41 -5.35 4.74
N ASP A 37 9.95 -4.88 5.86
CA ASP A 37 9.12 -4.52 7.00
C ASP A 37 8.29 -3.28 6.71
N ILE A 38 7.03 -3.30 7.13
CA ILE A 38 6.13 -2.17 6.92
C ILE A 38 5.31 -1.87 8.17
N ARG A 39 5.31 -0.60 8.57
CA ARG A 39 4.58 -0.17 9.76
C ARG A 39 3.90 1.17 9.52
N TRP A 40 2.66 1.30 9.99
CA TRP A 40 1.91 2.53 9.82
C TRP A 40 1.05 2.82 11.06
N MET A 41 0.26 3.87 10.99
CA MET A 41 -0.61 4.24 12.10
C MET A 41 -2.04 4.45 11.63
N LYS A 42 -2.98 4.49 12.57
CA LYS A 42 -4.39 4.68 12.25
C LYS A 42 -4.70 6.14 11.99
N PRO A 43 -5.42 6.41 10.89
CA PRO A 43 -5.80 7.78 10.51
C PRO A 43 -6.83 8.38 11.46
N PRO A 44 -7.03 9.70 11.35
CA PRO A 44 -7.98 10.44 12.19
C PRO A 44 -9.43 10.09 11.86
N THR A 45 -9.62 9.14 10.96
CA THR A 45 -10.95 8.71 10.56
C THR A 45 -11.92 8.76 11.73
N LYS A 46 -13.11 9.27 11.48
CA LYS A 46 -14.14 9.37 12.51
C LYS A 46 -15.31 8.45 12.21
N GLN A 47 -15.97 7.98 13.27
CA GLN A 47 -17.13 7.09 13.11
C GLN A 47 -18.07 7.62 12.03
N GLN A 48 -18.24 8.93 11.98
CA GLN A 48 -19.12 9.56 11.01
C GLN A 48 -18.68 9.23 9.59
N ASP A 49 -17.37 9.10 9.39
CA ASP A 49 -16.82 8.79 8.08
C ASP A 49 -16.77 7.28 7.86
N GLY A 50 -16.81 6.52 8.94
CA GLY A 50 -16.78 5.07 8.85
C GLY A 50 -15.67 4.47 9.69
N GLU A 51 -15.86 3.20 10.07
CA GLU A 51 -14.87 2.50 10.89
C GLU A 51 -13.90 1.71 10.01
N LEU A 52 -12.60 1.96 10.20
CA LEU A 52 -11.57 1.27 9.43
C LEU A 52 -11.72 -0.24 9.55
N VAL A 53 -11.73 -0.92 8.40
CA VAL A 53 -11.86 -2.38 8.39
C VAL A 53 -10.59 -3.03 7.87
N GLY A 54 -9.62 -2.21 7.48
CA GLY A 54 -8.36 -2.72 6.96
C GLY A 54 -7.60 -1.70 6.16
N TYR A 55 -6.51 -2.13 5.53
CA TYR A 55 -5.69 -1.24 4.72
C TYR A 55 -5.44 -1.83 3.34
N ARG A 56 -4.79 -1.06 2.48
CA ARG A 56 -4.49 -1.51 1.12
C ARG A 56 -3.07 -1.12 0.73
N ILE A 57 -2.17 -2.12 0.70
CA ILE A 57 -0.79 -1.88 0.34
C ILE A 57 -0.56 -2.09 -1.15
N SER A 58 0.25 -1.22 -1.75
CA SER A 58 0.55 -1.30 -3.17
C SER A 58 2.05 -1.27 -3.42
N HIS A 59 2.65 -2.44 -3.63
CA HIS A 59 4.07 -2.55 -3.88
C HIS A 59 4.35 -2.95 -5.32
N VAL A 60 5.08 -2.10 -6.03
CA VAL A 60 5.41 -2.37 -7.43
C VAL A 60 6.92 -2.43 -7.64
N TRP A 61 7.35 -3.25 -8.59
CA TRP A 61 8.77 -3.39 -8.88
C TRP A 61 9.08 -2.96 -10.31
N GLN A 62 10.03 -2.03 -10.45
CA GLN A 62 10.41 -1.52 -11.75
C GLN A 62 11.93 -1.65 -11.96
N SER A 63 12.32 -2.58 -12.82
CA SER A 63 13.74 -2.81 -13.10
C SER A 63 14.05 -2.51 -14.56
N ALA A 64 15.33 -2.30 -14.86
CA ALA A 64 15.76 -2.00 -16.22
C ALA A 64 15.53 -3.19 -17.13
N GLY A 65 14.46 -3.13 -17.92
CA GLY A 65 14.15 -4.21 -18.84
C GLY A 65 13.04 -5.12 -18.31
N ILE A 66 12.77 -5.02 -17.02
CA ILE A 66 11.73 -5.83 -16.39
C ILE A 66 10.87 -4.99 -15.45
N SER A 67 9.58 -4.90 -15.76
CA SER A 67 8.65 -4.13 -14.95
C SER A 67 7.41 -4.96 -14.61
N LYS A 68 7.24 -5.27 -13.33
CA LYS A 68 6.09 -6.05 -12.88
C LYS A 68 5.26 -5.26 -11.87
N GLU A 69 4.06 -5.75 -11.60
CA GLU A 69 3.17 -5.09 -10.65
C GLU A 69 2.55 -6.10 -9.70
N LEU A 70 2.46 -5.72 -8.42
CA LEU A 70 1.89 -6.60 -7.40
C LEU A 70 0.99 -5.81 -6.45
N LEU A 71 0.09 -6.53 -5.78
CA LEU A 71 -0.83 -5.89 -4.84
C LEU A 71 -1.07 -6.78 -3.63
N GLU A 72 -0.83 -6.24 -2.44
CA GLU A 72 -1.01 -6.99 -1.21
C GLU A 72 -2.31 -6.59 -0.52
N GLU A 73 -2.78 -7.43 0.40
CA GLU A 73 -4.01 -7.16 1.12
C GLU A 73 -3.80 -7.32 2.63
N VAL A 74 -4.30 -6.37 3.40
CA VAL A 74 -4.16 -6.41 4.85
C VAL A 74 -5.44 -5.92 5.53
N GLY A 75 -5.83 -6.60 6.59
CA GLY A 75 -7.03 -6.23 7.32
C GLY A 75 -6.76 -5.23 8.42
N GLN A 76 -7.80 -4.86 9.16
CA GLN A 76 -7.66 -3.90 10.25
C GLN A 76 -6.77 -4.45 11.36
N ASN A 77 -6.89 -5.76 11.60
CA ASN A 77 -6.10 -6.41 12.65
C ASN A 77 -4.77 -6.91 12.08
N GLY A 78 -3.93 -5.97 11.66
CA GLY A 78 -2.63 -6.33 11.11
C GLY A 78 -1.55 -5.35 11.52
N SER A 79 -1.79 -4.07 11.31
CA SER A 79 -0.83 -3.04 11.66
C SER A 79 0.60 -3.51 11.36
N ARG A 80 0.73 -4.40 10.38
CA ARG A 80 2.03 -4.93 10.00
C ARG A 80 1.93 -5.71 8.69
N ALA A 81 2.91 -5.51 7.82
CA ALA A 81 2.93 -6.19 6.53
C ALA A 81 4.36 -6.52 6.11
N ARG A 82 4.53 -7.66 5.45
CA ARG A 82 5.85 -8.10 5.01
C ARG A 82 5.78 -8.68 3.60
N ILE A 83 6.71 -8.28 2.75
CA ILE A 83 6.75 -8.76 1.37
C ILE A 83 8.08 -9.45 1.07
N SER A 84 8.01 -10.57 0.37
CA SER A 84 9.21 -11.34 0.02
C SER A 84 9.82 -10.81 -1.28
N VAL A 85 11.01 -10.21 -1.16
CA VAL A 85 11.70 -9.67 -2.33
C VAL A 85 11.43 -10.51 -3.57
N GLN A 86 10.76 -9.93 -4.55
CA GLN A 86 10.43 -10.63 -5.79
C GLN A 86 11.47 -10.33 -6.86
N VAL A 87 12.09 -9.16 -6.78
CA VAL A 87 13.10 -8.75 -7.74
C VAL A 87 14.26 -8.04 -7.05
N HIS A 88 15.48 -8.39 -7.44
CA HIS A 88 16.68 -7.79 -6.87
C HIS A 88 17.29 -6.76 -7.83
N ASN A 89 17.92 -5.74 -7.27
CA ASN A 89 18.55 -4.68 -8.06
C ASN A 89 17.50 -3.93 -8.88
N ALA A 90 16.44 -3.50 -8.22
CA ALA A 90 15.36 -2.77 -8.89
C ALA A 90 14.74 -1.74 -7.94
N THR A 91 13.97 -0.82 -8.52
CA THR A 91 13.32 0.22 -7.74
C THR A 91 11.88 -0.16 -7.41
N CYS A 92 11.57 -0.25 -6.12
CA CYS A 92 10.23 -0.61 -5.68
C CYS A 92 9.55 0.59 -5.00
N THR A 93 8.23 0.68 -5.18
CA THR A 93 7.47 1.77 -4.58
C THR A 93 6.41 1.23 -3.62
N VAL A 94 6.55 1.57 -2.34
CA VAL A 94 5.62 1.13 -1.32
C VAL A 94 4.56 2.19 -1.05
N ARG A 95 3.33 1.74 -0.81
CA ARG A 95 2.23 2.66 -0.53
C ARG A 95 1.12 1.95 0.25
N ILE A 96 0.47 2.69 1.14
CA ILE A 96 -0.60 2.14 1.96
C ILE A 96 -1.81 3.07 1.97
N ALA A 97 -3.00 2.48 2.00
CA ALA A 97 -4.23 3.25 2.03
C ALA A 97 -5.21 2.70 3.06
N ALA A 98 -6.01 3.59 3.64
CA ALA A 98 -6.99 3.19 4.65
C ALA A 98 -8.26 2.65 3.99
N VAL A 99 -8.73 1.51 4.49
CA VAL A 99 -9.95 0.90 3.96
C VAL A 99 -11.06 0.90 4.99
N THR A 100 -12.25 1.33 4.57
CA THR A 100 -13.41 1.38 5.46
C THR A 100 -14.53 0.49 4.95
N ARG A 101 -15.68 0.53 5.63
CA ARG A 101 -16.83 -0.27 5.24
C ARG A 101 -17.62 0.42 4.12
N GLY A 102 -16.97 1.36 3.45
CA GLY A 102 -17.62 2.07 2.37
C GLY A 102 -16.84 1.99 1.06
N GLY A 103 -15.56 2.29 1.11
CA GLY A 103 -14.73 2.24 -0.07
C GLY A 103 -13.25 2.38 0.25
N VAL A 104 -12.42 2.34 -0.80
CA VAL A 104 -10.98 2.46 -0.63
C VAL A 104 -10.53 3.90 -0.84
N GLY A 105 -9.77 4.43 0.12
CA GLY A 105 -9.28 5.79 0.01
C GLY A 105 -7.94 5.87 -0.69
N PRO A 106 -7.40 7.10 -0.80
CA PRO A 106 -6.11 7.33 -1.46
C PRO A 106 -4.95 6.80 -0.64
N PHE A 107 -3.89 6.36 -1.33
CA PHE A 107 -2.71 5.83 -0.66
C PHE A 107 -1.78 6.96 -0.21
N SER A 108 -0.85 6.62 0.68
CA SER A 108 0.09 7.61 1.20
C SER A 108 1.13 7.96 0.15
N ASP A 109 2.09 8.78 0.54
CA ASP A 109 3.16 9.21 -0.37
C ASP A 109 3.99 8.01 -0.83
N PRO A 110 4.33 8.00 -2.13
CA PRO A 110 5.12 6.92 -2.72
C PRO A 110 6.57 6.92 -2.24
N VAL A 111 7.03 5.76 -1.78
CA VAL A 111 8.40 5.63 -1.29
C VAL A 111 9.24 4.75 -2.20
N LYS A 112 10.24 5.34 -2.85
CA LYS A 112 11.11 4.60 -3.75
C LYS A 112 12.30 4.02 -3.00
N ILE A 113 12.30 2.70 -2.82
CA ILE A 113 13.38 2.02 -2.12
C ILE A 113 14.27 1.24 -3.10
N PHE A 114 15.58 1.37 -2.92
CA PHE A 114 16.54 0.68 -3.78
C PHE A 114 16.81 -0.73 -3.27
N ILE A 115 16.49 -1.73 -4.07
CA ILE A 115 16.70 -3.11 -3.70
C ILE A 115 18.12 -3.57 -4.07
N PRO A 116 18.92 -3.86 -3.05
CA PRO A 116 20.31 -4.30 -3.24
C PRO A 116 20.38 -5.71 -3.82
N ALA A 117 21.15 -5.86 -4.90
CA ALA A 117 21.32 -7.16 -5.55
C ALA A 117 21.69 -8.23 -4.54
N HIS A 118 22.88 -8.11 -3.97
CA HIS A 118 23.37 -9.08 -2.99
C HIS A 118 22.94 -10.50 -3.36
N SER A 119 22.82 -10.74 -4.67
CA SER A 119 22.42 -12.06 -5.16
C SER A 119 23.63 -12.87 -5.60
N GLY A 120 23.84 -14.01 -4.94
CA GLY A 120 24.96 -14.86 -5.27
C GLY A 120 24.76 -16.29 -4.82
N PRO A 121 25.17 -17.25 -5.67
CA PRO A 121 25.04 -18.68 -5.36
C PRO A 121 25.98 -19.12 -4.25
N SER A 122 25.70 -20.28 -3.67
CA SER A 122 26.51 -20.82 -2.59
C SER A 122 26.88 -22.27 -2.85
N SER A 123 27.72 -22.84 -1.98
CA SER A 123 28.16 -24.22 -2.13
C SER A 123 27.93 -25.00 -0.83
N GLY A 124 27.58 -26.27 -0.97
CA GLY A 124 27.33 -27.11 0.19
C GLY A 124 28.49 -28.04 0.48
N GLY A 1 -27.35 48.71 -26.87
CA GLY A 1 -26.98 47.33 -27.07
C GLY A 1 -27.73 46.39 -26.13
N SER A 2 -27.08 45.29 -25.76
CA SER A 2 -27.68 44.32 -24.86
C SER A 2 -26.65 43.29 -24.40
N SER A 3 -26.29 43.37 -23.12
CA SER A 3 -25.30 42.45 -22.56
C SER A 3 -25.88 41.70 -21.37
N GLY A 4 -25.18 40.66 -20.92
CA GLY A 4 -25.64 39.88 -19.80
C GLY A 4 -24.50 39.27 -19.00
N SER A 5 -24.83 38.32 -18.13
CA SER A 5 -23.83 37.68 -17.30
C SER A 5 -24.13 36.19 -17.13
N SER A 6 -23.20 35.46 -16.52
CA SER A 6 -23.38 34.02 -16.30
C SER A 6 -23.08 33.66 -14.85
N GLY A 7 -23.60 32.52 -14.41
CA GLY A 7 -23.39 32.08 -13.05
C GLY A 7 -22.68 30.74 -12.98
N TRP A 8 -21.41 30.76 -12.63
CA TRP A 8 -20.63 29.54 -12.53
C TRP A 8 -20.89 28.83 -11.20
N ILE A 9 -21.86 27.91 -11.22
CA ILE A 9 -22.21 27.17 -10.02
C ILE A 9 -22.28 25.67 -10.31
N LEU A 10 -21.53 24.89 -9.53
CA LEU A 10 -21.51 23.44 -9.70
C LEU A 10 -21.28 22.74 -8.36
N ALA A 11 -21.59 21.45 -8.31
CA ALA A 11 -21.43 20.66 -7.10
C ALA A 11 -20.90 19.27 -7.42
N SER A 12 -20.45 18.56 -6.38
CA SER A 12 -19.92 17.22 -6.55
C SER A 12 -19.75 16.52 -5.20
N THR A 13 -20.30 15.32 -5.09
CA THR A 13 -20.21 14.55 -3.85
C THR A 13 -18.83 13.96 -3.67
N THR A 14 -18.38 13.87 -2.43
CA THR A 14 -17.07 13.32 -2.12
C THR A 14 -17.17 12.16 -1.13
N GLU A 15 -18.32 12.06 -0.46
CA GLU A 15 -18.54 11.00 0.52
C GLU A 15 -18.28 9.64 -0.10
N GLY A 16 -17.88 8.68 0.74
CA GLY A 16 -17.61 7.34 0.26
C GLY A 16 -16.37 6.75 0.89
N ALA A 17 -15.24 7.45 0.78
CA ALA A 17 -13.99 6.99 1.35
C ALA A 17 -13.58 7.84 2.55
N PRO A 18 -12.57 7.36 3.30
CA PRO A 18 -12.07 8.06 4.48
C PRO A 18 -11.33 9.35 4.12
N SER A 19 -11.23 9.63 2.82
CA SER A 19 -10.55 10.82 2.34
C SER A 19 -9.27 11.07 3.13
N VAL A 20 -8.63 9.98 3.57
CA VAL A 20 -7.40 10.08 4.33
C VAL A 20 -6.56 8.81 4.20
N ALA A 21 -5.30 8.89 4.60
CA ALA A 21 -4.40 7.75 4.52
C ALA A 21 -3.74 7.48 5.86
N PRO A 22 -3.06 6.32 5.97
CA PRO A 22 -2.38 5.91 7.20
C PRO A 22 -1.14 6.76 7.48
N LEU A 23 -0.87 7.01 8.75
CA LEU A 23 0.28 7.81 9.15
C LEU A 23 1.43 6.92 9.58
N ASN A 24 2.50 7.54 10.08
CA ASN A 24 3.68 6.80 10.53
C ASN A 24 4.08 5.74 9.50
N VAL A 25 3.97 6.09 8.22
CA VAL A 25 4.34 5.17 7.15
C VAL A 25 5.85 5.01 7.04
N THR A 26 6.32 3.80 7.31
CA THR A 26 7.75 3.51 7.25
C THR A 26 8.02 2.26 6.40
N VAL A 27 9.26 2.15 5.92
CA VAL A 27 9.64 1.00 5.09
C VAL A 27 11.07 0.58 5.39
N PHE A 28 11.22 -0.60 5.99
CA PHE A 28 12.54 -1.12 6.33
C PHE A 28 12.92 -2.28 5.40
N LEU A 29 14.20 -2.36 5.04
CA LEU A 29 14.68 -3.42 4.16
C LEU A 29 15.70 -4.29 4.89
N ASN A 30 15.54 -5.60 4.78
CA ASN A 30 16.46 -6.54 5.42
C ASN A 30 17.40 -7.16 4.40
N GLU A 31 18.69 -6.88 4.55
CA GLU A 31 19.70 -7.40 3.64
C GLU A 31 20.02 -8.87 3.96
N SER A 32 19.83 -9.25 5.23
CA SER A 32 20.10 -10.60 5.66
C SER A 32 18.93 -11.52 5.31
N SER A 33 17.75 -10.95 5.18
CA SER A 33 16.55 -11.71 4.85
C SER A 33 15.78 -11.06 3.70
N ASP A 34 15.46 -11.84 2.69
CA ASP A 34 14.72 -11.34 1.53
C ASP A 34 13.28 -11.02 1.91
N ASN A 35 13.10 -9.93 2.66
CA ASN A 35 11.76 -9.52 3.09
C ASN A 35 11.74 -8.04 3.43
N VAL A 36 10.61 -7.40 3.19
CA VAL A 36 10.44 -5.97 3.48
C VAL A 36 9.48 -5.74 4.63
N ASP A 37 9.84 -4.84 5.53
CA ASP A 37 9.00 -4.52 6.67
C ASP A 37 8.22 -3.23 6.45
N ILE A 38 6.98 -3.20 6.94
CA ILE A 38 6.14 -2.01 6.78
C ILE A 38 5.35 -1.74 8.06
N ARG A 39 5.42 -0.50 8.54
CA ARG A 39 4.71 -0.11 9.75
C ARG A 39 3.97 1.21 9.54
N TRP A 40 2.68 1.22 9.87
CA TRP A 40 1.86 2.41 9.71
C TRP A 40 1.04 2.67 10.98
N MET A 41 0.23 3.73 10.94
CA MET A 41 -0.61 4.08 12.08
C MET A 41 -2.06 4.24 11.65
N LYS A 42 -2.96 4.22 12.63
CA LYS A 42 -4.39 4.36 12.35
C LYS A 42 -4.76 5.82 12.12
N PRO A 43 -5.54 6.07 11.05
CA PRO A 43 -5.98 7.42 10.69
C PRO A 43 -6.99 7.99 11.69
N PRO A 44 -7.13 9.32 11.69
CA PRO A 44 -8.06 10.01 12.59
C PRO A 44 -9.52 9.75 12.23
N THR A 45 -9.73 8.90 11.24
CA THR A 45 -11.08 8.56 10.79
C THR A 45 -11.91 7.99 11.94
N LYS A 46 -12.43 8.87 12.79
CA LYS A 46 -13.24 8.46 13.92
C LYS A 46 -14.52 9.28 14.01
N GLN A 47 -14.42 10.56 13.67
CA GLN A 47 -15.56 11.45 13.71
C GLN A 47 -16.23 11.55 12.33
N GLN A 48 -17.54 11.33 12.31
CA GLN A 48 -18.29 11.39 11.06
C GLN A 48 -17.49 10.78 9.91
N ASP A 49 -16.91 9.60 10.16
CA ASP A 49 -16.13 8.91 9.14
C ASP A 49 -16.64 7.49 8.94
N GLY A 50 -16.65 6.71 10.01
CA GLY A 50 -17.12 5.34 9.92
C GLY A 50 -16.23 4.37 10.68
N GLU A 51 -15.74 3.35 9.99
CA GLU A 51 -14.88 2.35 10.62
C GLU A 51 -13.96 1.70 9.59
N LEU A 52 -12.67 1.68 9.88
CA LEU A 52 -11.69 1.08 8.99
C LEU A 52 -11.77 -0.44 9.02
N VAL A 53 -11.79 -1.05 7.83
CA VAL A 53 -11.86 -2.50 7.74
C VAL A 53 -10.50 -3.10 7.39
N GLY A 54 -9.57 -2.23 6.98
CA GLY A 54 -8.24 -2.70 6.63
C GLY A 54 -7.46 -1.67 5.83
N TYR A 55 -6.30 -2.06 5.34
CA TYR A 55 -5.45 -1.16 4.57
C TYR A 55 -5.06 -1.78 3.24
N ARG A 56 -4.57 -0.96 2.32
CA ARG A 56 -4.17 -1.43 1.00
C ARG A 56 -2.73 -1.01 0.69
N ILE A 57 -1.81 -1.98 0.74
CA ILE A 57 -0.41 -1.71 0.46
C ILE A 57 -0.07 -2.04 -0.98
N SER A 58 0.28 -1.01 -1.75
CA SER A 58 0.63 -1.18 -3.15
C SER A 58 2.15 -1.24 -3.33
N HIS A 59 2.66 -2.42 -3.68
CA HIS A 59 4.09 -2.61 -3.88
C HIS A 59 4.39 -2.99 -5.33
N VAL A 60 4.97 -2.05 -6.07
CA VAL A 60 5.31 -2.28 -7.47
C VAL A 60 6.80 -2.60 -7.62
N TRP A 61 7.16 -3.17 -8.77
CA TRP A 61 8.54 -3.52 -9.05
C TRP A 61 8.94 -3.09 -10.46
N GLN A 62 10.00 -2.28 -10.54
CA GLN A 62 10.48 -1.79 -11.83
C GLN A 62 11.97 -2.06 -11.98
N SER A 63 12.33 -2.92 -12.93
CA SER A 63 13.72 -3.25 -13.18
C SER A 63 14.07 -3.05 -14.64
N ALA A 64 15.37 -2.92 -14.92
CA ALA A 64 15.85 -2.72 -16.28
C ALA A 64 15.52 -3.93 -17.16
N GLY A 65 14.47 -3.80 -17.97
CA GLY A 65 14.07 -4.89 -18.85
C GLY A 65 12.93 -5.70 -18.28
N ILE A 66 12.72 -5.58 -16.97
CA ILE A 66 11.65 -6.31 -16.30
C ILE A 66 10.83 -5.40 -15.40
N SER A 67 9.55 -5.26 -15.72
CA SER A 67 8.65 -4.41 -14.95
C SER A 67 7.42 -5.18 -14.49
N LYS A 68 7.24 -5.28 -13.18
CA LYS A 68 6.10 -5.99 -12.61
C LYS A 68 5.57 -5.27 -11.38
N GLU A 69 4.25 -5.27 -11.23
CA GLU A 69 3.62 -4.60 -10.10
C GLU A 69 2.86 -5.62 -9.24
N LEU A 70 2.85 -5.39 -7.93
CA LEU A 70 2.15 -6.28 -7.01
C LEU A 70 1.41 -5.48 -5.94
N LEU A 71 0.42 -6.12 -5.31
CA LEU A 71 -0.37 -5.47 -4.27
C LEU A 71 -0.62 -6.42 -3.11
N GLU A 72 -0.66 -5.86 -1.90
CA GLU A 72 -0.89 -6.66 -0.70
C GLU A 72 -2.32 -6.48 -0.19
N GLU A 73 -2.79 -7.45 0.58
CA GLU A 73 -4.14 -7.39 1.13
C GLU A 73 -4.13 -7.62 2.65
N VAL A 74 -4.44 -6.57 3.40
CA VAL A 74 -4.46 -6.66 4.86
C VAL A 74 -5.78 -6.14 5.42
N GLY A 75 -6.18 -6.68 6.56
CA GLY A 75 -7.43 -6.26 7.19
C GLY A 75 -7.21 -5.24 8.28
N GLN A 76 -8.24 -4.99 9.08
CA GLN A 76 -8.15 -4.02 10.16
C GLN A 76 -7.21 -4.52 11.26
N ASN A 77 -7.45 -5.75 11.72
CA ASN A 77 -6.61 -6.33 12.77
C ASN A 77 -5.13 -6.20 12.42
N GLY A 78 -4.69 -6.98 11.45
CA GLY A 78 -3.30 -6.94 11.04
C GLY A 78 -2.73 -5.54 11.04
N SER A 79 -1.55 -5.39 11.63
CA SER A 79 -0.90 -4.09 11.71
C SER A 79 0.45 -4.11 11.00
N ARG A 80 1.15 -5.24 11.11
CA ARG A 80 2.46 -5.39 10.47
C ARG A 80 2.36 -6.26 9.22
N ALA A 81 2.97 -5.78 8.14
CA ALA A 81 2.94 -6.51 6.87
C ALA A 81 4.36 -6.74 6.35
N ARG A 82 4.55 -7.85 5.65
CA ARG A 82 5.86 -8.20 5.11
C ARG A 82 5.73 -8.80 3.71
N ILE A 83 6.60 -8.38 2.80
CA ILE A 83 6.57 -8.87 1.44
C ILE A 83 7.88 -9.57 1.08
N SER A 84 7.80 -10.60 0.24
CA SER A 84 8.97 -11.35 -0.18
C SER A 84 9.55 -10.78 -1.47
N VAL A 85 10.71 -10.13 -1.35
CA VAL A 85 11.36 -9.53 -2.51
C VAL A 85 11.28 -10.44 -3.73
N GLN A 86 10.37 -10.11 -4.64
CA GLN A 86 10.18 -10.91 -5.84
C GLN A 86 11.26 -10.58 -6.88
N VAL A 87 11.79 -9.37 -6.82
CA VAL A 87 12.82 -8.94 -7.75
C VAL A 87 13.91 -8.15 -7.03
N HIS A 88 15.15 -8.31 -7.50
CA HIS A 88 16.28 -7.60 -6.90
C HIS A 88 16.90 -6.61 -7.89
N ASN A 89 17.59 -5.61 -7.36
CA ASN A 89 18.24 -4.61 -8.20
C ASN A 89 17.19 -3.81 -8.97
N ALA A 90 16.01 -3.65 -8.38
CA ALA A 90 14.93 -2.90 -9.02
C ALA A 90 14.34 -1.87 -8.06
N THR A 91 13.53 -0.96 -8.60
CA THR A 91 12.90 0.08 -7.80
C THR A 91 11.47 -0.29 -7.46
N CYS A 92 11.14 -0.24 -6.17
CA CYS A 92 9.79 -0.56 -5.70
C CYS A 92 9.16 0.63 -4.99
N THR A 93 7.87 0.84 -5.22
CA THR A 93 7.15 1.94 -4.59
C THR A 93 6.10 1.42 -3.61
N VAL A 94 6.28 1.75 -2.33
CA VAL A 94 5.34 1.32 -1.30
C VAL A 94 4.32 2.41 -1.00
N ARG A 95 3.06 2.01 -0.87
CA ARG A 95 1.98 2.96 -0.58
C ARG A 95 0.87 2.28 0.22
N ILE A 96 0.57 2.83 1.39
CA ILE A 96 -0.47 2.28 2.24
C ILE A 96 -1.70 3.19 2.27
N ALA A 97 -2.86 2.62 1.94
CA ALA A 97 -4.10 3.39 1.93
C ALA A 97 -5.08 2.84 2.96
N ALA A 98 -5.81 3.73 3.62
CA ALA A 98 -6.79 3.34 4.63
C ALA A 98 -8.09 2.89 3.97
N VAL A 99 -8.52 1.68 4.29
CA VAL A 99 -9.75 1.12 3.73
C VAL A 99 -10.86 1.14 4.77
N THR A 100 -12.05 1.58 4.34
CA THR A 100 -13.21 1.63 5.23
C THR A 100 -14.39 0.87 4.65
N ARG A 101 -15.49 0.83 5.40
CA ARG A 101 -16.69 0.14 4.95
C ARG A 101 -17.43 0.95 3.89
N GLY A 102 -16.97 2.18 3.67
CA GLY A 102 -17.60 3.04 2.69
C GLY A 102 -16.83 3.07 1.37
N GLY A 103 -15.51 3.17 1.47
CA GLY A 103 -14.68 3.21 0.28
C GLY A 103 -13.20 3.32 0.59
N VAL A 104 -12.37 3.33 -0.44
CA VAL A 104 -10.94 3.44 -0.26
C VAL A 104 -10.45 4.88 -0.38
N GLY A 105 -9.58 5.28 0.54
CA GLY A 105 -9.06 6.64 0.52
C GLY A 105 -7.77 6.77 -0.26
N PRO A 106 -7.23 7.99 -0.33
CA PRO A 106 -5.98 8.26 -1.04
C PRO A 106 -4.77 7.65 -0.36
N PHE A 107 -3.91 7.00 -1.13
CA PHE A 107 -2.71 6.37 -0.59
C PHE A 107 -1.76 7.42 -0.03
N SER A 108 -1.01 7.05 1.02
CA SER A 108 -0.06 7.95 1.65
C SER A 108 1.06 8.31 0.70
N ASP A 109 2.03 9.07 1.20
CA ASP A 109 3.18 9.48 0.39
C ASP A 109 3.98 8.27 -0.08
N PRO A 110 4.18 8.17 -1.40
CA PRO A 110 4.95 7.06 -1.99
C PRO A 110 6.44 7.13 -1.67
N VAL A 111 7.00 6.01 -1.24
CA VAL A 111 8.42 5.95 -0.90
C VAL A 111 9.17 5.03 -1.84
N LYS A 112 10.08 5.60 -2.63
CA LYS A 112 10.86 4.82 -3.58
C LYS A 112 12.06 4.17 -2.89
N ILE A 113 12.06 2.85 -2.82
CA ILE A 113 13.15 2.11 -2.19
C ILE A 113 13.90 1.26 -3.21
N PHE A 114 15.22 1.45 -3.28
CA PHE A 114 16.05 0.71 -4.21
C PHE A 114 16.39 -0.67 -3.66
N ILE A 115 16.00 -1.71 -4.38
CA ILE A 115 16.26 -3.08 -3.96
C ILE A 115 17.68 -3.51 -4.33
N PRO A 116 18.53 -3.68 -3.30
CA PRO A 116 19.91 -4.10 -3.49
C PRO A 116 20.04 -5.54 -3.96
N ALA A 117 20.81 -5.75 -5.02
CA ALA A 117 21.01 -7.08 -5.58
C ALA A 117 21.21 -8.12 -4.47
N HIS A 118 22.39 -8.10 -3.85
CA HIS A 118 22.70 -9.03 -2.78
C HIS A 118 23.84 -8.49 -1.90
N SER A 119 23.57 -8.34 -0.61
CA SER A 119 24.56 -7.83 0.33
C SER A 119 25.72 -8.81 0.47
N GLY A 120 26.78 -8.37 1.14
CA GLY A 120 27.93 -9.22 1.34
C GLY A 120 27.94 -9.89 2.70
N PRO A 121 28.92 -9.54 3.55
CA PRO A 121 29.05 -10.10 4.90
C PRO A 121 27.94 -9.65 5.83
N SER A 122 27.53 -10.52 6.74
CA SER A 122 26.47 -10.20 7.69
C SER A 122 27.05 -9.70 9.01
N SER A 123 26.19 -9.21 9.89
CA SER A 123 26.62 -8.70 11.18
C SER A 123 25.89 -9.41 12.31
N GLY A 124 26.64 -10.11 13.16
CA GLY A 124 26.05 -10.83 14.27
C GLY A 124 26.33 -10.16 15.61
N GLY A 1 -50.91 -15.80 13.99
CA GLY A 1 -51.10 -14.95 12.82
C GLY A 1 -50.16 -13.77 12.81
N SER A 2 -49.66 -13.43 11.63
CA SER A 2 -48.73 -12.32 11.47
C SER A 2 -48.72 -11.81 10.04
N SER A 3 -47.95 -10.75 9.79
CA SER A 3 -47.85 -10.17 8.46
C SER A 3 -46.54 -9.41 8.29
N GLY A 4 -46.22 -9.04 7.06
CA GLY A 4 -44.99 -8.31 6.79
C GLY A 4 -45.26 -6.93 6.21
N SER A 5 -44.19 -6.26 5.78
CA SER A 5 -44.31 -4.92 5.22
C SER A 5 -43.49 -4.81 3.94
N SER A 6 -44.16 -4.50 2.83
CA SER A 6 -43.49 -4.37 1.54
C SER A 6 -42.63 -3.10 1.51
N GLY A 7 -41.33 -3.28 1.44
CA GLY A 7 -40.42 -2.15 1.40
C GLY A 7 -39.53 -2.16 0.18
N TRP A 8 -38.83 -1.05 -0.07
CA TRP A 8 -37.95 -0.94 -1.21
C TRP A 8 -36.55 -0.53 -0.78
N ILE A 9 -35.59 -1.42 -0.97
CA ILE A 9 -34.20 -1.14 -0.60
C ILE A 9 -33.41 -0.59 -1.79
N LEU A 10 -33.23 0.73 -1.81
CA LEU A 10 -32.49 1.38 -2.88
C LEU A 10 -30.98 1.23 -2.68
N ALA A 11 -30.41 0.19 -3.27
CA ALA A 11 -28.98 -0.06 -3.16
C ALA A 11 -28.18 0.93 -4.00
N SER A 12 -27.56 1.89 -3.34
CA SER A 12 -26.77 2.90 -4.04
C SER A 12 -25.79 3.59 -3.07
N THR A 13 -24.51 3.44 -3.34
CA THR A 13 -23.48 4.05 -2.51
C THR A 13 -23.50 5.57 -2.61
N THR A 14 -23.32 6.24 -1.47
CA THR A 14 -23.33 7.69 -1.43
C THR A 14 -22.07 8.23 -0.75
N GLU A 15 -21.86 9.54 -0.85
CA GLU A 15 -20.69 10.17 -0.24
C GLU A 15 -20.42 9.59 1.13
N GLY A 16 -19.17 9.19 1.35
CA GLY A 16 -18.79 8.63 2.64
C GLY A 16 -17.63 7.66 2.53
N ALA A 17 -16.41 8.20 2.49
CA ALA A 17 -15.21 7.39 2.38
C ALA A 17 -14.06 8.01 3.16
N PRO A 18 -12.99 7.21 3.37
CA PRO A 18 -11.81 7.66 4.11
C PRO A 18 -11.00 8.69 3.32
N SER A 19 -11.34 9.97 3.50
CA SER A 19 -10.64 11.04 2.81
C SER A 19 -9.32 11.37 3.50
N VAL A 20 -8.58 10.32 3.87
CA VAL A 20 -7.30 10.49 4.54
C VAL A 20 -6.42 9.26 4.36
N ALA A 21 -5.14 9.40 4.69
CA ALA A 21 -4.20 8.29 4.56
C ALA A 21 -3.61 7.93 5.92
N PRO A 22 -2.97 6.75 5.99
CA PRO A 22 -2.34 6.26 7.22
C PRO A 22 -1.11 7.07 7.62
N LEU A 23 -0.78 7.05 8.91
CA LEU A 23 0.37 7.78 9.41
C LEU A 23 1.51 6.82 9.75
N ASN A 24 2.60 7.38 10.30
CA ASN A 24 3.75 6.57 10.68
C ASN A 24 4.10 5.57 9.58
N VAL A 25 3.73 5.89 8.35
CA VAL A 25 4.00 5.02 7.22
C VAL A 25 5.49 4.97 6.91
N THR A 26 6.11 3.83 7.20
CA THR A 26 7.53 3.64 6.96
C THR A 26 7.80 2.38 6.15
N VAL A 27 9.02 2.26 5.64
CA VAL A 27 9.40 1.10 4.84
C VAL A 27 10.74 0.53 5.31
N PHE A 28 10.71 -0.68 5.86
CA PHE A 28 11.92 -1.33 6.35
C PHE A 28 12.39 -2.40 5.36
N LEU A 29 13.67 -2.34 5.00
CA LEU A 29 14.24 -3.29 4.06
C LEU A 29 14.99 -4.40 4.80
N ASN A 30 14.38 -5.58 4.85
CA ASN A 30 14.99 -6.72 5.53
C ASN A 30 16.30 -7.12 4.86
N GLU A 31 17.41 -6.93 5.57
CA GLU A 31 18.73 -7.27 5.04
C GLU A 31 19.08 -8.71 5.35
N SER A 32 18.79 -9.14 6.58
CA SER A 32 19.09 -10.50 7.01
C SER A 32 18.33 -11.51 6.16
N SER A 33 17.12 -11.15 5.75
CA SER A 33 16.29 -12.03 4.94
C SER A 33 15.64 -11.25 3.79
N ASP A 34 15.38 -11.95 2.70
CA ASP A 34 14.77 -11.33 1.53
C ASP A 34 13.30 -10.99 1.80
N ASN A 35 13.06 -9.83 2.40
CA ASN A 35 11.71 -9.40 2.73
C ASN A 35 11.66 -7.88 2.96
N VAL A 36 10.46 -7.32 2.89
CA VAL A 36 10.29 -5.89 3.09
C VAL A 36 9.27 -5.61 4.20
N ASP A 37 9.76 -5.10 5.32
CA ASP A 37 8.90 -4.80 6.46
C ASP A 37 8.19 -3.45 6.25
N ILE A 38 6.98 -3.34 6.79
CA ILE A 38 6.20 -2.12 6.67
C ILE A 38 5.42 -1.84 7.95
N ARG A 39 5.46 -0.59 8.40
CA ARG A 39 4.77 -0.18 9.61
C ARG A 39 4.02 1.13 9.39
N TRP A 40 2.75 1.15 9.77
CA TRP A 40 1.92 2.34 9.62
C TRP A 40 1.05 2.56 10.85
N MET A 41 0.31 3.68 10.86
CA MET A 41 -0.56 4.00 11.98
C MET A 41 -2.00 4.19 11.50
N LYS A 42 -2.95 4.03 12.42
CA LYS A 42 -4.36 4.20 12.09
C LYS A 42 -4.73 5.67 11.99
N PRO A 43 -5.48 6.03 10.94
CA PRO A 43 -5.92 7.41 10.71
C PRO A 43 -6.96 7.86 11.72
N PRO A 44 -7.25 9.17 11.73
CA PRO A 44 -8.23 9.77 12.65
C PRO A 44 -9.66 9.35 12.31
N THR A 45 -9.80 8.47 11.32
CA THR A 45 -11.11 8.00 10.90
C THR A 45 -11.84 7.30 12.06
N LYS A 46 -12.37 8.09 12.98
CA LYS A 46 -13.08 7.56 14.13
C LYS A 46 -14.57 7.88 14.03
N GLN A 47 -14.89 9.07 13.53
CA GLN A 47 -16.27 9.49 13.39
C GLN A 47 -16.53 10.07 12.00
N GLN A 48 -15.54 10.80 11.48
CA GLN A 48 -15.65 11.41 10.16
C GLN A 48 -15.88 10.35 9.09
N ASP A 49 -15.53 9.12 9.41
CA ASP A 49 -15.70 8.01 8.47
C ASP A 49 -16.44 6.85 9.12
N GLY A 50 -15.93 6.40 10.28
CA GLY A 50 -16.56 5.30 10.98
C GLY A 50 -15.55 4.44 11.71
N GLU A 51 -15.05 3.40 11.04
CA GLU A 51 -14.08 2.50 11.63
C GLU A 51 -13.18 1.89 10.55
N LEU A 52 -11.93 1.64 10.91
CA LEU A 52 -10.96 1.06 9.98
C LEU A 52 -11.14 -0.45 9.89
N VAL A 53 -11.26 -0.95 8.66
CA VAL A 53 -11.44 -2.38 8.43
C VAL A 53 -10.18 -3.00 7.82
N GLY A 54 -9.29 -2.14 7.32
CA GLY A 54 -8.06 -2.62 6.72
C GLY A 54 -7.36 -1.55 5.91
N TYR A 55 -6.20 -1.89 5.34
CA TYR A 55 -5.44 -0.95 4.54
C TYR A 55 -5.05 -1.57 3.20
N ARG A 56 -4.76 -0.71 2.22
CA ARG A 56 -4.37 -1.17 0.89
C ARG A 56 -2.89 -0.90 0.64
N ILE A 57 -2.08 -1.95 0.65
CA ILE A 57 -0.65 -1.82 0.41
C ILE A 57 -0.30 -2.13 -1.04
N SER A 58 0.29 -1.15 -1.71
CA SER A 58 0.69 -1.32 -3.11
C SER A 58 2.20 -1.44 -3.24
N HIS A 59 2.64 -2.53 -3.85
CA HIS A 59 4.07 -2.78 -4.04
C HIS A 59 4.36 -3.15 -5.49
N VAL A 60 5.01 -2.24 -6.21
CA VAL A 60 5.36 -2.47 -7.61
C VAL A 60 6.86 -2.57 -7.80
N TRP A 61 7.28 -3.38 -8.76
CA TRP A 61 8.70 -3.55 -9.05
C TRP A 61 9.05 -3.07 -10.45
N GLN A 62 10.09 -2.28 -10.55
CA GLN A 62 10.52 -1.75 -11.84
C GLN A 62 12.03 -1.85 -12.00
N SER A 63 12.48 -2.84 -12.79
CA SER A 63 13.90 -3.05 -13.03
C SER A 63 14.24 -2.87 -14.50
N ALA A 64 15.47 -2.44 -14.76
CA ALA A 64 15.93 -2.22 -16.13
C ALA A 64 15.80 -3.50 -16.95
N GLY A 65 14.73 -3.58 -17.75
CA GLY A 65 14.51 -4.74 -18.58
C GLY A 65 13.33 -5.57 -18.12
N ILE A 66 13.02 -5.49 -16.83
CA ILE A 66 11.90 -6.24 -16.27
C ILE A 66 11.04 -5.34 -15.38
N SER A 67 9.75 -5.31 -15.67
CA SER A 67 8.81 -4.49 -14.90
C SER A 67 7.60 -5.32 -14.47
N LYS A 68 7.45 -5.52 -13.17
CA LYS A 68 6.34 -6.28 -12.63
C LYS A 68 5.53 -5.44 -11.65
N GLU A 69 4.25 -5.78 -11.49
CA GLU A 69 3.37 -5.06 -10.59
C GLU A 69 2.62 -6.02 -9.67
N LEU A 70 2.58 -5.69 -8.38
CA LEU A 70 1.89 -6.53 -7.40
C LEU A 70 1.09 -5.67 -6.42
N LEU A 71 0.12 -6.29 -5.77
CA LEU A 71 -0.72 -5.59 -4.80
C LEU A 71 -1.01 -6.47 -3.59
N GLU A 72 -0.67 -5.98 -2.40
CA GLU A 72 -0.91 -6.73 -1.18
C GLU A 72 -2.21 -6.29 -0.51
N GLU A 73 -2.74 -7.15 0.37
CA GLU A 73 -3.98 -6.84 1.07
C GLU A 73 -3.84 -7.13 2.56
N VAL A 74 -4.11 -6.11 3.37
CA VAL A 74 -4.02 -6.25 4.82
C VAL A 74 -5.30 -5.78 5.50
N GLY A 75 -5.59 -6.34 6.68
CA GLY A 75 -6.79 -5.97 7.41
C GLY A 75 -6.51 -4.92 8.46
N GLN A 76 -7.56 -4.49 9.15
CA GLN A 76 -7.43 -3.48 10.20
C GLN A 76 -6.48 -3.94 11.29
N ASN A 77 -6.60 -5.21 11.68
CA ASN A 77 -5.74 -5.77 12.71
C ASN A 77 -4.28 -5.66 12.33
N GLY A 78 -3.89 -6.35 11.27
CA GLY A 78 -2.50 -6.31 10.83
C GLY A 78 -1.88 -4.94 11.01
N SER A 79 -1.04 -4.81 12.04
CA SER A 79 -0.39 -3.54 12.33
C SER A 79 0.83 -3.35 11.42
N ARG A 80 1.32 -4.45 10.85
CA ARG A 80 2.48 -4.40 9.98
C ARG A 80 2.31 -5.35 8.80
N ALA A 81 3.30 -5.38 7.91
CA ALA A 81 3.26 -6.24 6.75
C ALA A 81 4.67 -6.59 6.27
N ARG A 82 4.82 -7.76 5.66
CA ARG A 82 6.11 -8.19 5.15
C ARG A 82 5.95 -8.96 3.85
N ILE A 83 6.75 -8.60 2.84
CA ILE A 83 6.70 -9.26 1.55
C ILE A 83 8.07 -9.77 1.13
N SER A 84 8.12 -11.01 0.66
CA SER A 84 9.38 -11.61 0.22
C SER A 84 9.90 -10.93 -1.03
N VAL A 85 11.01 -10.20 -0.88
CA VAL A 85 11.61 -9.50 -2.01
C VAL A 85 11.42 -10.26 -3.31
N GLN A 86 10.51 -9.77 -4.14
CA GLN A 86 10.23 -10.41 -5.43
C GLN A 86 11.40 -10.25 -6.39
N VAL A 87 11.80 -9.00 -6.63
CA VAL A 87 12.92 -8.73 -7.53
C VAL A 87 14.03 -7.97 -6.81
N HIS A 88 15.27 -8.38 -7.05
CA HIS A 88 16.41 -7.74 -6.42
C HIS A 88 17.11 -6.79 -7.40
N ASN A 89 17.70 -5.73 -6.86
CA ASN A 89 18.40 -4.75 -7.69
C ASN A 89 17.42 -3.96 -8.55
N ALA A 90 16.29 -3.58 -7.95
CA ALA A 90 15.28 -2.82 -8.67
C ALA A 90 14.67 -1.74 -7.77
N THR A 91 13.80 -0.92 -8.35
CA THR A 91 13.15 0.16 -7.60
C THR A 91 11.70 -0.17 -7.32
N CYS A 92 11.35 -0.25 -6.04
CA CYS A 92 9.99 -0.56 -5.63
C CYS A 92 9.36 0.62 -4.91
N THR A 93 8.06 0.83 -5.13
CA THR A 93 7.34 1.92 -4.49
C THR A 93 6.20 1.40 -3.61
N VAL A 94 6.32 1.67 -2.32
CA VAL A 94 5.30 1.23 -1.37
C VAL A 94 4.28 2.33 -1.10
N ARG A 95 3.02 1.94 -0.92
CA ARG A 95 1.95 2.90 -0.66
C ARG A 95 0.81 2.23 0.09
N ILE A 96 0.47 2.77 1.26
CA ILE A 96 -0.61 2.23 2.08
C ILE A 96 -1.75 3.23 2.21
N ALA A 97 -2.98 2.73 2.09
CA ALA A 97 -4.16 3.58 2.20
C ALA A 97 -5.14 3.04 3.23
N ALA A 98 -6.18 3.81 3.52
CA ALA A 98 -7.18 3.41 4.49
C ALA A 98 -8.40 2.80 3.81
N VAL A 99 -8.87 1.67 4.32
CA VAL A 99 -10.02 0.98 3.76
C VAL A 99 -11.14 0.87 4.78
N THR A 100 -12.36 1.17 4.36
CA THR A 100 -13.52 1.10 5.23
C THR A 100 -14.62 0.25 4.62
N ARG A 101 -15.72 0.08 5.36
CA ARG A 101 -16.84 -0.71 4.89
C ARG A 101 -17.76 0.13 4.01
N GLY A 102 -17.22 1.22 3.47
CA GLY A 102 -18.00 2.09 2.61
C GLY A 102 -17.26 2.46 1.33
N GLY A 103 -15.96 2.72 1.45
CA GLY A 103 -15.17 3.08 0.30
C GLY A 103 -13.70 3.22 0.62
N VAL A 104 -12.85 3.11 -0.40
CA VAL A 104 -11.41 3.22 -0.21
C VAL A 104 -10.95 4.67 -0.36
N GLY A 105 -9.90 5.02 0.37
CA GLY A 105 -9.38 6.38 0.30
C GLY A 105 -8.05 6.45 -0.41
N PRO A 106 -7.50 7.67 -0.52
CA PRO A 106 -6.21 7.91 -1.19
C PRO A 106 -5.04 7.34 -0.41
N PHE A 107 -4.06 6.81 -1.13
CA PHE A 107 -2.88 6.23 -0.50
C PHE A 107 -2.00 7.32 0.12
N SER A 108 -1.10 6.92 1.00
CA SER A 108 -0.20 7.86 1.66
C SER A 108 0.96 8.23 0.75
N ASP A 109 1.86 9.08 1.25
CA ASP A 109 3.01 9.52 0.49
C ASP A 109 3.88 8.33 0.07
N PRO A 110 4.11 8.19 -1.24
CA PRO A 110 4.92 7.11 -1.80
C PRO A 110 6.39 7.25 -1.46
N VAL A 111 7.04 6.14 -1.14
CA VAL A 111 8.45 6.14 -0.79
C VAL A 111 9.24 5.18 -1.67
N LYS A 112 10.12 5.72 -2.51
CA LYS A 112 10.93 4.91 -3.40
C LYS A 112 12.06 4.22 -2.64
N ILE A 113 12.04 2.89 -2.60
CA ILE A 113 13.05 2.12 -1.91
C ILE A 113 13.94 1.36 -2.90
N PHE A 114 15.24 1.37 -2.65
CA PHE A 114 16.19 0.68 -3.51
C PHE A 114 16.45 -0.74 -3.02
N ILE A 115 16.09 -1.73 -3.83
CA ILE A 115 16.28 -3.13 -3.48
C ILE A 115 17.67 -3.60 -3.89
N PRO A 116 18.50 -3.93 -2.88
CA PRO A 116 19.87 -4.41 -3.11
C PRO A 116 19.89 -5.82 -3.71
N ALA A 117 21.00 -6.16 -4.36
CA ALA A 117 21.15 -7.47 -4.97
C ALA A 117 21.38 -8.55 -3.91
N HIS A 118 22.40 -8.36 -3.08
CA HIS A 118 22.72 -9.31 -2.03
C HIS A 118 22.52 -8.69 -0.65
N SER A 119 21.40 -7.99 -0.48
CA SER A 119 21.10 -7.34 0.79
C SER A 119 22.36 -6.80 1.44
N GLY A 120 23.14 -6.02 0.69
CA GLY A 120 24.37 -5.47 1.21
C GLY A 120 24.26 -3.98 1.48
N PRO A 121 25.39 -3.27 1.41
CA PRO A 121 25.45 -1.83 1.64
C PRO A 121 24.78 -1.03 0.52
N SER A 122 24.23 -1.74 -0.45
CA SER A 122 23.55 -1.11 -1.58
C SER A 122 24.55 -0.32 -2.43
N SER A 123 25.73 -0.88 -2.62
CA SER A 123 26.76 -0.23 -3.41
C SER A 123 27.61 -1.25 -4.17
N GLY A 124 27.82 -1.00 -5.45
CA GLY A 124 28.61 -1.91 -6.27
C GLY A 124 29.68 -1.19 -7.07
N GLY A 1 -33.50 -6.43 -29.95
CA GLY A 1 -32.83 -5.14 -29.94
C GLY A 1 -31.47 -5.20 -29.26
N SER A 2 -30.63 -4.21 -29.55
CA SER A 2 -29.29 -4.16 -28.98
C SER A 2 -28.80 -2.71 -28.85
N SER A 3 -28.12 -2.42 -27.75
CA SER A 3 -27.60 -1.08 -27.52
C SER A 3 -26.42 -0.78 -28.44
N GLY A 4 -26.33 0.47 -28.87
CA GLY A 4 -25.24 0.87 -29.76
C GLY A 4 -23.90 0.35 -29.29
N SER A 5 -22.98 0.15 -30.24
CA SER A 5 -21.66 -0.36 -29.92
C SER A 5 -20.67 0.78 -29.72
N SER A 6 -20.35 1.08 -28.48
CA SER A 6 -19.42 2.16 -28.15
C SER A 6 -18.04 1.60 -27.81
N GLY A 7 -17.09 2.50 -27.56
CA GLY A 7 -15.75 2.08 -27.22
C GLY A 7 -15.42 2.27 -25.76
N TRP A 8 -14.41 3.09 -25.48
CA TRP A 8 -14.00 3.35 -24.10
C TRP A 8 -15.21 3.62 -23.21
N ILE A 9 -15.10 3.26 -21.94
CA ILE A 9 -16.20 3.47 -20.99
C ILE A 9 -15.98 4.74 -20.18
N LEU A 10 -17.05 5.52 -20.03
CA LEU A 10 -16.98 6.76 -19.27
C LEU A 10 -16.38 6.52 -17.89
N ALA A 11 -15.65 7.51 -17.39
CA ALA A 11 -15.03 7.41 -16.07
C ALA A 11 -15.57 8.48 -15.13
N SER A 12 -15.93 8.06 -13.92
CA SER A 12 -16.46 8.98 -12.92
C SER A 12 -15.35 9.56 -12.05
N THR A 13 -15.69 10.54 -11.23
CA THR A 13 -14.72 11.17 -10.34
C THR A 13 -14.71 10.51 -8.97
N THR A 14 -13.51 10.31 -8.43
CA THR A 14 -13.37 9.68 -7.12
C THR A 14 -14.27 10.34 -6.08
N GLU A 15 -15.19 9.57 -5.52
CA GLU A 15 -16.11 10.10 -4.52
C GLU A 15 -16.58 8.99 -3.58
N GLY A 16 -16.42 9.21 -2.28
CA GLY A 16 -16.84 8.23 -1.30
C GLY A 16 -15.66 7.48 -0.69
N ALA A 17 -14.92 8.16 0.17
CA ALA A 17 -13.76 7.55 0.83
C ALA A 17 -13.40 8.31 2.10
N PRO A 18 -12.51 7.71 2.90
CA PRO A 18 -12.05 8.30 4.17
C PRO A 18 -11.17 9.53 3.95
N SER A 19 -10.94 9.87 2.69
CA SER A 19 -10.13 11.02 2.34
C SER A 19 -8.98 11.19 3.33
N VAL A 20 -8.51 10.07 3.87
CA VAL A 20 -7.41 10.08 4.83
C VAL A 20 -6.50 8.87 4.64
N ALA A 21 -5.24 9.02 5.01
CA ALA A 21 -4.27 7.93 4.87
C ALA A 21 -3.66 7.59 6.22
N PRO A 22 -2.93 6.46 6.28
CA PRO A 22 -2.28 6.00 7.50
C PRO A 22 -1.10 6.88 7.91
N LEU A 23 -0.82 6.92 9.20
CA LEU A 23 0.28 7.73 9.72
C LEU A 23 1.49 6.86 10.04
N ASN A 24 2.52 7.48 10.60
CA ASN A 24 3.74 6.77 10.96
C ASN A 24 4.06 5.68 9.93
N VAL A 25 3.85 6.01 8.66
CA VAL A 25 4.12 5.07 7.58
C VAL A 25 5.61 5.03 7.23
N THR A 26 6.21 3.86 7.44
CA THR A 26 7.63 3.68 7.16
C THR A 26 7.87 2.48 6.26
N VAL A 27 9.10 2.33 5.78
CA VAL A 27 9.47 1.20 4.92
C VAL A 27 10.90 0.77 5.16
N PHE A 28 11.06 -0.43 5.73
CA PHE A 28 12.39 -0.97 6.02
C PHE A 28 12.72 -2.12 5.08
N LEU A 29 13.91 -2.09 4.49
CA LEU A 29 14.35 -3.14 3.58
C LEU A 29 15.19 -4.17 4.32
N ASN A 30 15.09 -5.43 3.87
CA ASN A 30 15.85 -6.51 4.48
C ASN A 30 17.31 -6.47 4.03
N GLU A 31 18.22 -6.35 4.99
CA GLU A 31 19.65 -6.30 4.70
C GLU A 31 20.27 -7.69 4.79
N SER A 32 19.75 -8.50 5.71
CA SER A 32 20.26 -9.86 5.91
C SER A 32 19.18 -10.89 5.63
N SER A 33 17.98 -10.41 5.30
CA SER A 33 16.86 -11.29 5.01
C SER A 33 16.28 -10.99 3.63
N ASP A 34 15.18 -11.67 3.30
CA ASP A 34 14.52 -11.48 2.01
C ASP A 34 13.06 -11.08 2.20
N ASN A 35 12.82 -10.14 3.09
CA ASN A 35 11.47 -9.68 3.37
C ASN A 35 11.47 -8.22 3.82
N VAL A 36 10.60 -7.41 3.23
CA VAL A 36 10.50 -6.00 3.57
C VAL A 36 9.56 -5.77 4.74
N ASP A 37 9.89 -4.83 5.61
CA ASP A 37 9.07 -4.52 6.77
C ASP A 37 8.39 -3.17 6.60
N ILE A 38 7.14 -3.08 7.08
CA ILE A 38 6.38 -1.85 6.97
C ILE A 38 5.61 -1.57 8.26
N ARG A 39 5.65 -0.34 8.74
CA ARG A 39 4.96 0.05 9.95
C ARG A 39 4.17 1.35 9.74
N TRP A 40 2.91 1.33 10.16
CA TRP A 40 2.05 2.51 10.01
C TRP A 40 1.12 2.65 11.22
N MET A 41 0.32 3.71 11.21
CA MET A 41 -0.62 3.96 12.30
C MET A 41 -2.04 4.07 11.78
N LYS A 42 -3.01 3.98 12.69
CA LYS A 42 -4.42 4.07 12.33
C LYS A 42 -4.84 5.52 12.12
N PRO A 43 -5.61 5.77 11.05
CA PRO A 43 -6.10 7.11 10.73
C PRO A 43 -7.14 7.61 11.72
N PRO A 44 -7.34 8.94 11.75
CA PRO A 44 -8.31 9.57 12.65
C PRO A 44 -9.75 9.26 12.27
N THR A 45 -9.92 8.40 11.26
CA THR A 45 -11.24 8.02 10.80
C THR A 45 -12.23 7.93 11.97
N LYS A 46 -13.09 8.93 12.08
CA LYS A 46 -14.09 8.94 13.16
C LYS A 46 -15.48 8.63 12.61
N GLN A 47 -16.47 8.65 13.50
CA GLN A 47 -17.84 8.37 13.11
C GLN A 47 -18.14 8.93 11.72
N GLN A 48 -17.77 10.18 11.50
CA GLN A 48 -18.00 10.85 10.23
C GLN A 48 -17.86 9.86 9.07
N ASP A 49 -16.67 9.28 8.94
CA ASP A 49 -16.39 8.33 7.88
C ASP A 49 -17.08 6.99 8.17
N GLY A 50 -16.84 6.44 9.35
CA GLY A 50 -17.44 5.17 9.73
C GLY A 50 -16.53 4.35 10.62
N GLU A 51 -16.03 3.24 10.09
CA GLU A 51 -15.15 2.36 10.84
C GLU A 51 -14.15 1.66 9.93
N LEU A 52 -12.88 1.75 10.27
CA LEU A 52 -11.82 1.13 9.47
C LEU A 52 -12.04 -0.38 9.37
N VAL A 53 -11.75 -0.94 8.20
CA VAL A 53 -11.91 -2.36 7.97
C VAL A 53 -10.58 -3.01 7.59
N GLY A 54 -9.68 -2.20 7.02
CA GLY A 54 -8.39 -2.72 6.61
C GLY A 54 -7.56 -1.67 5.89
N TYR A 55 -6.46 -2.11 5.27
CA TYR A 55 -5.58 -1.21 4.54
C TYR A 55 -5.29 -1.74 3.14
N ARG A 56 -4.61 -0.94 2.34
CA ARG A 56 -4.26 -1.33 0.98
C ARG A 56 -2.81 -0.99 0.67
N ILE A 57 -1.96 -2.01 0.62
CA ILE A 57 -0.55 -1.82 0.34
C ILE A 57 -0.22 -2.20 -1.10
N SER A 58 0.18 -1.21 -1.90
CA SER A 58 0.52 -1.45 -3.30
C SER A 58 2.02 -1.32 -3.51
N HIS A 59 2.68 -2.45 -3.74
CA HIS A 59 4.12 -2.47 -3.97
C HIS A 59 4.44 -2.94 -5.38
N VAL A 60 4.88 -2.00 -6.22
CA VAL A 60 5.23 -2.32 -7.60
C VAL A 60 6.74 -2.46 -7.78
N TRP A 61 7.14 -3.31 -8.71
CA TRP A 61 8.56 -3.53 -8.98
C TRP A 61 8.93 -3.09 -10.40
N GLN A 62 9.91 -2.21 -10.50
CA GLN A 62 10.35 -1.70 -11.80
C GLN A 62 11.84 -1.93 -11.98
N SER A 63 12.19 -2.76 -12.96
CA SER A 63 13.59 -3.08 -13.25
C SER A 63 13.91 -2.84 -14.71
N ALA A 64 15.19 -2.71 -15.02
CA ALA A 64 15.63 -2.48 -16.40
C ALA A 64 15.29 -3.67 -17.28
N GLY A 65 14.27 -3.52 -18.12
CA GLY A 65 13.87 -4.60 -19.00
C GLY A 65 12.73 -5.42 -18.44
N ILE A 66 12.52 -5.32 -17.13
CA ILE A 66 11.46 -6.06 -16.47
C ILE A 66 10.68 -5.17 -15.51
N SER A 67 9.38 -5.03 -15.76
CA SER A 67 8.53 -4.20 -14.91
C SER A 67 7.31 -5.00 -14.42
N LYS A 68 7.36 -5.40 -13.16
CA LYS A 68 6.28 -6.16 -12.56
C LYS A 68 5.54 -5.35 -11.49
N GLU A 69 4.31 -5.72 -11.20
CA GLU A 69 3.51 -5.02 -10.20
C GLU A 69 2.79 -6.00 -9.29
N LEU A 70 3.03 -5.87 -7.99
CA LEU A 70 2.40 -6.75 -7.00
C LEU A 70 1.40 -5.99 -6.15
N LEU A 71 0.48 -6.73 -5.54
CA LEU A 71 -0.55 -6.12 -4.70
C LEU A 71 -0.85 -7.00 -3.48
N GLU A 72 -0.55 -6.49 -2.29
CA GLU A 72 -0.79 -7.23 -1.06
C GLU A 72 -2.10 -6.81 -0.41
N GLU A 73 -2.66 -7.68 0.40
CA GLU A 73 -3.92 -7.40 1.08
C GLU A 73 -3.77 -7.53 2.59
N VAL A 74 -4.27 -6.54 3.32
CA VAL A 74 -4.18 -6.55 4.77
C VAL A 74 -5.47 -6.00 5.40
N GLY A 75 -5.91 -6.66 6.47
CA GLY A 75 -7.12 -6.22 7.15
C GLY A 75 -6.87 -5.12 8.15
N GLN A 76 -7.73 -5.03 9.16
CA GLN A 76 -7.60 -4.01 10.20
C GLN A 76 -6.90 -4.58 11.42
N ASN A 77 -6.34 -5.78 11.29
CA ASN A 77 -5.65 -6.44 12.39
C ASN A 77 -4.22 -6.78 11.99
N GLY A 78 -3.55 -5.85 11.32
CA GLY A 78 -2.18 -6.07 10.89
C GLY A 78 -1.48 -4.78 10.49
N SER A 79 -1.27 -3.90 11.46
CA SER A 79 -0.60 -2.63 11.20
C SER A 79 0.74 -2.85 10.53
N ARG A 80 1.27 -4.06 10.66
CA ARG A 80 2.56 -4.40 10.07
C ARG A 80 2.39 -5.39 8.92
N ALA A 81 3.07 -5.12 7.81
CA ALA A 81 2.99 -5.99 6.65
C ALA A 81 4.39 -6.44 6.21
N ARG A 82 4.44 -7.52 5.43
CA ARG A 82 5.70 -8.05 4.94
C ARG A 82 5.57 -8.54 3.50
N ILE A 83 6.66 -8.40 2.74
CA ILE A 83 6.66 -8.83 1.35
C ILE A 83 7.98 -9.52 0.99
N SER A 84 7.87 -10.60 0.22
CA SER A 84 9.05 -11.36 -0.19
C SER A 84 9.65 -10.77 -1.46
N VAL A 85 10.83 -10.16 -1.32
CA VAL A 85 11.52 -9.56 -2.46
C VAL A 85 11.31 -10.37 -3.72
N GLN A 86 10.37 -9.94 -4.55
CA GLN A 86 10.07 -10.63 -5.81
C GLN A 86 11.17 -10.40 -6.84
N VAL A 87 11.64 -9.16 -6.92
CA VAL A 87 12.69 -8.80 -7.86
C VAL A 87 13.83 -8.06 -7.17
N HIS A 88 15.05 -8.30 -7.64
CA HIS A 88 16.23 -7.66 -7.06
C HIS A 88 16.85 -6.68 -8.05
N ASN A 89 17.64 -5.74 -7.52
CA ASN A 89 18.29 -4.74 -8.36
C ASN A 89 17.26 -3.90 -9.10
N ALA A 90 16.13 -3.65 -8.46
CA ALA A 90 15.06 -2.86 -9.06
C ALA A 90 14.52 -1.84 -8.06
N THR A 91 13.69 -0.92 -8.56
CA THR A 91 13.10 0.11 -7.71
C THR A 91 11.65 -0.22 -7.38
N CYS A 92 11.37 -0.36 -6.09
CA CYS A 92 10.02 -0.68 -5.62
C CYS A 92 9.42 0.50 -4.86
N THR A 93 8.13 0.74 -5.10
CA THR A 93 7.44 1.85 -4.44
C THR A 93 6.32 1.32 -3.53
N VAL A 94 6.44 1.58 -2.24
CA VAL A 94 5.45 1.13 -1.27
C VAL A 94 4.44 2.24 -0.97
N ARG A 95 3.17 1.87 -0.91
CA ARG A 95 2.11 2.83 -0.63
C ARG A 95 0.97 2.18 0.15
N ILE A 96 0.63 2.77 1.30
CA ILE A 96 -0.44 2.24 2.13
C ILE A 96 -1.64 3.19 2.15
N ALA A 97 -2.84 2.63 2.20
CA ALA A 97 -4.06 3.43 2.24
C ALA A 97 -5.12 2.76 3.11
N ALA A 98 -5.83 3.57 3.89
CA ALA A 98 -6.88 3.05 4.77
C ALA A 98 -8.18 2.86 4.01
N VAL A 99 -8.76 1.67 4.13
CA VAL A 99 -10.02 1.35 3.45
C VAL A 99 -11.17 1.26 4.43
N THR A 100 -12.34 1.74 4.02
CA THR A 100 -13.52 1.72 4.87
C THR A 100 -14.70 1.06 4.15
N ARG A 101 -15.86 1.07 4.80
CA ARG A 101 -17.06 0.49 4.22
C ARG A 101 -17.72 1.44 3.22
N GLY A 102 -16.98 2.48 2.83
CA GLY A 102 -17.51 3.45 1.88
C GLY A 102 -16.65 3.55 0.64
N GLY A 103 -15.35 3.29 0.77
CA GLY A 103 -14.45 3.36 -0.36
C GLY A 103 -12.99 3.45 0.07
N VAL A 104 -12.13 2.77 -0.67
CA VAL A 104 -10.70 2.76 -0.36
C VAL A 104 -10.17 4.19 -0.23
N GLY A 105 -9.38 4.42 0.82
CA GLY A 105 -8.82 5.74 1.04
C GLY A 105 -7.61 6.00 0.16
N PRO A 106 -7.20 7.28 0.10
CA PRO A 106 -6.04 7.69 -0.70
C PRO A 106 -4.72 7.19 -0.13
N PHE A 107 -3.89 6.61 -0.98
CA PHE A 107 -2.59 6.10 -0.55
C PHE A 107 -1.73 7.20 0.06
N SER A 108 -0.91 6.84 1.03
CA SER A 108 -0.04 7.79 1.70
C SER A 108 1.17 8.13 0.83
N ASP A 109 2.09 8.91 1.39
CA ASP A 109 3.29 9.30 0.66
C ASP A 109 4.10 8.07 0.25
N PRO A 110 4.36 7.95 -1.07
CA PRO A 110 5.12 6.83 -1.62
C PRO A 110 6.59 6.87 -1.23
N VAL A 111 7.19 5.70 -1.06
CA VAL A 111 8.60 5.60 -0.69
C VAL A 111 9.37 4.72 -1.67
N LYS A 112 10.31 5.34 -2.39
CA LYS A 112 11.12 4.61 -3.36
C LYS A 112 12.30 3.94 -2.69
N ILE A 113 12.26 2.62 -2.59
CA ILE A 113 13.34 1.85 -1.97
C ILE A 113 14.16 1.12 -3.02
N PHE A 114 15.47 1.12 -2.84
CA PHE A 114 16.38 0.46 -3.77
C PHE A 114 16.64 -0.98 -3.32
N ILE A 115 16.33 -1.94 -4.19
CA ILE A 115 16.53 -3.35 -3.89
C ILE A 115 17.91 -3.81 -4.33
N PRO A 116 18.80 -4.05 -3.37
CA PRO A 116 20.17 -4.50 -3.63
C PRO A 116 20.22 -5.93 -4.17
N ALA A 117 20.91 -6.13 -5.28
CA ALA A 117 21.04 -7.44 -5.89
C ALA A 117 21.26 -8.52 -4.83
N HIS A 118 20.90 -9.75 -5.17
CA HIS A 118 21.06 -10.87 -4.25
C HIS A 118 22.53 -11.07 -3.88
N SER A 119 22.77 -11.61 -2.69
CA SER A 119 24.13 -11.86 -2.23
C SER A 119 24.71 -13.11 -2.87
N GLY A 120 26.04 -13.24 -2.81
CA GLY A 120 26.69 -14.39 -3.39
C GLY A 120 28.21 -14.32 -3.27
N PRO A 121 28.91 -15.23 -3.96
CA PRO A 121 30.37 -15.28 -3.95
C PRO A 121 31.00 -14.10 -4.67
N SER A 122 32.33 -14.05 -4.68
CA SER A 122 33.06 -12.97 -5.33
C SER A 122 34.50 -13.36 -5.58
N SER A 123 35.13 -12.70 -6.55
CA SER A 123 36.52 -12.98 -6.89
C SER A 123 37.42 -12.90 -5.66
N GLY A 124 38.19 -13.96 -5.42
CA GLY A 124 39.07 -14.00 -4.27
C GLY A 124 40.18 -15.02 -4.43
N GLY A 1 -7.60 -25.45 -9.53
CA GLY A 1 -8.61 -24.47 -9.15
C GLY A 1 -8.47 -23.17 -9.91
N SER A 2 -9.08 -22.11 -9.40
CA SER A 2 -9.03 -20.81 -10.05
C SER A 2 -8.47 -19.75 -9.10
N SER A 3 -7.29 -19.23 -9.43
CA SER A 3 -6.64 -18.22 -8.61
C SER A 3 -7.60 -17.06 -8.31
N GLY A 4 -8.32 -16.63 -9.34
CA GLY A 4 -9.27 -15.54 -9.17
C GLY A 4 -10.21 -15.40 -10.35
N SER A 5 -11.51 -15.49 -10.08
CA SER A 5 -12.52 -15.38 -11.12
C SER A 5 -13.00 -13.94 -11.26
N SER A 6 -12.85 -13.39 -12.45
CA SER A 6 -13.27 -12.01 -12.72
C SER A 6 -14.75 -11.83 -12.42
N GLY A 7 -15.12 -10.62 -12.00
CA GLY A 7 -16.51 -10.34 -11.69
C GLY A 7 -16.89 -8.91 -12.01
N TRP A 8 -18.13 -8.54 -11.71
CA TRP A 8 -18.62 -7.19 -11.96
C TRP A 8 -19.29 -6.62 -10.72
N ILE A 9 -18.83 -5.45 -10.29
CA ILE A 9 -19.38 -4.79 -9.11
C ILE A 9 -20.85 -4.46 -9.31
N LEU A 10 -21.71 -5.08 -8.51
CA LEU A 10 -23.14 -4.86 -8.59
C LEU A 10 -23.58 -3.75 -7.63
N ALA A 11 -23.23 -2.51 -7.97
CA ALA A 11 -23.59 -1.36 -7.15
C ALA A 11 -23.27 -0.06 -7.87
N SER A 12 -24.01 1.00 -7.54
CA SER A 12 -23.80 2.30 -8.15
C SER A 12 -22.93 3.18 -7.27
N THR A 13 -22.25 4.14 -7.90
CA THR A 13 -21.37 5.05 -7.17
C THR A 13 -22.09 5.66 -5.96
N THR A 14 -21.50 5.47 -4.79
CA THR A 14 -22.07 5.99 -3.55
C THR A 14 -21.11 6.93 -2.84
N GLU A 15 -21.64 7.99 -2.24
CA GLU A 15 -20.81 8.96 -1.53
C GLU A 15 -20.27 8.36 -0.24
N GLY A 16 -19.11 8.87 0.19
CA GLY A 16 -18.50 8.37 1.41
C GLY A 16 -17.24 7.56 1.14
N ALA A 17 -16.13 8.00 1.73
CA ALA A 17 -14.86 7.31 1.55
C ALA A 17 -13.79 7.88 2.49
N PRO A 18 -12.76 7.07 2.75
CA PRO A 18 -11.65 7.47 3.64
C PRO A 18 -10.78 8.55 3.01
N SER A 19 -11.15 9.80 3.26
CA SER A 19 -10.40 10.93 2.72
C SER A 19 -9.16 11.21 3.56
N VAL A 20 -8.45 10.15 3.94
CA VAL A 20 -7.23 10.27 4.74
C VAL A 20 -6.38 9.01 4.63
N ALA A 21 -5.06 9.20 4.66
CA ALA A 21 -4.13 8.08 4.57
C ALA A 21 -3.52 7.78 5.93
N PRO A 22 -2.84 6.62 6.03
CA PRO A 22 -2.19 6.18 7.27
C PRO A 22 -0.98 7.03 7.62
N LEU A 23 -0.74 7.22 8.91
CA LEU A 23 0.39 8.01 9.37
C LEU A 23 1.56 7.11 9.74
N ASN A 24 2.62 7.72 10.29
CA ASN A 24 3.81 6.98 10.67
C ASN A 24 4.13 5.89 9.67
N VAL A 25 4.03 6.23 8.38
CA VAL A 25 4.31 5.28 7.31
C VAL A 25 5.82 5.12 7.11
N THR A 26 6.32 3.92 7.36
CA THR A 26 7.73 3.63 7.21
C THR A 26 7.96 2.22 6.64
N VAL A 27 9.11 2.03 6.00
CA VAL A 27 9.44 0.73 5.41
C VAL A 27 10.92 0.41 5.58
N PHE A 28 11.22 -0.70 6.24
CA PHE A 28 12.59 -1.11 6.47
C PHE A 28 12.94 -2.33 5.61
N LEU A 29 14.07 -2.23 4.91
CA LEU A 29 14.52 -3.31 4.04
C LEU A 29 15.43 -4.27 4.80
N ASN A 30 14.89 -5.43 5.16
CA ASN A 30 15.66 -6.43 5.90
C ASN A 30 16.74 -7.05 5.01
N GLU A 31 18.00 -6.85 5.38
CA GLU A 31 19.12 -7.38 4.61
C GLU A 31 19.43 -8.81 5.04
N SER A 32 19.09 -9.14 6.28
CA SER A 32 19.34 -10.48 6.82
C SER A 32 18.23 -11.44 6.40
N SER A 33 17.08 -10.89 6.05
CA SER A 33 15.93 -11.70 5.64
C SER A 33 15.33 -11.17 4.33
N ASP A 34 15.33 -12.02 3.31
CA ASP A 34 14.79 -11.64 2.00
C ASP A 34 13.32 -11.22 2.12
N ASN A 35 13.10 -9.99 2.58
CA ASN A 35 11.75 -9.47 2.74
C ASN A 35 11.78 -7.99 3.11
N VAL A 36 10.62 -7.36 3.07
CA VAL A 36 10.51 -5.93 3.41
C VAL A 36 9.53 -5.73 4.57
N ASP A 37 9.89 -4.83 5.48
CA ASP A 37 9.06 -4.54 6.63
C ASP A 37 8.32 -3.21 6.44
N ILE A 38 7.08 -3.15 6.93
CA ILE A 38 6.27 -1.94 6.81
C ILE A 38 5.46 -1.70 8.07
N ARG A 39 5.37 -0.44 8.49
CA ARG A 39 4.62 -0.07 9.68
C ARG A 39 3.94 1.29 9.50
N TRP A 40 2.70 1.38 9.97
CA TRP A 40 1.94 2.63 9.86
C TRP A 40 1.12 2.87 11.11
N MET A 41 0.31 3.93 11.09
CA MET A 41 -0.54 4.27 12.23
C MET A 41 -2.01 4.34 11.82
N LYS A 42 -2.90 4.34 12.80
CA LYS A 42 -4.33 4.40 12.54
C LYS A 42 -4.75 5.82 12.20
N PRO A 43 -5.32 5.99 10.99
CA PRO A 43 -5.79 7.31 10.52
C PRO A 43 -7.01 7.79 11.28
N PRO A 44 -7.26 9.11 11.21
CA PRO A 44 -8.42 9.72 11.89
C PRO A 44 -9.74 9.34 11.25
N THR A 45 -9.69 8.43 10.28
CA THR A 45 -10.89 7.97 9.58
C THR A 45 -11.73 7.08 10.49
N LYS A 46 -11.30 6.92 11.74
CA LYS A 46 -12.02 6.10 12.70
C LYS A 46 -12.76 6.98 13.71
N GLN A 47 -12.53 8.28 13.64
CA GLN A 47 -13.17 9.22 14.54
C GLN A 47 -14.56 9.62 14.03
N GLN A 48 -14.58 10.47 13.01
CA GLN A 48 -15.85 10.92 12.44
C GLN A 48 -16.14 10.20 11.13
N ASP A 49 -15.14 10.15 10.25
CA ASP A 49 -15.29 9.48 8.96
C ASP A 49 -16.23 8.28 9.07
N GLY A 50 -15.87 7.33 9.92
CA GLY A 50 -16.69 6.15 10.10
C GLY A 50 -15.96 5.02 10.81
N GLU A 51 -15.59 3.99 10.05
CA GLU A 51 -14.88 2.86 10.62
C GLU A 51 -13.97 2.20 9.57
N LEU A 52 -12.77 1.83 9.99
CA LEU A 52 -11.81 1.21 9.10
C LEU A 52 -11.87 -0.31 9.21
N VAL A 53 -11.81 -0.99 8.07
CA VAL A 53 -11.86 -2.45 8.03
C VAL A 53 -10.49 -3.03 7.68
N GLY A 54 -9.64 -2.20 7.08
CA GLY A 54 -8.32 -2.65 6.69
C GLY A 54 -7.54 -1.60 5.92
N TYR A 55 -6.38 -1.98 5.42
CA TYR A 55 -5.53 -1.06 4.66
C TYR A 55 -5.24 -1.62 3.27
N ARG A 56 -4.63 -0.79 2.43
CA ARG A 56 -4.28 -1.19 1.07
C ARG A 56 -2.82 -0.89 0.77
N ILE A 57 -2.00 -1.92 0.74
CA ILE A 57 -0.58 -1.75 0.46
C ILE A 57 -0.27 -2.04 -1.00
N SER A 58 0.33 -1.06 -1.68
CA SER A 58 0.67 -1.20 -3.09
C SER A 58 2.19 -1.31 -3.28
N HIS A 59 2.66 -2.52 -3.59
CA HIS A 59 4.07 -2.75 -3.79
C HIS A 59 4.36 -3.15 -5.24
N VAL A 60 5.00 -2.25 -5.97
CA VAL A 60 5.33 -2.51 -7.37
C VAL A 60 6.84 -2.64 -7.56
N TRP A 61 7.24 -3.26 -8.67
CA TRP A 61 8.65 -3.45 -8.97
C TRP A 61 8.95 -3.06 -10.41
N GLN A 62 9.82 -2.07 -10.59
CA GLN A 62 10.20 -1.61 -11.91
C GLN A 62 11.71 -1.68 -12.12
N SER A 63 12.15 -2.64 -12.93
CA SER A 63 13.57 -2.83 -13.20
C SER A 63 13.88 -2.54 -14.67
N ALA A 64 15.15 -2.28 -14.95
CA ALA A 64 15.60 -1.99 -16.31
C ALA A 64 15.39 -3.20 -17.22
N GLY A 65 14.33 -3.17 -18.02
CA GLY A 65 14.05 -4.27 -18.92
C GLY A 65 12.93 -5.17 -18.42
N ILE A 66 12.68 -5.12 -17.10
CA ILE A 66 11.65 -5.94 -16.50
C ILE A 66 10.75 -5.10 -15.60
N SER A 67 9.45 -5.14 -15.87
CA SER A 67 8.48 -4.38 -15.09
C SER A 67 7.33 -5.28 -14.62
N LYS A 68 7.23 -5.45 -13.32
CA LYS A 68 6.17 -6.28 -12.73
C LYS A 68 5.28 -5.46 -11.81
N GLU A 69 4.09 -5.99 -11.54
CA GLU A 69 3.14 -5.30 -10.66
C GLU A 69 2.53 -6.27 -9.65
N LEU A 70 2.50 -5.86 -8.39
CA LEU A 70 1.94 -6.69 -7.32
C LEU A 70 1.07 -5.86 -6.38
N LEU A 71 0.19 -6.53 -5.65
CA LEU A 71 -0.70 -5.86 -4.71
C LEU A 71 -0.91 -6.72 -3.46
N GLU A 72 -0.64 -6.14 -2.30
CA GLU A 72 -0.82 -6.86 -1.04
C GLU A 72 -2.14 -6.47 -0.37
N GLU A 73 -2.64 -7.35 0.49
CA GLU A 73 -3.89 -7.11 1.19
C GLU A 73 -3.73 -7.32 2.69
N VAL A 74 -4.06 -6.29 3.47
CA VAL A 74 -3.95 -6.36 4.91
C VAL A 74 -5.25 -5.94 5.59
N GLY A 75 -5.67 -6.70 6.59
CA GLY A 75 -6.89 -6.39 7.30
C GLY A 75 -6.70 -5.36 8.40
N GLN A 76 -7.76 -5.07 9.13
CA GLN A 76 -7.69 -4.09 10.21
C GLN A 76 -6.72 -4.54 11.29
N ASN A 77 -6.70 -5.84 11.56
CA ASN A 77 -5.82 -6.39 12.58
C ASN A 77 -4.35 -6.34 12.13
N GLY A 78 -4.11 -6.82 10.90
CA GLY A 78 -2.75 -6.81 10.38
C GLY A 78 -2.09 -5.45 10.49
N SER A 79 -1.33 -5.26 11.56
CA SER A 79 -0.64 -3.99 11.79
C SER A 79 0.68 -3.94 11.01
N ARG A 80 1.37 -5.08 10.97
CA ARG A 80 2.64 -5.16 10.26
C ARG A 80 2.49 -5.94 8.95
N ALA A 81 3.11 -5.43 7.89
CA ALA A 81 3.05 -6.08 6.59
C ALA A 81 4.45 -6.46 6.09
N ARG A 82 4.56 -7.64 5.50
CA ARG A 82 5.84 -8.12 4.99
C ARG A 82 5.67 -8.72 3.60
N ILE A 83 6.71 -8.59 2.78
CA ILE A 83 6.67 -9.12 1.42
C ILE A 83 8.01 -9.75 1.04
N SER A 84 7.94 -10.84 0.28
CA SER A 84 9.14 -11.56 -0.14
C SER A 84 9.68 -10.98 -1.45
N VAL A 85 10.86 -10.36 -1.37
CA VAL A 85 11.49 -9.76 -2.55
C VAL A 85 11.31 -10.65 -3.77
N GLN A 86 10.63 -10.12 -4.78
CA GLN A 86 10.39 -10.87 -6.02
C GLN A 86 11.43 -10.51 -7.07
N VAL A 87 11.95 -9.28 -7.00
CA VAL A 87 12.95 -8.81 -7.95
C VAL A 87 14.09 -8.12 -7.24
N HIS A 88 15.32 -8.34 -7.73
CA HIS A 88 16.51 -7.73 -7.15
C HIS A 88 17.12 -6.70 -8.10
N ASN A 89 17.71 -5.65 -7.54
CA ASN A 89 18.33 -4.61 -8.34
C ASN A 89 17.29 -3.80 -9.09
N ALA A 90 16.16 -3.53 -8.42
CA ALA A 90 15.09 -2.75 -9.01
C ALA A 90 14.54 -1.73 -8.03
N THR A 91 13.65 -0.86 -8.51
CA THR A 91 13.06 0.17 -7.68
C THR A 91 11.61 -0.17 -7.32
N CYS A 92 11.32 -0.24 -6.03
CA CYS A 92 9.98 -0.57 -5.56
C CYS A 92 9.36 0.63 -4.83
N THR A 93 8.07 0.84 -5.04
CA THR A 93 7.36 1.94 -4.41
C THR A 93 6.28 1.43 -3.47
N VAL A 94 6.40 1.75 -2.19
CA VAL A 94 5.43 1.32 -1.19
C VAL A 94 4.38 2.41 -0.95
N ARG A 95 3.14 1.98 -0.71
CA ARG A 95 2.04 2.92 -0.47
C ARG A 95 0.93 2.23 0.31
N ILE A 96 0.56 2.83 1.44
CA ILE A 96 -0.50 2.29 2.28
C ILE A 96 -1.70 3.24 2.33
N ALA A 97 -2.90 2.68 2.18
CA ALA A 97 -4.12 3.46 2.21
C ALA A 97 -5.13 2.87 3.19
N ALA A 98 -6.08 3.70 3.62
CA ALA A 98 -7.10 3.25 4.57
C ALA A 98 -8.33 2.74 3.83
N VAL A 99 -8.66 1.47 4.04
CA VAL A 99 -9.82 0.87 3.41
C VAL A 99 -10.99 0.78 4.36
N THR A 100 -12.12 1.39 3.97
CA THR A 100 -13.32 1.39 4.79
C THR A 100 -14.47 0.70 4.08
N ARG A 101 -15.62 0.63 4.75
CA ARG A 101 -16.81 0.01 4.17
C ARG A 101 -17.43 0.90 3.11
N GLY A 102 -16.85 2.08 2.91
CA GLY A 102 -17.37 3.01 1.93
C GLY A 102 -16.59 2.96 0.63
N GLY A 103 -15.27 2.88 0.73
CA GLY A 103 -14.44 2.83 -0.46
C GLY A 103 -12.97 3.03 -0.15
N VAL A 104 -12.13 2.96 -1.17
CA VAL A 104 -10.69 3.14 -1.00
C VAL A 104 -10.29 4.60 -1.19
N GLY A 105 -9.58 5.14 -0.21
CA GLY A 105 -9.14 6.53 -0.29
C GLY A 105 -7.76 6.66 -0.89
N PRO A 106 -7.21 7.89 -0.87
CA PRO A 106 -5.88 8.18 -1.41
C PRO A 106 -4.76 7.56 -0.58
N PHE A 107 -3.77 7.00 -1.26
CA PHE A 107 -2.64 6.37 -0.57
C PHE A 107 -1.75 7.42 0.07
N SER A 108 -0.96 7.00 1.05
CA SER A 108 -0.05 7.90 1.75
C SER A 108 1.14 8.26 0.88
N ASP A 109 2.07 9.01 1.44
CA ASP A 109 3.27 9.43 0.71
C ASP A 109 4.07 8.20 0.25
N PRO A 110 4.30 8.11 -1.06
CA PRO A 110 5.06 6.99 -1.65
C PRO A 110 6.55 7.05 -1.29
N VAL A 111 7.17 5.88 -1.21
CA VAL A 111 8.59 5.79 -0.87
C VAL A 111 9.32 4.87 -1.84
N LYS A 112 10.26 5.43 -2.59
CA LYS A 112 11.04 4.66 -3.55
C LYS A 112 12.21 3.95 -2.87
N ILE A 113 12.10 2.63 -2.76
CA ILE A 113 13.15 1.83 -2.13
C ILE A 113 14.03 1.15 -3.18
N PHE A 114 15.33 1.15 -2.93
CA PHE A 114 16.29 0.54 -3.85
C PHE A 114 16.63 -0.88 -3.41
N ILE A 115 16.25 -1.84 -4.24
CA ILE A 115 16.50 -3.25 -3.94
C ILE A 115 17.91 -3.66 -4.40
N PRO A 116 18.79 -3.91 -3.43
CA PRO A 116 20.18 -4.32 -3.71
C PRO A 116 20.26 -5.72 -4.29
N ALA A 117 21.06 -5.88 -5.34
CA ALA A 117 21.22 -7.18 -5.99
C ALA A 117 21.60 -8.25 -4.98
N HIS A 118 21.33 -9.51 -5.32
CA HIS A 118 21.64 -10.62 -4.44
C HIS A 118 23.01 -10.44 -3.78
N SER A 119 23.22 -11.13 -2.67
CA SER A 119 24.47 -11.03 -1.93
C SER A 119 24.55 -12.07 -0.83
N GLY A 120 25.72 -12.67 -0.65
CA GLY A 120 25.90 -13.68 0.37
C GLY A 120 27.11 -13.43 1.24
N PRO A 121 27.51 -14.44 2.02
CA PRO A 121 28.67 -14.34 2.92
C PRO A 121 29.98 -14.27 2.16
N SER A 122 30.63 -13.11 2.18
CA SER A 122 31.89 -12.91 1.49
C SER A 122 32.94 -13.89 2.01
N SER A 123 33.97 -14.12 1.19
CA SER A 123 35.05 -15.04 1.56
C SER A 123 36.37 -14.29 1.73
N GLY A 124 37.10 -14.63 2.79
CA GLY A 124 38.37 -13.98 3.05
C GLY A 124 38.30 -12.99 4.19
N GLY A 1 -44.23 25.70 -6.48
CA GLY A 1 -44.36 25.86 -5.04
C GLY A 1 -43.76 27.16 -4.54
N SER A 2 -42.60 27.06 -3.90
CA SER A 2 -41.93 28.24 -3.35
C SER A 2 -40.43 28.02 -3.29
N SER A 3 -39.67 28.96 -3.85
CA SER A 3 -38.22 28.88 -3.86
C SER A 3 -37.62 29.73 -2.75
N GLY A 4 -36.93 29.06 -1.80
CA GLY A 4 -36.32 29.78 -0.70
C GLY A 4 -34.82 29.59 -0.66
N SER A 5 -34.09 30.70 -0.55
CA SER A 5 -32.62 30.64 -0.51
C SER A 5 -32.13 30.65 0.94
N SER A 6 -30.93 30.12 1.15
CA SER A 6 -30.35 30.06 2.48
C SER A 6 -31.37 29.57 3.50
N GLY A 7 -32.13 28.56 3.12
CA GLY A 7 -33.13 28.00 4.02
C GLY A 7 -32.53 27.13 5.10
N TRP A 8 -33.15 25.97 5.34
CA TRP A 8 -32.67 25.06 6.36
C TRP A 8 -32.58 23.64 5.81
N ILE A 9 -31.46 22.96 6.09
CA ILE A 9 -31.26 21.60 5.63
C ILE A 9 -31.18 20.63 6.80
N LEU A 10 -32.08 19.66 6.83
CA LEU A 10 -32.11 18.66 7.89
C LEU A 10 -30.75 18.00 8.05
N ALA A 11 -30.62 17.16 9.07
CA ALA A 11 -29.36 16.45 9.33
C ALA A 11 -29.52 14.95 9.11
N SER A 12 -29.29 14.51 7.89
CA SER A 12 -29.41 13.10 7.54
C SER A 12 -28.04 12.46 7.31
N THR A 13 -27.66 11.56 8.20
CA THR A 13 -26.37 10.89 8.11
C THR A 13 -26.06 10.52 6.66
N THR A 14 -24.77 10.43 6.34
CA THR A 14 -24.33 10.08 4.99
C THR A 14 -22.93 9.50 4.99
N GLU A 15 -22.84 8.19 4.80
CA GLU A 15 -21.55 7.51 4.79
C GLU A 15 -20.81 7.77 3.48
N GLY A 16 -19.48 7.84 3.55
CA GLY A 16 -18.68 8.09 2.38
C GLY A 16 -17.46 7.19 2.30
N ALA A 17 -16.29 7.79 2.13
CA ALA A 17 -15.04 7.04 2.04
C ALA A 17 -13.97 7.67 2.92
N PRO A 18 -13.00 6.84 3.35
CA PRO A 18 -11.90 7.29 4.19
C PRO A 18 -10.92 8.20 3.45
N SER A 19 -11.19 9.49 3.48
CA SER A 19 -10.34 10.48 2.80
C SER A 19 -9.12 10.79 3.64
N VAL A 20 -8.50 9.76 4.21
CA VAL A 20 -7.32 9.93 5.04
C VAL A 20 -6.42 8.71 4.96
N ALA A 21 -5.11 8.93 4.95
CA ALA A 21 -4.13 7.85 4.88
C ALA A 21 -3.55 7.54 6.25
N PRO A 22 -2.83 6.42 6.36
CA PRO A 22 -2.21 5.99 7.61
C PRO A 22 -1.05 6.90 8.02
N LEU A 23 -0.84 7.02 9.33
CA LEU A 23 0.23 7.86 9.86
C LEU A 23 1.48 7.03 10.13
N ASN A 24 2.50 7.67 10.69
CA ASN A 24 3.74 6.99 11.01
C ASN A 24 4.05 5.91 9.97
N VAL A 25 3.95 6.27 8.69
CA VAL A 25 4.20 5.34 7.61
C VAL A 25 5.70 5.28 7.29
N THR A 26 6.31 4.13 7.56
CA THR A 26 7.73 3.94 7.30
C THR A 26 7.97 2.74 6.39
N VAL A 27 9.19 2.61 5.90
CA VAL A 27 9.55 1.51 5.03
C VAL A 27 11.00 1.06 5.27
N PHE A 28 11.15 -0.13 5.84
CA PHE A 28 12.47 -0.68 6.12
C PHE A 28 12.69 -1.99 5.37
N LEU A 29 13.95 -2.30 5.09
CA LEU A 29 14.31 -3.52 4.37
C LEU A 29 14.96 -4.53 5.31
N ASN A 30 14.62 -5.80 5.13
CA ASN A 30 15.18 -6.86 5.96
C ASN A 30 16.41 -7.48 5.30
N GLU A 31 17.55 -7.41 5.98
CA GLU A 31 18.79 -7.96 5.46
C GLU A 31 18.94 -9.42 5.86
N SER A 32 18.52 -9.75 7.07
CA SER A 32 18.62 -11.12 7.57
C SER A 32 17.73 -12.06 6.75
N SER A 33 16.58 -11.55 6.32
CA SER A 33 15.65 -12.35 5.54
C SER A 33 15.27 -11.62 4.25
N ASP A 34 14.93 -12.39 3.23
CA ASP A 34 14.54 -11.82 1.94
C ASP A 34 13.10 -11.30 1.97
N ASN A 35 12.92 -10.14 2.58
CA ASN A 35 11.60 -9.53 2.69
C ASN A 35 11.69 -8.09 3.17
N VAL A 36 10.65 -7.32 2.90
CA VAL A 36 10.62 -5.91 3.32
C VAL A 36 9.65 -5.69 4.47
N ASP A 37 10.01 -4.79 5.38
CA ASP A 37 9.18 -4.49 6.53
C ASP A 37 8.40 -3.19 6.31
N ILE A 38 7.13 -3.19 6.70
CA ILE A 38 6.28 -2.02 6.55
C ILE A 38 5.51 -1.74 7.83
N ARG A 39 5.69 -0.53 8.38
CA ARG A 39 5.01 -0.13 9.60
C ARG A 39 4.20 1.14 9.38
N TRP A 40 2.93 1.10 9.75
CA TRP A 40 2.06 2.26 9.61
C TRP A 40 1.16 2.42 10.82
N MET A 41 0.42 3.53 10.87
CA MET A 41 -0.49 3.80 11.98
C MET A 41 -1.92 3.96 11.48
N LYS A 42 -2.88 3.88 12.40
CA LYS A 42 -4.28 4.02 12.06
C LYS A 42 -4.68 5.49 11.93
N PRO A 43 -5.49 5.79 10.90
CA PRO A 43 -5.95 7.16 10.65
C PRO A 43 -6.94 7.65 11.70
N PRO A 44 -7.00 8.97 11.90
CA PRO A 44 -7.90 9.59 12.87
C PRO A 44 -9.36 9.49 12.47
N THR A 45 -9.61 8.80 11.36
CA THR A 45 -10.98 8.63 10.86
C THR A 45 -11.84 9.85 11.19
N LYS A 46 -11.37 11.02 10.78
CA LYS A 46 -12.10 12.26 11.03
C LYS A 46 -12.92 12.66 9.81
N GLN A 47 -12.27 12.67 8.65
CA GLN A 47 -12.94 13.04 7.41
C GLN A 47 -14.08 12.07 7.09
N GLN A 48 -15.18 12.21 7.81
CA GLN A 48 -16.34 11.36 7.61
C GLN A 48 -15.91 9.95 7.21
N ASP A 49 -14.91 9.42 7.90
CA ASP A 49 -14.41 8.08 7.61
C ASP A 49 -15.16 7.03 8.42
N GLY A 50 -15.25 7.24 9.73
CA GLY A 50 -15.94 6.31 10.59
C GLY A 50 -15.00 5.33 11.26
N GLU A 51 -14.85 4.15 10.65
CA GLU A 51 -13.97 3.12 11.19
C GLU A 51 -13.27 2.36 10.08
N LEU A 52 -11.95 2.22 10.21
CA LEU A 52 -11.15 1.51 9.21
C LEU A 52 -11.37 0.00 9.31
N VAL A 53 -11.43 -0.66 8.16
CA VAL A 53 -11.63 -2.11 8.12
C VAL A 53 -10.32 -2.82 7.78
N GLY A 54 -9.50 -2.19 6.95
CA GLY A 54 -8.24 -2.78 6.55
C GLY A 54 -7.33 -1.80 5.86
N TYR A 55 -6.18 -2.28 5.39
CA TYR A 55 -5.22 -1.43 4.70
C TYR A 55 -4.87 -2.00 3.32
N ARG A 56 -4.75 -1.11 2.35
CA ARG A 56 -4.42 -1.52 0.98
C ARG A 56 -2.99 -1.14 0.62
N ILE A 57 -2.10 -2.12 0.62
CA ILE A 57 -0.70 -1.88 0.30
C ILE A 57 -0.43 -2.08 -1.19
N SER A 58 0.31 -1.15 -1.78
CA SER A 58 0.64 -1.21 -3.21
C SER A 58 2.15 -1.18 -3.42
N HIS A 59 2.74 -2.37 -3.59
CA HIS A 59 4.17 -2.47 -3.81
C HIS A 59 4.48 -2.93 -5.23
N VAL A 60 5.02 -2.02 -6.04
CA VAL A 60 5.36 -2.32 -7.42
C VAL A 60 6.85 -2.54 -7.59
N TRP A 61 7.24 -3.20 -8.68
CA TRP A 61 8.64 -3.47 -8.96
C TRP A 61 9.00 -3.07 -10.38
N GLN A 62 10.00 -2.21 -10.51
CA GLN A 62 10.45 -1.74 -11.83
C GLN A 62 11.94 -1.96 -12.00
N SER A 63 12.30 -2.84 -12.94
CA SER A 63 13.71 -3.14 -13.21
C SER A 63 14.02 -2.96 -14.69
N ALA A 64 15.30 -2.73 -14.99
CA ALA A 64 15.74 -2.53 -16.36
C ALA A 64 15.45 -3.77 -17.21
N GLY A 65 14.37 -3.72 -17.98
CA GLY A 65 14.01 -4.84 -18.82
C GLY A 65 12.80 -5.59 -18.29
N ILE A 66 12.59 -5.53 -16.98
CA ILE A 66 11.48 -6.22 -16.35
C ILE A 66 10.68 -5.26 -15.45
N SER A 67 9.40 -5.09 -15.77
CA SER A 67 8.54 -4.21 -14.99
C SER A 67 7.24 -4.91 -14.61
N LYS A 68 7.14 -5.28 -13.34
CA LYS A 68 5.95 -5.97 -12.84
C LYS A 68 5.27 -5.16 -11.74
N GLU A 69 4.05 -5.55 -11.38
CA GLU A 69 3.29 -4.85 -10.34
C GLU A 69 2.64 -5.84 -9.39
N LEU A 70 2.91 -5.69 -8.10
CA LEU A 70 2.35 -6.57 -7.09
C LEU A 70 1.35 -5.82 -6.21
N LEU A 71 0.45 -6.57 -5.57
CA LEU A 71 -0.56 -5.99 -4.70
C LEU A 71 -0.81 -6.87 -3.48
N GLU A 72 -0.68 -6.28 -2.29
CA GLU A 72 -0.89 -7.02 -1.05
C GLU A 72 -2.28 -6.72 -0.47
N GLU A 73 -2.75 -7.59 0.41
CA GLU A 73 -4.05 -7.43 1.02
C GLU A 73 -3.98 -7.69 2.53
N VAL A 74 -4.34 -6.68 3.32
CA VAL A 74 -4.31 -6.80 4.77
C VAL A 74 -5.56 -6.18 5.39
N GLY A 75 -5.97 -6.72 6.54
CA GLY A 75 -7.14 -6.21 7.22
C GLY A 75 -6.80 -5.23 8.33
N GLN A 76 -7.82 -4.78 9.06
CA GLN A 76 -7.60 -3.84 10.15
C GLN A 76 -6.75 -4.46 11.25
N ASN A 77 -6.78 -5.78 11.34
CA ASN A 77 -6.00 -6.49 12.35
C ASN A 77 -4.51 -6.41 12.04
N GLY A 78 -4.13 -6.91 10.87
CA GLY A 78 -2.73 -6.89 10.47
C GLY A 78 -2.10 -5.52 10.65
N SER A 79 -1.42 -5.33 11.77
CA SER A 79 -0.77 -4.06 12.07
C SER A 79 0.45 -3.85 11.18
N ARG A 80 1.25 -4.91 11.02
CA ARG A 80 2.45 -4.85 10.20
C ARG A 80 2.32 -5.75 8.97
N ALA A 81 3.00 -5.39 7.90
CA ALA A 81 2.96 -6.16 6.66
C ALA A 81 4.37 -6.48 6.17
N ARG A 82 4.57 -7.72 5.74
CA ARG A 82 5.88 -8.14 5.24
C ARG A 82 5.76 -8.68 3.81
N ILE A 83 6.70 -8.26 2.96
CA ILE A 83 6.70 -8.70 1.57
C ILE A 83 7.93 -9.53 1.26
N SER A 84 7.84 -10.36 0.22
CA SER A 84 8.96 -11.22 -0.17
C SER A 84 9.60 -10.69 -1.45
N VAL A 85 10.80 -10.12 -1.30
CA VAL A 85 11.53 -9.59 -2.45
C VAL A 85 11.28 -10.41 -3.70
N GLN A 86 10.46 -9.88 -4.60
CA GLN A 86 10.14 -10.57 -5.86
C GLN A 86 11.23 -10.33 -6.89
N VAL A 87 11.78 -9.13 -6.92
CA VAL A 87 12.82 -8.77 -7.88
C VAL A 87 13.99 -8.10 -7.17
N HIS A 88 15.20 -8.33 -7.70
CA HIS A 88 16.41 -7.74 -7.13
C HIS A 88 16.97 -6.67 -8.04
N ASN A 89 17.72 -5.73 -7.47
CA ASN A 89 18.32 -4.65 -8.23
C ASN A 89 17.25 -3.87 -9.00
N ALA A 90 16.17 -3.51 -8.31
CA ALA A 90 15.09 -2.76 -8.93
C ALA A 90 14.53 -1.73 -7.97
N THR A 91 13.62 -0.89 -8.46
CA THR A 91 12.99 0.14 -7.65
C THR A 91 11.59 -0.27 -7.21
N CYS A 92 11.36 -0.27 -5.91
CA CYS A 92 10.05 -0.64 -5.36
C CYS A 92 9.39 0.56 -4.70
N THR A 93 8.09 0.74 -4.99
CA THR A 93 7.33 1.85 -4.43
C THR A 93 6.25 1.35 -3.49
N VAL A 94 6.37 1.70 -2.21
CA VAL A 94 5.39 1.30 -1.20
C VAL A 94 4.32 2.36 -1.01
N ARG A 95 3.07 1.92 -0.95
CA ARG A 95 1.95 2.83 -0.75
C ARG A 95 0.83 2.17 0.04
N ILE A 96 0.47 2.79 1.16
CA ILE A 96 -0.59 2.25 2.01
C ILE A 96 -1.75 3.24 2.13
N ALA A 97 -2.97 2.71 2.22
CA ALA A 97 -4.15 3.54 2.34
C ALA A 97 -5.17 2.91 3.29
N ALA A 98 -6.07 3.74 3.81
CA ALA A 98 -7.11 3.26 4.73
C ALA A 98 -8.41 2.98 3.99
N VAL A 99 -8.88 1.75 4.08
CA VAL A 99 -10.12 1.36 3.43
C VAL A 99 -11.22 1.05 4.45
N THR A 100 -12.46 1.25 4.05
CA THR A 100 -13.59 1.00 4.92
C THR A 100 -14.61 0.08 4.27
N ARG A 101 -15.75 -0.13 4.93
CA ARG A 101 -16.81 -0.99 4.41
C ARG A 101 -17.66 -0.23 3.39
N GLY A 102 -17.13 0.87 2.88
CA GLY A 102 -17.86 1.67 1.91
C GLY A 102 -17.04 1.96 0.67
N GLY A 103 -15.77 2.33 0.87
CA GLY A 103 -14.91 2.64 -0.25
C GLY A 103 -13.46 2.81 0.18
N VAL A 104 -12.54 2.60 -0.77
CA VAL A 104 -11.11 2.75 -0.48
C VAL A 104 -10.70 4.22 -0.48
N GLY A 105 -9.75 4.54 0.39
CA GLY A 105 -9.28 5.91 0.48
C GLY A 105 -7.97 6.13 -0.23
N PRO A 106 -7.48 7.37 -0.23
CA PRO A 106 -6.21 7.73 -0.89
C PRO A 106 -5.00 7.16 -0.16
N PHE A 107 -4.04 6.68 -0.94
CA PHE A 107 -2.82 6.10 -0.37
C PHE A 107 -1.93 7.18 0.23
N SER A 108 -0.89 6.75 0.94
CA SER A 108 0.04 7.68 1.57
C SER A 108 1.17 8.06 0.62
N ASP A 109 2.13 8.82 1.13
CA ASP A 109 3.27 9.25 0.33
C ASP A 109 4.06 8.05 -0.17
N PRO A 110 4.34 8.02 -1.48
CA PRO A 110 5.10 6.94 -2.11
C PRO A 110 6.57 6.93 -1.69
N VAL A 111 7.12 5.73 -1.53
CA VAL A 111 8.52 5.59 -1.14
C VAL A 111 9.28 4.67 -2.11
N LYS A 112 10.21 5.25 -2.86
CA LYS A 112 11.00 4.50 -3.81
C LYS A 112 12.28 3.97 -3.16
N ILE A 113 12.26 2.69 -2.80
CA ILE A 113 13.42 2.06 -2.17
C ILE A 113 14.22 1.25 -3.18
N PHE A 114 15.54 1.30 -3.08
CA PHE A 114 16.42 0.57 -3.99
C PHE A 114 16.69 -0.83 -3.46
N ILE A 115 16.31 -1.84 -4.23
CA ILE A 115 16.52 -3.23 -3.85
C ILE A 115 17.92 -3.70 -4.21
N PRO A 116 18.77 -3.93 -3.20
CA PRO A 116 20.14 -4.39 -3.39
C PRO A 116 20.20 -5.82 -3.89
N ALA A 117 20.87 -6.02 -5.03
CA ALA A 117 21.00 -7.35 -5.62
C ALA A 117 21.39 -8.38 -4.55
N HIS A 118 21.11 -9.65 -4.83
CA HIS A 118 21.43 -10.72 -3.91
C HIS A 118 22.76 -10.46 -3.21
N SER A 119 23.72 -9.92 -3.96
CA SER A 119 25.04 -9.61 -3.40
C SER A 119 25.15 -8.13 -3.06
N GLY A 120 25.50 -7.85 -1.80
CA GLY A 120 25.64 -6.47 -1.37
C GLY A 120 26.77 -5.76 -2.06
N PRO A 121 26.78 -4.42 -1.98
CA PRO A 121 27.81 -3.59 -2.60
C PRO A 121 29.16 -3.73 -1.89
N SER A 122 29.16 -4.41 -0.76
CA SER A 122 30.38 -4.60 0.02
C SER A 122 31.54 -5.00 -0.89
N SER A 123 32.53 -4.13 -0.99
CA SER A 123 33.70 -4.38 -1.82
C SER A 123 33.31 -5.16 -3.09
N GLY A 124 32.17 -4.80 -3.66
CA GLY A 124 31.70 -5.48 -4.85
C GLY A 124 31.12 -4.52 -5.87
N GLY A 1 -19.56 -22.14 -26.17
CA GLY A 1 -18.93 -21.31 -27.20
C GLY A 1 -19.81 -20.15 -27.64
N SER A 2 -19.82 -19.09 -26.84
CA SER A 2 -20.62 -17.91 -27.14
C SER A 2 -19.74 -16.69 -27.34
N SER A 3 -20.07 -15.88 -28.35
CA SER A 3 -19.30 -14.68 -28.65
C SER A 3 -20.21 -13.46 -28.70
N GLY A 4 -19.87 -12.45 -27.89
CA GLY A 4 -20.65 -11.24 -27.86
C GLY A 4 -20.83 -10.71 -26.45
N SER A 5 -21.04 -9.40 -26.33
CA SER A 5 -21.21 -8.77 -25.02
C SER A 5 -22.65 -8.94 -24.53
N SER A 6 -22.84 -8.85 -23.21
CA SER A 6 -24.15 -8.99 -22.61
C SER A 6 -24.67 -7.66 -22.10
N GLY A 7 -23.89 -7.02 -21.23
CA GLY A 7 -24.29 -5.73 -20.68
C GLY A 7 -24.48 -5.79 -19.17
N TRP A 8 -23.90 -4.82 -18.48
CA TRP A 8 -24.01 -4.76 -17.02
C TRP A 8 -24.33 -3.34 -16.56
N ILE A 9 -24.51 -3.16 -15.25
CA ILE A 9 -24.82 -1.86 -14.69
C ILE A 9 -23.64 -1.31 -13.90
N LEU A 10 -23.27 -0.07 -14.19
CA LEU A 10 -22.14 0.57 -13.51
C LEU A 10 -22.43 0.69 -12.01
N ALA A 11 -21.36 0.77 -11.21
CA ALA A 11 -21.49 0.90 -9.77
C ALA A 11 -21.58 2.36 -9.36
N SER A 12 -22.80 2.82 -9.10
CA SER A 12 -23.02 4.21 -8.70
C SER A 12 -22.17 4.56 -7.48
N THR A 13 -21.29 5.54 -7.66
CA THR A 13 -20.41 5.98 -6.58
C THR A 13 -21.04 7.12 -5.78
N THR A 14 -21.31 6.85 -4.50
CA THR A 14 -21.91 7.85 -3.64
C THR A 14 -20.97 8.23 -2.50
N GLU A 15 -21.06 9.49 -2.05
CA GLU A 15 -20.20 9.98 -0.97
C GLU A 15 -20.07 8.92 0.13
N GLY A 16 -18.84 8.46 0.35
CA GLY A 16 -18.60 7.46 1.38
C GLY A 16 -17.29 6.72 1.15
N ALA A 17 -16.20 7.28 1.65
CA ALA A 17 -14.89 6.66 1.50
C ALA A 17 -13.87 7.31 2.42
N PRO A 18 -12.80 6.56 2.75
CA PRO A 18 -11.73 7.04 3.62
C PRO A 18 -10.89 8.14 2.96
N SER A 19 -11.30 9.39 3.16
CA SER A 19 -10.58 10.52 2.59
C SER A 19 -9.34 10.85 3.41
N VAL A 20 -8.60 9.81 3.80
CA VAL A 20 -7.39 10.00 4.59
C VAL A 20 -6.49 8.76 4.49
N ALA A 21 -5.18 8.99 4.61
CA ALA A 21 -4.22 7.90 4.54
C ALA A 21 -3.55 7.66 5.89
N PRO A 22 -2.82 6.55 6.01
CA PRO A 22 -2.13 6.18 7.24
C PRO A 22 -0.94 7.10 7.53
N LEU A 23 -0.77 7.46 8.80
CA LEU A 23 0.33 8.33 9.20
C LEU A 23 1.50 7.52 9.73
N ASN A 24 2.63 8.18 9.96
CA ASN A 24 3.82 7.52 10.46
C ASN A 24 4.21 6.35 9.56
N VAL A 25 3.98 6.51 8.26
CA VAL A 25 4.30 5.45 7.30
C VAL A 25 5.81 5.27 7.18
N THR A 26 6.27 4.06 7.46
CA THR A 26 7.69 3.75 7.39
C THR A 26 7.92 2.43 6.66
N VAL A 27 9.16 2.23 6.19
CA VAL A 27 9.52 1.01 5.48
C VAL A 27 10.90 0.51 5.89
N PHE A 28 10.96 -0.71 6.39
CA PHE A 28 12.22 -1.30 6.82
C PHE A 28 12.59 -2.50 5.95
N LEU A 29 13.79 -2.48 5.39
CA LEU A 29 14.26 -3.57 4.53
C LEU A 29 15.29 -4.42 5.26
N ASN A 30 15.00 -5.71 5.41
CA ASN A 30 15.90 -6.63 6.09
C ASN A 30 16.88 -7.24 5.10
N GLU A 31 18.16 -7.20 5.45
CA GLU A 31 19.22 -7.75 4.60
C GLU A 31 19.39 -9.25 4.85
N SER A 32 19.12 -9.66 6.09
CA SER A 32 19.26 -11.07 6.46
C SER A 32 18.27 -11.94 5.70
N SER A 33 17.12 -11.36 5.37
CA SER A 33 16.09 -12.08 4.64
C SER A 33 15.65 -11.31 3.40
N ASP A 34 15.18 -12.03 2.39
CA ASP A 34 14.73 -11.41 1.15
C ASP A 34 13.29 -10.91 1.28
N ASN A 35 13.01 -10.19 2.35
CA ASN A 35 11.67 -9.66 2.59
C ASN A 35 11.73 -8.19 2.97
N VAL A 36 10.57 -7.55 2.99
CA VAL A 36 10.49 -6.13 3.35
C VAL A 36 9.45 -5.90 4.44
N ASP A 37 9.87 -5.25 5.52
CA ASP A 37 8.98 -4.97 6.64
C ASP A 37 8.27 -3.63 6.44
N ILE A 38 7.05 -3.53 6.96
CA ILE A 38 6.27 -2.31 6.83
C ILE A 38 5.53 -2.00 8.13
N ARG A 39 5.53 -0.73 8.51
CA ARG A 39 4.86 -0.30 9.73
C ARG A 39 4.20 1.07 9.54
N TRP A 40 2.91 1.14 9.89
CA TRP A 40 2.16 2.39 9.75
C TRP A 40 1.29 2.64 10.97
N MET A 41 0.66 3.80 11.01
CA MET A 41 -0.21 4.16 12.13
C MET A 41 -1.66 4.27 11.68
N LYS A 42 -2.58 4.25 12.65
CA LYS A 42 -4.00 4.33 12.35
C LYS A 42 -4.43 5.79 12.20
N PRO A 43 -5.16 6.09 11.12
CA PRO A 43 -5.65 7.44 10.82
C PRO A 43 -6.75 7.87 11.80
N PRO A 44 -6.98 9.19 11.87
CA PRO A 44 -8.00 9.77 12.75
C PRO A 44 -9.43 9.43 12.29
N THR A 45 -9.52 8.60 11.25
CA THR A 45 -10.82 8.21 10.72
C THR A 45 -11.81 7.93 11.84
N LYS A 46 -12.59 8.94 12.22
CA LYS A 46 -13.57 8.80 13.27
C LYS A 46 -14.91 9.38 12.85
N GLN A 47 -14.87 10.55 12.21
CA GLN A 47 -16.09 11.21 11.75
C GLN A 47 -16.01 11.52 10.26
N GLN A 48 -14.80 11.83 9.79
CA GLN A 48 -14.58 12.16 8.38
C GLN A 48 -14.73 10.92 7.51
N ASP A 49 -14.55 9.75 8.13
CA ASP A 49 -14.67 8.48 7.41
C ASP A 49 -15.70 7.57 8.07
N GLY A 50 -15.52 7.31 9.36
CA GLY A 50 -16.43 6.45 10.08
C GLY A 50 -15.73 5.33 10.82
N GLU A 51 -15.35 4.29 10.07
CA GLU A 51 -14.66 3.14 10.66
C GLU A 51 -13.81 2.42 9.62
N LEU A 52 -12.58 2.10 9.98
CA LEU A 52 -11.67 1.42 9.08
C LEU A 52 -11.76 -0.09 9.25
N VAL A 53 -11.60 -0.83 8.15
CA VAL A 53 -11.67 -2.28 8.19
C VAL A 53 -10.33 -2.90 7.87
N GLY A 54 -9.46 -2.13 7.22
CA GLY A 54 -8.14 -2.62 6.87
C GLY A 54 -7.33 -1.60 6.10
N TYR A 55 -6.35 -2.07 5.33
CA TYR A 55 -5.49 -1.19 4.54
C TYR A 55 -5.17 -1.82 3.19
N ARG A 56 -4.52 -1.05 2.33
CA ARG A 56 -4.14 -1.52 1.00
C ARG A 56 -2.67 -1.21 0.71
N ILE A 57 -1.84 -2.25 0.78
CA ILE A 57 -0.41 -2.08 0.52
C ILE A 57 -0.08 -2.45 -0.92
N SER A 58 0.27 -1.44 -1.71
CA SER A 58 0.61 -1.65 -3.12
C SER A 58 2.12 -1.56 -3.32
N HIS A 59 2.74 -2.69 -3.63
CA HIS A 59 4.17 -2.74 -3.85
C HIS A 59 4.49 -3.08 -5.30
N VAL A 60 4.98 -2.10 -6.05
CA VAL A 60 5.33 -2.30 -7.46
C VAL A 60 6.82 -2.52 -7.63
N TRP A 61 7.19 -3.23 -8.69
CA TRP A 61 8.59 -3.52 -8.97
C TRP A 61 8.96 -3.09 -10.39
N GLN A 62 9.90 -2.15 -10.50
CA GLN A 62 10.34 -1.65 -11.79
C GLN A 62 11.83 -1.89 -11.99
N SER A 63 12.16 -2.75 -12.95
CA SER A 63 13.55 -3.08 -13.23
C SER A 63 13.87 -2.87 -14.72
N ALA A 64 15.15 -2.75 -15.04
CA ALA A 64 15.58 -2.55 -16.41
C ALA A 64 15.21 -3.74 -17.28
N GLY A 65 14.21 -3.56 -18.14
CA GLY A 65 13.78 -4.63 -19.02
C GLY A 65 12.61 -5.41 -18.45
N ILE A 66 12.45 -5.34 -17.12
CA ILE A 66 11.38 -6.05 -16.45
C ILE A 66 10.59 -5.12 -15.52
N SER A 67 9.32 -4.91 -15.83
CA SER A 67 8.48 -4.04 -15.03
C SER A 67 7.21 -4.77 -14.58
N LYS A 68 7.15 -5.13 -13.30
CA LYS A 68 6.01 -5.83 -12.75
C LYS A 68 5.35 -5.02 -11.64
N GLU A 69 4.08 -5.31 -11.36
CA GLU A 69 3.35 -4.61 -10.32
C GLU A 69 2.62 -5.59 -9.41
N LEU A 70 2.88 -5.48 -8.10
CA LEU A 70 2.24 -6.36 -7.13
C LEU A 70 1.27 -5.58 -6.25
N LEU A 71 0.35 -6.30 -5.62
CA LEU A 71 -0.64 -5.68 -4.74
C LEU A 71 -0.98 -6.60 -3.57
N GLU A 72 -0.71 -6.11 -2.36
CA GLU A 72 -0.99 -6.89 -1.15
C GLU A 72 -2.32 -6.47 -0.52
N GLU A 73 -2.87 -7.33 0.32
CA GLU A 73 -4.14 -7.04 0.98
C GLU A 73 -4.07 -7.39 2.46
N VAL A 74 -4.35 -6.41 3.30
CA VAL A 74 -4.31 -6.61 4.75
C VAL A 74 -5.60 -6.10 5.40
N GLY A 75 -5.92 -6.64 6.57
CA GLY A 75 -7.12 -6.24 7.28
C GLY A 75 -6.82 -5.24 8.39
N GLN A 76 -7.84 -4.92 9.19
CA GLN A 76 -7.68 -3.97 10.27
C GLN A 76 -6.71 -4.50 11.33
N ASN A 77 -6.52 -5.81 11.34
CA ASN A 77 -5.62 -6.44 12.29
C ASN A 77 -4.26 -6.72 11.65
N GLY A 78 -3.61 -5.67 11.17
CA GLY A 78 -2.31 -5.83 10.53
C GLY A 78 -1.44 -4.60 10.70
N SER A 79 -1.23 -4.19 11.94
CA SER A 79 -0.42 -3.01 12.23
C SER A 79 0.79 -2.96 11.30
N ARG A 80 1.41 -4.11 11.06
CA ARG A 80 2.57 -4.18 10.19
C ARG A 80 2.33 -5.17 9.05
N ALA A 81 3.24 -5.18 8.08
CA ALA A 81 3.13 -6.07 6.94
C ALA A 81 4.51 -6.51 6.44
N ARG A 82 4.54 -7.59 5.67
CA ARG A 82 5.79 -8.11 5.14
C ARG A 82 5.61 -8.61 3.70
N ILE A 83 6.64 -8.43 2.89
CA ILE A 83 6.59 -8.87 1.50
C ILE A 83 7.86 -9.60 1.10
N SER A 84 7.72 -10.70 0.38
CA SER A 84 8.86 -11.49 -0.06
C SER A 84 9.45 -10.93 -1.35
N VAL A 85 10.56 -10.21 -1.23
CA VAL A 85 11.22 -9.61 -2.38
C VAL A 85 11.06 -10.49 -3.61
N GLN A 86 10.28 -10.01 -4.58
CA GLN A 86 10.04 -10.75 -5.81
C GLN A 86 11.13 -10.45 -6.84
N VAL A 87 11.55 -9.19 -6.90
CA VAL A 87 12.58 -8.77 -7.84
C VAL A 87 13.71 -8.04 -7.13
N HIS A 88 14.95 -8.36 -7.51
CA HIS A 88 16.12 -7.73 -6.90
C HIS A 88 16.76 -6.74 -7.87
N ASN A 89 17.49 -5.78 -7.32
CA ASN A 89 18.15 -4.76 -8.12
C ASN A 89 17.14 -3.96 -8.94
N ALA A 90 16.07 -3.54 -8.30
CA ALA A 90 15.03 -2.77 -8.96
C ALA A 90 14.45 -1.70 -8.03
N THR A 91 13.71 -0.76 -8.61
CA THR A 91 13.10 0.31 -7.83
C THR A 91 11.64 -0.02 -7.49
N CYS A 92 11.37 -0.26 -6.21
CA CYS A 92 10.02 -0.58 -5.77
C CYS A 92 9.39 0.62 -5.08
N THR A 93 8.07 0.77 -5.26
CA THR A 93 7.34 1.87 -4.65
C THR A 93 6.29 1.36 -3.66
N VAL A 94 6.46 1.73 -2.40
CA VAL A 94 5.53 1.31 -1.35
C VAL A 94 4.45 2.37 -1.13
N ARG A 95 3.21 1.93 -1.01
CA ARG A 95 2.08 2.83 -0.80
C ARG A 95 0.96 2.13 -0.05
N ILE A 96 0.58 2.69 1.10
CA ILE A 96 -0.49 2.12 1.91
C ILE A 96 -1.70 3.05 1.96
N ALA A 97 -2.89 2.46 2.03
CA ALA A 97 -4.12 3.22 2.08
C ALA A 97 -5.12 2.60 3.05
N ALA A 98 -6.00 3.44 3.61
CA ALA A 98 -7.01 2.96 4.54
C ALA A 98 -8.23 2.41 3.82
N VAL A 99 -8.66 1.22 4.24
CA VAL A 99 -9.83 0.58 3.62
C VAL A 99 -11.03 0.61 4.56
N THR A 100 -12.22 0.78 3.99
CA THR A 100 -13.44 0.82 4.77
C THR A 100 -14.47 -0.16 4.23
N ARG A 101 -15.66 -0.18 4.85
CA ARG A 101 -16.72 -1.07 4.43
C ARG A 101 -17.55 -0.43 3.31
N GLY A 102 -17.05 0.68 2.77
CA GLY A 102 -17.76 1.37 1.71
C GLY A 102 -16.91 1.56 0.48
N GLY A 103 -15.62 1.84 0.69
CA GLY A 103 -14.71 2.04 -0.42
C GLY A 103 -13.31 2.43 0.03
N VAL A 104 -12.34 2.27 -0.86
CA VAL A 104 -10.96 2.60 -0.54
C VAL A 104 -10.68 4.09 -0.75
N GLY A 105 -9.63 4.59 -0.12
CA GLY A 105 -9.28 6.00 -0.26
C GLY A 105 -7.91 6.19 -0.89
N PRO A 106 -7.43 7.44 -0.88
CA PRO A 106 -6.12 7.79 -1.43
C PRO A 106 -4.97 7.24 -0.62
N PHE A 107 -3.89 6.85 -1.29
CA PHE A 107 -2.73 6.30 -0.61
C PHE A 107 -1.85 7.42 -0.03
N SER A 108 -0.91 7.04 0.82
CA SER A 108 -0.02 8.01 1.45
C SER A 108 1.16 8.35 0.54
N ASP A 109 2.08 9.15 1.05
CA ASP A 109 3.26 9.55 0.28
C ASP A 109 4.07 8.33 -0.12
N PRO A 110 4.28 8.17 -1.44
CA PRO A 110 5.05 7.04 -1.99
C PRO A 110 6.54 7.15 -1.66
N VAL A 111 7.17 6.01 -1.41
CA VAL A 111 8.59 5.97 -1.09
C VAL A 111 9.33 4.99 -1.99
N LYS A 112 10.25 5.52 -2.81
CA LYS A 112 11.02 4.69 -3.71
C LYS A 112 12.20 4.05 -3.00
N ILE A 113 12.10 2.74 -2.77
CA ILE A 113 13.17 2.01 -2.09
C ILE A 113 14.00 1.20 -3.09
N PHE A 114 15.32 1.33 -2.99
CA PHE A 114 16.22 0.62 -3.88
C PHE A 114 16.49 -0.79 -3.37
N ILE A 115 16.09 -1.78 -4.15
CA ILE A 115 16.29 -3.19 -3.78
C ILE A 115 17.69 -3.66 -4.16
N PRO A 116 18.53 -3.91 -3.14
CA PRO A 116 19.90 -4.39 -3.36
C PRO A 116 19.94 -5.82 -3.88
N ALA A 117 20.69 -6.02 -4.96
CA ALA A 117 20.83 -7.35 -5.55
C ALA A 117 21.09 -8.40 -4.48
N HIS A 118 20.98 -9.67 -4.87
CA HIS A 118 21.21 -10.78 -3.96
C HIS A 118 22.66 -11.26 -4.03
N SER A 119 23.46 -10.88 -3.06
CA SER A 119 24.87 -11.27 -3.02
C SER A 119 25.30 -11.64 -1.59
N GLY A 120 25.66 -12.90 -1.40
CA GLY A 120 26.09 -13.35 -0.10
C GLY A 120 27.53 -12.99 0.20
N PRO A 121 28.15 -13.73 1.14
CA PRO A 121 29.53 -13.50 1.54
C PRO A 121 30.53 -13.88 0.44
N SER A 122 30.02 -14.50 -0.62
CA SER A 122 30.86 -14.92 -1.74
C SER A 122 30.45 -14.21 -3.02
N SER A 123 31.45 -13.74 -3.78
CA SER A 123 31.19 -13.04 -5.03
C SER A 123 31.35 -13.98 -6.22
N GLY A 124 30.33 -14.04 -7.06
CA GLY A 124 30.39 -14.90 -8.23
C GLY A 124 30.17 -14.13 -9.53
N GLY A 1 -2.52 12.01 -32.80
CA GLY A 1 -3.83 11.52 -33.17
C GLY A 1 -4.88 12.63 -33.21
N SER A 2 -6.11 12.30 -32.85
CA SER A 2 -7.19 13.27 -32.86
C SER A 2 -7.09 14.20 -31.65
N SER A 3 -7.95 15.22 -31.63
CA SER A 3 -7.96 16.18 -30.54
C SER A 3 -8.28 15.50 -29.21
N GLY A 4 -8.02 16.21 -28.11
CA GLY A 4 -8.29 15.64 -26.80
C GLY A 4 -9.69 15.96 -26.30
N SER A 5 -9.89 17.19 -25.84
CA SER A 5 -11.19 17.61 -25.33
C SER A 5 -11.73 16.60 -24.33
N SER A 6 -10.87 16.15 -23.43
CA SER A 6 -11.26 15.17 -22.41
C SER A 6 -10.73 15.58 -21.04
N GLY A 7 -11.62 15.56 -20.04
CA GLY A 7 -11.23 15.92 -18.70
C GLY A 7 -10.98 14.71 -17.82
N TRP A 8 -11.08 14.90 -16.51
CA TRP A 8 -10.86 13.82 -15.56
C TRP A 8 -12.08 12.92 -15.46
N ILE A 9 -11.89 11.72 -14.95
CA ILE A 9 -12.98 10.76 -14.81
C ILE A 9 -13.24 10.44 -13.34
N LEU A 10 -14.50 10.54 -12.93
CA LEU A 10 -14.89 10.27 -11.55
C LEU A 10 -14.32 8.94 -11.08
N ALA A 11 -14.04 8.83 -9.79
CA ALA A 11 -13.51 7.60 -9.21
C ALA A 11 -13.71 7.57 -7.71
N SER A 12 -14.44 6.55 -7.24
CA SER A 12 -14.71 6.40 -5.81
C SER A 12 -14.89 7.76 -5.15
N THR A 13 -15.65 8.63 -5.80
CA THR A 13 -15.90 9.98 -5.27
C THR A 13 -17.30 10.09 -4.70
N THR A 14 -17.48 9.58 -3.48
CA THR A 14 -18.78 9.63 -2.82
C THR A 14 -18.63 9.82 -1.31
N GLU A 15 -19.59 10.51 -0.71
CA GLU A 15 -19.56 10.78 0.72
C GLU A 15 -19.61 9.48 1.51
N GLY A 16 -18.68 9.31 2.44
CA GLY A 16 -18.64 8.11 3.25
C GLY A 16 -17.43 7.24 2.95
N ALA A 17 -16.27 7.87 2.87
CA ALA A 17 -15.03 7.15 2.58
C ALA A 17 -13.84 7.78 3.31
N PRO A 18 -12.78 6.99 3.50
CA PRO A 18 -11.57 7.46 4.18
C PRO A 18 -10.79 8.48 3.35
N SER A 19 -11.11 9.75 3.54
CA SER A 19 -10.44 10.82 2.81
C SER A 19 -9.10 11.17 3.44
N VAL A 20 -8.38 10.14 3.88
CA VAL A 20 -7.08 10.34 4.51
C VAL A 20 -6.26 9.05 4.48
N ALA A 21 -4.94 9.19 4.50
CA ALA A 21 -4.04 8.05 4.47
C ALA A 21 -3.48 7.76 5.87
N PRO A 22 -2.87 6.57 6.02
CA PRO A 22 -2.28 6.14 7.30
C PRO A 22 -1.04 6.96 7.66
N LEU A 23 -0.73 7.00 8.95
CA LEU A 23 0.43 7.74 9.44
C LEU A 23 1.54 6.79 9.87
N ASN A 24 2.68 7.35 10.28
CA ASN A 24 3.81 6.56 10.72
C ASN A 24 4.17 5.50 9.69
N VAL A 25 3.92 5.81 8.42
CA VAL A 25 4.22 4.89 7.33
C VAL A 25 5.72 4.83 7.06
N THR A 26 6.31 3.67 7.36
CA THR A 26 7.75 3.49 7.14
C THR A 26 8.02 2.22 6.34
N VAL A 27 9.27 2.05 5.93
CA VAL A 27 9.66 0.88 5.15
C VAL A 27 11.07 0.44 5.49
N PHE A 28 11.21 -0.76 6.04
CA PHE A 28 12.51 -1.31 6.41
C PHE A 28 12.88 -2.49 5.53
N LEU A 29 14.06 -2.42 4.93
CA LEU A 29 14.54 -3.49 4.06
C LEU A 29 15.61 -4.32 4.75
N ASN A 30 15.23 -5.51 5.21
CA ASN A 30 16.18 -6.40 5.88
C ASN A 30 17.20 -6.96 4.90
N GLU A 31 18.48 -6.79 5.23
CA GLU A 31 19.55 -7.27 4.38
C GLU A 31 19.93 -8.70 4.75
N SER A 32 19.44 -9.16 5.89
CA SER A 32 19.73 -10.51 6.36
C SER A 32 18.59 -11.47 6.00
N SER A 33 17.57 -10.94 5.33
CA SER A 33 16.42 -11.74 4.93
C SER A 33 15.66 -11.07 3.79
N ASP A 34 15.37 -11.84 2.75
CA ASP A 34 14.65 -11.33 1.59
C ASP A 34 13.21 -10.97 1.97
N ASN A 35 13.05 -9.85 2.65
CA ASN A 35 11.72 -9.40 3.08
C ASN A 35 11.74 -7.91 3.43
N VAL A 36 10.61 -7.25 3.21
CA VAL A 36 10.50 -5.82 3.51
C VAL A 36 9.44 -5.56 4.58
N ASP A 37 9.84 -4.90 5.66
CA ASP A 37 8.93 -4.59 6.75
C ASP A 37 8.26 -3.24 6.53
N ILE A 38 7.03 -3.11 7.04
CA ILE A 38 6.28 -1.88 6.88
C ILE A 38 5.45 -1.59 8.14
N ARG A 39 5.60 -0.39 8.69
CA ARG A 39 4.86 0.00 9.88
C ARG A 39 4.07 1.29 9.63
N TRP A 40 2.82 1.32 10.09
CA TRP A 40 1.97 2.49 9.92
C TRP A 40 1.05 2.66 11.11
N MET A 41 0.17 3.66 11.04
CA MET A 41 -0.77 3.93 12.12
C MET A 41 -2.18 4.14 11.56
N LYS A 42 -3.17 4.01 12.44
CA LYS A 42 -4.57 4.18 12.04
C LYS A 42 -4.94 5.66 11.96
N PRO A 43 -5.61 6.03 10.86
CA PRO A 43 -6.04 7.42 10.64
C PRO A 43 -7.15 7.85 11.60
N PRO A 44 -7.42 9.16 11.64
CA PRO A 44 -8.46 9.73 12.51
C PRO A 44 -9.87 9.35 12.05
N THR A 45 -9.94 8.51 11.03
CA THR A 45 -11.24 8.07 10.50
C THR A 45 -11.77 6.87 11.27
N LYS A 46 -12.24 7.12 12.49
CA LYS A 46 -12.78 6.06 13.34
C LYS A 46 -14.28 6.24 13.52
N GLN A 47 -14.74 7.48 13.52
CA GLN A 47 -16.16 7.78 13.68
C GLN A 47 -16.65 8.73 12.60
N GLN A 48 -15.91 9.82 12.39
CA GLN A 48 -16.26 10.81 11.39
C GLN A 48 -16.67 10.14 10.07
N ASP A 49 -15.70 9.49 9.43
CA ASP A 49 -15.95 8.80 8.17
C ASP A 49 -16.52 7.41 8.41
N GLY A 50 -15.86 6.65 9.28
CA GLY A 50 -16.32 5.31 9.58
C GLY A 50 -15.22 4.42 10.12
N GLU A 51 -15.59 3.37 10.85
CA GLU A 51 -14.62 2.45 11.42
C GLU A 51 -13.82 1.76 10.32
N LEU A 52 -12.49 1.89 10.38
CA LEU A 52 -11.62 1.27 9.40
C LEU A 52 -11.76 -0.25 9.41
N VAL A 53 -11.75 -0.85 8.23
CA VAL A 53 -11.88 -2.30 8.10
C VAL A 53 -10.53 -2.94 7.77
N GLY A 54 -9.71 -2.22 7.02
CA GLY A 54 -8.40 -2.74 6.65
C GLY A 54 -7.57 -1.73 5.88
N TYR A 55 -6.41 -2.16 5.40
CA TYR A 55 -5.52 -1.28 4.65
C TYR A 55 -5.15 -1.90 3.31
N ARG A 56 -4.73 -1.05 2.37
CA ARG A 56 -4.34 -1.52 1.05
C ARG A 56 -2.93 -1.07 0.71
N ILE A 57 -1.99 -2.02 0.75
CA ILE A 57 -0.59 -1.73 0.44
C ILE A 57 -0.26 -2.09 -1.01
N SER A 58 0.16 -1.10 -1.78
CA SER A 58 0.50 -1.31 -3.18
C SER A 58 2.02 -1.33 -3.36
N HIS A 59 2.55 -2.51 -3.70
CA HIS A 59 3.99 -2.66 -3.91
C HIS A 59 4.29 -3.06 -5.35
N VAL A 60 5.00 -2.20 -6.06
CA VAL A 60 5.35 -2.47 -7.45
C VAL A 60 6.86 -2.66 -7.61
N TRP A 61 7.25 -3.33 -8.69
CA TRP A 61 8.66 -3.58 -8.95
C TRP A 61 9.03 -3.19 -10.39
N GLN A 62 9.94 -2.23 -10.52
CA GLN A 62 10.37 -1.76 -11.83
C GLN A 62 11.88 -1.95 -12.01
N SER A 63 12.25 -2.79 -12.96
CA SER A 63 13.67 -3.06 -13.23
C SER A 63 13.99 -2.81 -14.69
N ALA A 64 15.26 -2.51 -14.96
CA ALA A 64 15.71 -2.25 -16.32
C ALA A 64 15.48 -3.46 -17.23
N GLY A 65 14.44 -3.39 -18.05
CA GLY A 65 14.13 -4.48 -18.95
C GLY A 65 12.98 -5.33 -18.45
N ILE A 66 12.74 -5.30 -17.14
CA ILE A 66 11.68 -6.08 -16.53
C ILE A 66 10.84 -5.21 -15.59
N SER A 67 9.53 -5.18 -15.83
CA SER A 67 8.62 -4.40 -15.00
C SER A 67 7.47 -5.26 -14.50
N LYS A 68 7.43 -5.45 -13.19
CA LYS A 68 6.38 -6.26 -12.56
C LYS A 68 5.53 -5.42 -11.62
N GLU A 69 4.27 -5.81 -11.44
CA GLU A 69 3.36 -5.09 -10.56
C GLU A 69 2.61 -6.05 -9.65
N LEU A 70 2.70 -5.82 -8.35
CA LEU A 70 2.03 -6.67 -7.37
C LEU A 70 1.20 -5.84 -6.40
N LEU A 71 0.22 -6.46 -5.76
CA LEU A 71 -0.64 -5.78 -4.80
C LEU A 71 -0.92 -6.66 -3.59
N GLU A 72 -0.71 -6.10 -2.40
CA GLU A 72 -0.94 -6.83 -1.16
C GLU A 72 -2.28 -6.45 -0.55
N GLU A 73 -2.82 -7.35 0.28
CA GLU A 73 -4.11 -7.10 0.93
C GLU A 73 -4.02 -7.43 2.42
N VAL A 74 -4.37 -6.44 3.25
CA VAL A 74 -4.33 -6.62 4.70
C VAL A 74 -5.59 -6.05 5.35
N GLY A 75 -6.10 -6.75 6.36
CA GLY A 75 -7.28 -6.30 7.06
C GLY A 75 -6.96 -5.40 8.24
N GLN A 76 -8.00 -4.94 8.93
CA GLN A 76 -7.82 -4.06 10.08
C GLN A 76 -6.69 -4.56 10.97
N ASN A 77 -6.66 -5.87 11.18
CA ASN A 77 -5.62 -6.49 12.02
C ASN A 77 -4.40 -6.85 11.20
N GLY A 78 -3.39 -5.98 11.21
CA GLY A 78 -2.18 -6.22 10.46
C GLY A 78 -1.30 -4.99 10.34
N SER A 79 -1.34 -4.14 11.36
CA SER A 79 -0.56 -2.91 11.37
C SER A 79 0.81 -3.13 10.72
N ARG A 80 1.34 -4.35 10.88
CA ARG A 80 2.64 -4.70 10.30
C ARG A 80 2.47 -5.65 9.13
N ALA A 81 3.22 -5.40 8.07
CA ALA A 81 3.16 -6.24 6.87
C ALA A 81 4.57 -6.56 6.36
N ARG A 82 4.69 -7.69 5.69
CA ARG A 82 5.98 -8.12 5.14
C ARG A 82 5.82 -8.67 3.72
N ILE A 83 6.74 -8.30 2.84
CA ILE A 83 6.71 -8.75 1.46
C ILE A 83 8.02 -9.41 1.06
N SER A 84 7.92 -10.54 0.37
CA SER A 84 9.10 -11.27 -0.08
C SER A 84 9.68 -10.66 -1.35
N VAL A 85 10.92 -10.20 -1.27
CA VAL A 85 11.59 -9.59 -2.41
C VAL A 85 11.46 -10.46 -3.65
N GLN A 86 10.51 -10.12 -4.52
CA GLN A 86 10.28 -10.87 -5.75
C GLN A 86 11.32 -10.53 -6.80
N VAL A 87 11.72 -9.26 -6.83
CA VAL A 87 12.72 -8.79 -7.80
C VAL A 87 13.89 -8.12 -7.09
N HIS A 88 15.10 -8.34 -7.62
CA HIS A 88 16.30 -7.75 -7.04
C HIS A 88 16.92 -6.74 -7.99
N ASN A 89 17.62 -5.76 -7.43
CA ASN A 89 18.26 -4.72 -8.23
C ASN A 89 17.23 -3.93 -9.02
N ALA A 90 16.11 -3.65 -8.38
CA ALA A 90 15.04 -2.88 -9.02
C ALA A 90 14.46 -1.83 -8.07
N THR A 91 13.68 -0.91 -8.62
CA THR A 91 13.07 0.15 -7.82
C THR A 91 11.65 -0.20 -7.44
N CYS A 92 11.38 -0.22 -6.13
CA CYS A 92 10.04 -0.54 -5.63
C CYS A 92 9.43 0.65 -4.91
N THR A 93 8.11 0.81 -5.06
CA THR A 93 7.40 1.92 -4.42
C THR A 93 6.28 1.41 -3.52
N VAL A 94 6.38 1.71 -2.24
CA VAL A 94 5.37 1.30 -1.27
C VAL A 94 4.32 2.38 -1.06
N ARG A 95 3.06 1.97 -0.91
CA ARG A 95 1.97 2.90 -0.70
C ARG A 95 0.85 2.25 0.11
N ILE A 96 0.52 2.87 1.24
CA ILE A 96 -0.54 2.35 2.11
C ILE A 96 -1.73 3.32 2.16
N ALA A 97 -2.93 2.76 2.19
CA ALA A 97 -4.14 3.57 2.25
C ALA A 97 -5.19 2.91 3.14
N ALA A 98 -5.90 3.73 3.91
CA ALA A 98 -6.94 3.23 4.81
C ALA A 98 -8.26 3.06 4.07
N VAL A 99 -8.87 1.89 4.25
CA VAL A 99 -10.14 1.60 3.59
C VAL A 99 -11.24 1.34 4.62
N THR A 100 -12.48 1.59 4.24
CA THR A 100 -13.62 1.39 5.13
C THR A 100 -14.68 0.53 4.47
N ARG A 101 -15.81 0.36 5.16
CA ARG A 101 -16.92 -0.45 4.63
C ARG A 101 -17.70 0.32 3.57
N GLY A 102 -17.16 1.47 3.17
CA GLY A 102 -17.83 2.29 2.17
C GLY A 102 -17.01 2.44 0.90
N GLY A 103 -15.70 2.63 1.06
CA GLY A 103 -14.83 2.78 -0.09
C GLY A 103 -13.37 2.87 0.29
N VAL A 104 -12.49 2.85 -0.70
CA VAL A 104 -11.06 2.94 -0.46
C VAL A 104 -10.57 4.38 -0.53
N GLY A 105 -9.74 4.77 0.43
CA GLY A 105 -9.21 6.12 0.46
C GLY A 105 -7.92 6.25 -0.32
N PRO A 106 -7.39 7.49 -0.41
CA PRO A 106 -6.15 7.77 -1.12
C PRO A 106 -4.93 7.21 -0.40
N PHE A 107 -3.97 6.71 -1.17
CA PHE A 107 -2.75 6.14 -0.61
C PHE A 107 -1.85 7.24 -0.03
N SER A 108 -0.99 6.86 0.90
CA SER A 108 -0.08 7.80 1.53
C SER A 108 1.08 8.17 0.60
N ASP A 109 2.01 8.96 1.10
CA ASP A 109 3.17 9.37 0.31
C ASP A 109 3.96 8.17 -0.18
N PRO A 110 4.22 8.12 -1.49
CA PRO A 110 4.98 7.02 -2.10
C PRO A 110 6.45 7.04 -1.71
N VAL A 111 6.99 5.86 -1.42
CA VAL A 111 8.39 5.74 -1.04
C VAL A 111 9.16 4.86 -2.01
N LYS A 112 10.11 5.46 -2.71
CA LYS A 112 10.92 4.73 -3.68
C LYS A 112 12.20 4.19 -3.04
N ILE A 113 12.24 2.88 -2.83
CA ILE A 113 13.40 2.23 -2.22
C ILE A 113 14.13 1.35 -3.23
N PHE A 114 15.46 1.48 -3.24
CA PHE A 114 16.28 0.69 -4.16
C PHE A 114 16.56 -0.70 -3.60
N ILE A 115 16.20 -1.72 -4.35
CA ILE A 115 16.41 -3.10 -3.93
C ILE A 115 17.79 -3.58 -4.32
N PRO A 116 18.66 -3.78 -3.30
CA PRO A 116 20.02 -4.25 -3.51
C PRO A 116 20.07 -5.71 -3.97
N ALA A 117 20.77 -5.95 -5.08
CA ALA A 117 20.89 -7.31 -5.62
C ALA A 117 21.16 -8.32 -4.50
N HIS A 118 20.94 -9.59 -4.80
CA HIS A 118 21.16 -10.65 -3.82
C HIS A 118 22.63 -10.73 -3.43
N SER A 119 23.47 -9.96 -4.12
CA SER A 119 24.90 -9.96 -3.84
C SER A 119 25.23 -8.91 -2.78
N GLY A 120 26.45 -8.99 -2.26
CA GLY A 120 26.89 -8.04 -1.24
C GLY A 120 28.14 -8.49 -0.52
N PRO A 121 28.96 -7.52 -0.08
CA PRO A 121 30.21 -7.81 0.62
C PRO A 121 29.97 -8.37 2.03
N SER A 122 28.73 -8.26 2.50
CA SER A 122 28.36 -8.75 3.81
C SER A 122 28.51 -10.27 3.89
N SER A 123 28.46 -10.80 5.10
CA SER A 123 28.58 -12.24 5.32
C SER A 123 27.24 -12.86 5.72
N GLY A 124 27.20 -14.18 5.77
CA GLY A 124 25.97 -14.86 6.14
C GLY A 124 26.19 -16.35 6.37
N GLY A 1 -39.54 -14.44 6.31
CA GLY A 1 -40.24 -13.84 5.18
C GLY A 1 -39.73 -12.44 4.86
N SER A 2 -40.27 -11.84 3.81
CA SER A 2 -39.87 -10.50 3.40
C SER A 2 -40.75 -9.99 2.27
N SER A 3 -41.00 -8.68 2.26
CA SER A 3 -41.83 -8.08 1.23
C SER A 3 -40.98 -7.48 0.12
N GLY A 4 -41.57 -7.34 -1.06
CA GLY A 4 -40.84 -6.78 -2.19
C GLY A 4 -41.72 -5.91 -3.07
N SER A 5 -41.41 -4.62 -3.12
CA SER A 5 -42.19 -3.68 -3.94
C SER A 5 -41.53 -3.48 -5.30
N SER A 6 -42.33 -3.03 -6.26
CA SER A 6 -41.83 -2.79 -7.62
C SER A 6 -40.39 -2.27 -7.58
N GLY A 7 -39.50 -2.96 -8.29
CA GLY A 7 -38.11 -2.55 -8.33
C GLY A 7 -37.88 -1.34 -9.21
N TRP A 8 -37.04 -0.43 -8.74
CA TRP A 8 -36.74 0.79 -9.51
C TRP A 8 -35.41 1.39 -9.05
N ILE A 9 -34.92 2.36 -9.82
CA ILE A 9 -33.66 3.02 -9.50
C ILE A 9 -33.67 3.56 -8.07
N LEU A 10 -32.80 3.02 -7.23
CA LEU A 10 -32.70 3.44 -5.84
C LEU A 10 -31.64 4.53 -5.67
N ALA A 11 -32.00 5.58 -4.94
CA ALA A 11 -31.07 6.69 -4.70
C ALA A 11 -29.85 6.22 -3.91
N SER A 12 -28.66 6.55 -4.42
CA SER A 12 -27.42 6.16 -3.77
C SER A 12 -26.62 7.39 -3.36
N THR A 13 -25.53 7.17 -2.63
CA THR A 13 -24.68 8.25 -2.16
C THR A 13 -23.28 8.16 -2.78
N THR A 14 -22.68 9.31 -3.06
CA THR A 14 -21.35 9.35 -3.64
C THR A 14 -20.29 9.62 -2.60
N GLU A 15 -20.72 10.09 -1.42
CA GLU A 15 -19.81 10.39 -0.33
C GLU A 15 -19.95 9.37 0.79
N GLY A 16 -18.82 8.86 1.27
CA GLY A 16 -18.83 7.88 2.33
C GLY A 16 -17.63 6.96 2.30
N ALA A 17 -16.44 7.54 2.25
CA ALA A 17 -15.20 6.76 2.21
C ALA A 17 -14.08 7.48 2.95
N PRO A 18 -13.08 6.71 3.40
CA PRO A 18 -11.93 7.25 4.12
C PRO A 18 -11.01 8.07 3.22
N SER A 19 -11.29 9.36 3.12
CA SER A 19 -10.49 10.25 2.29
C SER A 19 -9.20 10.66 3.00
N VAL A 20 -8.56 9.68 3.64
CA VAL A 20 -7.32 9.92 4.36
C VAL A 20 -6.42 8.70 4.35
N ALA A 21 -5.11 8.93 4.29
CA ALA A 21 -4.15 7.84 4.28
C ALA A 21 -3.51 7.64 5.65
N PRO A 22 -2.89 6.47 5.85
CA PRO A 22 -2.24 6.12 7.12
C PRO A 22 -0.99 6.95 7.37
N LEU A 23 -0.56 7.02 8.62
CA LEU A 23 0.63 7.77 8.99
C LEU A 23 1.76 6.84 9.43
N ASN A 24 2.88 7.43 9.83
CA ASN A 24 4.03 6.65 10.28
C ASN A 24 4.41 5.60 9.24
N VAL A 25 4.10 5.88 7.97
CA VAL A 25 4.41 4.96 6.89
C VAL A 25 5.92 4.84 6.69
N THR A 26 6.47 3.67 7.02
CA THR A 26 7.90 3.43 6.87
C THR A 26 8.17 2.15 6.10
N VAL A 27 9.42 1.93 5.74
CA VAL A 27 9.80 0.73 4.99
C VAL A 27 11.19 0.25 5.41
N PHE A 28 11.25 -0.95 5.99
CA PHE A 28 12.51 -1.52 6.44
C PHE A 28 12.89 -2.72 5.58
N LEU A 29 14.17 -2.84 5.26
CA LEU A 29 14.67 -3.94 4.45
C LEU A 29 15.43 -4.95 5.30
N ASN A 30 14.96 -6.19 5.30
CA ASN A 30 15.61 -7.25 6.08
C ASN A 30 16.84 -7.78 5.35
N GLU A 31 17.98 -7.72 6.02
CA GLU A 31 19.23 -8.20 5.44
C GLU A 31 19.38 -9.71 5.61
N SER A 32 19.00 -10.19 6.80
CA SER A 32 19.10 -11.62 7.09
C SER A 32 18.02 -12.40 6.34
N SER A 33 17.02 -11.68 5.85
CA SER A 33 15.93 -12.31 5.11
C SER A 33 15.43 -11.39 3.99
N ASP A 34 15.31 -11.94 2.79
CA ASP A 34 14.86 -11.17 1.63
C ASP A 34 13.39 -10.80 1.79
N ASN A 35 13.12 -9.81 2.63
CA ASN A 35 11.76 -9.35 2.87
C ASN A 35 11.72 -7.85 3.13
N VAL A 36 10.55 -7.25 2.96
CA VAL A 36 10.39 -5.81 3.18
C VAL A 36 9.32 -5.54 4.23
N ASP A 37 9.74 -4.93 5.34
CA ASP A 37 8.81 -4.61 6.42
C ASP A 37 8.16 -3.25 6.19
N ILE A 38 6.94 -3.10 6.68
CA ILE A 38 6.20 -1.85 6.54
C ILE A 38 5.36 -1.54 7.77
N ARG A 39 5.56 -0.36 8.34
CA ARG A 39 4.83 0.05 9.54
C ARG A 39 4.08 1.36 9.29
N TRP A 40 2.85 1.44 9.78
CA TRP A 40 2.04 2.64 9.61
C TRP A 40 1.15 2.85 10.83
N MET A 41 0.31 3.89 10.76
CA MET A 41 -0.60 4.20 11.86
C MET A 41 -2.03 4.40 11.34
N LYS A 42 -3.00 4.30 12.24
CA LYS A 42 -4.39 4.47 11.87
C LYS A 42 -4.75 5.94 11.74
N PRO A 43 -5.43 6.29 10.64
CA PRO A 43 -5.83 7.67 10.36
C PRO A 43 -6.94 8.15 11.31
N PRO A 44 -7.13 9.47 11.37
CA PRO A 44 -8.15 10.08 12.23
C PRO A 44 -9.58 9.79 11.74
N THR A 45 -9.68 8.98 10.70
CA THR A 45 -10.97 8.62 10.14
C THR A 45 -12.05 8.55 11.22
N LYS A 46 -12.80 9.63 11.37
CA LYS A 46 -13.86 9.69 12.37
C LYS A 46 -14.91 8.61 12.12
N GLN A 47 -15.65 8.25 13.15
CA GLN A 47 -16.70 7.24 13.04
C GLN A 47 -17.72 7.64 11.97
N GLN A 48 -17.66 8.89 11.54
CA GLN A 48 -18.58 9.39 10.53
C GLN A 48 -18.32 8.73 9.18
N ASP A 49 -17.08 8.82 8.71
CA ASP A 49 -16.70 8.23 7.43
C ASP A 49 -16.69 6.70 7.53
N GLY A 50 -16.91 6.18 8.72
CA GLY A 50 -16.92 4.75 8.93
C GLY A 50 -15.65 4.26 9.60
N GLU A 51 -15.79 3.20 10.41
CA GLU A 51 -14.65 2.63 11.11
C GLU A 51 -13.79 1.78 10.19
N LEU A 52 -12.52 2.14 10.07
CA LEU A 52 -11.59 1.42 9.21
C LEU A 52 -11.71 -0.10 9.44
N VAL A 53 -11.52 -0.86 8.37
CA VAL A 53 -11.60 -2.31 8.46
C VAL A 53 -10.28 -2.97 8.08
N GLY A 54 -9.49 -2.26 7.27
CA GLY A 54 -8.21 -2.78 6.84
C GLY A 54 -7.39 -1.77 6.07
N TYR A 55 -6.30 -2.22 5.46
CA TYR A 55 -5.43 -1.34 4.69
C TYR A 55 -5.09 -1.96 3.33
N ARG A 56 -4.78 -1.11 2.37
CA ARG A 56 -4.44 -1.56 1.03
C ARG A 56 -3.00 -1.19 0.68
N ILE A 57 -2.11 -2.18 0.71
CA ILE A 57 -0.70 -1.94 0.40
C ILE A 57 -0.39 -2.37 -1.03
N SER A 58 0.17 -1.43 -1.80
CA SER A 58 0.51 -1.71 -3.19
C SER A 58 2.03 -1.61 -3.40
N HIS A 59 2.68 -2.76 -3.48
CA HIS A 59 4.13 -2.82 -3.67
C HIS A 59 4.47 -3.18 -5.11
N VAL A 60 4.99 -2.20 -5.86
CA VAL A 60 5.36 -2.41 -7.25
C VAL A 60 6.87 -2.55 -7.40
N TRP A 61 7.29 -3.07 -8.54
CA TRP A 61 8.72 -3.26 -8.82
C TRP A 61 9.05 -2.84 -10.24
N GLN A 62 9.93 -1.85 -10.37
CA GLN A 62 10.34 -1.35 -11.68
C GLN A 62 11.84 -1.49 -11.86
N SER A 63 12.25 -2.44 -12.70
CA SER A 63 13.67 -2.67 -12.96
C SER A 63 14.02 -2.33 -14.40
N ALA A 64 15.30 -2.12 -14.66
CA ALA A 64 15.77 -1.78 -16.00
C ALA A 64 15.53 -2.93 -16.97
N GLY A 65 14.53 -2.78 -17.83
CA GLY A 65 14.21 -3.81 -18.79
C GLY A 65 13.07 -4.69 -18.34
N ILE A 66 12.77 -4.66 -17.05
CA ILE A 66 11.69 -5.46 -16.49
C ILE A 66 10.84 -4.66 -15.53
N SER A 67 9.52 -4.71 -15.71
CA SER A 67 8.60 -3.97 -14.86
C SER A 67 7.50 -4.90 -14.34
N LYS A 68 7.50 -5.13 -13.03
CA LYS A 68 6.50 -6.00 -12.41
C LYS A 68 5.60 -5.20 -11.47
N GLU A 69 4.39 -5.69 -11.26
CA GLU A 69 3.44 -5.01 -10.38
C GLU A 69 2.80 -6.00 -9.41
N LEU A 70 2.77 -5.65 -8.13
CA LEU A 70 2.18 -6.50 -7.11
C LEU A 70 1.19 -5.72 -6.24
N LEU A 71 0.29 -6.45 -5.58
CA LEU A 71 -0.69 -5.82 -4.72
C LEU A 71 -0.96 -6.67 -3.48
N GLU A 72 -0.69 -6.10 -2.31
CA GLU A 72 -0.90 -6.80 -1.04
C GLU A 72 -2.20 -6.37 -0.38
N GLU A 73 -2.82 -7.29 0.36
CA GLU A 73 -4.08 -6.99 1.05
C GLU A 73 -3.97 -7.33 2.54
N VAL A 74 -4.48 -6.43 3.37
CA VAL A 74 -4.44 -6.63 4.81
C VAL A 74 -5.67 -6.02 5.49
N GLY A 75 -6.06 -6.58 6.63
CA GLY A 75 -7.21 -6.07 7.35
C GLY A 75 -6.83 -5.15 8.49
N GLN A 76 -7.78 -4.86 9.36
CA GLN A 76 -7.54 -3.99 10.51
C GLN A 76 -6.44 -4.56 11.40
N ASN A 77 -6.38 -5.88 11.49
CA ASN A 77 -5.38 -6.56 12.31
C ASN A 77 -4.07 -6.71 11.55
N GLY A 78 -3.08 -5.88 11.88
CA GLY A 78 -1.80 -5.94 11.22
C GLY A 78 -1.14 -4.59 11.11
N SER A 79 -0.69 -4.05 12.24
CA SER A 79 -0.03 -2.76 12.28
C SER A 79 1.16 -2.73 11.33
N ARG A 80 1.73 -3.90 11.07
CA ARG A 80 2.89 -4.01 10.18
C ARG A 80 2.63 -5.05 9.10
N ALA A 81 3.41 -4.98 8.02
CA ALA A 81 3.28 -5.91 6.91
C ALA A 81 4.65 -6.30 6.35
N ARG A 82 4.73 -7.48 5.75
CA ARG A 82 5.97 -7.96 5.17
C ARG A 82 5.72 -8.60 3.81
N ILE A 83 6.73 -8.55 2.95
CA ILE A 83 6.63 -9.12 1.61
C ILE A 83 7.94 -9.77 1.19
N SER A 84 7.84 -10.83 0.40
CA SER A 84 9.02 -11.55 -0.08
C SER A 84 9.55 -10.92 -1.36
N VAL A 85 10.69 -10.23 -1.24
CA VAL A 85 11.31 -9.59 -2.39
C VAL A 85 11.12 -10.41 -3.66
N GLN A 86 10.40 -9.84 -4.62
CA GLN A 86 10.14 -10.51 -5.88
C GLN A 86 11.22 -10.20 -6.91
N VAL A 87 11.87 -9.04 -6.74
CA VAL A 87 12.92 -8.61 -7.65
C VAL A 87 14.02 -7.87 -6.90
N HIS A 88 15.27 -8.14 -7.26
CA HIS A 88 16.41 -7.49 -6.63
C HIS A 88 17.04 -6.47 -7.57
N ASN A 89 17.71 -5.47 -6.99
CA ASN A 89 18.36 -4.43 -7.78
C ASN A 89 17.34 -3.65 -8.60
N ALA A 90 16.19 -3.38 -8.00
CA ALA A 90 15.14 -2.64 -8.68
C ALA A 90 14.48 -1.62 -7.74
N THR A 91 13.75 -0.67 -8.32
CA THR A 91 13.09 0.36 -7.53
C THR A 91 11.65 -0.02 -7.24
N CYS A 92 11.35 -0.23 -5.96
CA CYS A 92 9.99 -0.61 -5.54
C CYS A 92 9.28 0.58 -4.90
N THR A 93 7.99 0.70 -5.20
CA THR A 93 7.18 1.79 -4.66
C THR A 93 6.10 1.27 -3.72
N VAL A 94 6.20 1.63 -2.45
CA VAL A 94 5.24 1.20 -1.45
C VAL A 94 4.15 2.26 -1.24
N ARG A 95 2.90 1.82 -1.19
CA ARG A 95 1.78 2.72 -0.99
C ARG A 95 0.69 2.07 -0.15
N ILE A 96 0.24 2.78 0.89
CA ILE A 96 -0.79 2.27 1.77
C ILE A 96 -2.02 3.17 1.75
N ALA A 97 -3.20 2.56 1.88
CA ALA A 97 -4.45 3.32 1.88
C ALA A 97 -5.44 2.72 2.88
N ALA A 98 -6.08 3.57 3.65
CA ALA A 98 -7.06 3.14 4.65
C ALA A 98 -8.42 2.86 4.00
N VAL A 99 -8.94 1.67 4.22
CA VAL A 99 -10.23 1.27 3.66
C VAL A 99 -11.25 1.02 4.76
N THR A 100 -12.52 1.23 4.42
CA THR A 100 -13.60 1.03 5.38
C THR A 100 -14.66 0.09 4.83
N ARG A 101 -15.72 -0.14 5.62
CA ARG A 101 -16.80 -1.02 5.20
C ARG A 101 -17.67 -0.36 4.14
N GLY A 102 -17.28 0.84 3.71
CA GLY A 102 -18.03 1.56 2.70
C GLY A 102 -17.27 1.69 1.40
N GLY A 103 -15.99 2.07 1.49
CA GLY A 103 -15.18 2.22 0.30
C GLY A 103 -13.70 2.28 0.62
N VAL A 104 -12.88 2.46 -0.43
CA VAL A 104 -11.44 2.54 -0.26
C VAL A 104 -10.96 3.99 -0.26
N GLY A 105 -9.91 4.26 0.51
CA GLY A 105 -9.37 5.60 0.58
C GLY A 105 -8.12 5.77 -0.26
N PRO A 106 -7.65 7.02 -0.40
CA PRO A 106 -6.46 7.33 -1.18
C PRO A 106 -5.18 6.83 -0.51
N PHE A 107 -4.22 6.41 -1.34
CA PHE A 107 -2.95 5.90 -0.83
C PHE A 107 -2.04 7.06 -0.38
N SER A 108 -1.07 6.73 0.47
CA SER A 108 -0.14 7.74 0.97
C SER A 108 0.92 8.07 -0.07
N ASP A 109 1.88 8.89 0.32
CA ASP A 109 2.96 9.30 -0.58
C ASP A 109 3.78 8.08 -1.01
N PRO A 110 4.18 8.06 -2.30
CA PRO A 110 4.98 6.98 -2.86
C PRO A 110 6.40 6.96 -2.32
N VAL A 111 6.83 5.80 -1.83
CA VAL A 111 8.17 5.65 -1.28
C VAL A 111 9.03 4.73 -2.15
N LYS A 112 10.05 5.30 -2.77
CA LYS A 112 10.95 4.53 -3.63
C LYS A 112 12.09 3.91 -2.82
N ILE A 113 12.05 2.59 -2.66
CA ILE A 113 13.08 1.89 -1.91
C ILE A 113 14.01 1.11 -2.84
N PHE A 114 15.30 1.39 -2.74
CA PHE A 114 16.30 0.71 -3.57
C PHE A 114 16.59 -0.70 -3.04
N ILE A 115 16.23 -1.70 -3.84
CA ILE A 115 16.45 -3.09 -3.44
C ILE A 115 17.87 -3.54 -3.81
N PRO A 116 18.68 -3.81 -2.78
CA PRO A 116 20.07 -4.25 -2.97
C PRO A 116 20.15 -5.67 -3.53
N ALA A 117 20.97 -5.84 -4.56
CA ALA A 117 21.15 -7.15 -5.19
C ALA A 117 21.33 -8.24 -4.15
N HIS A 118 21.23 -9.50 -4.58
CA HIS A 118 21.39 -10.63 -3.68
C HIS A 118 22.61 -11.46 -4.05
N SER A 119 23.59 -10.81 -4.68
CA SER A 119 24.81 -11.48 -5.09
C SER A 119 26.03 -10.85 -4.43
N GLY A 120 25.81 -9.72 -3.76
CA GLY A 120 26.90 -9.03 -3.08
C GLY A 120 27.19 -9.61 -1.71
N PRO A 121 28.47 -9.56 -1.31
CA PRO A 121 28.91 -10.08 -0.02
C PRO A 121 28.40 -9.23 1.15
N SER A 122 27.14 -9.45 1.53
CA SER A 122 26.54 -8.70 2.62
C SER A 122 27.15 -9.12 3.96
N SER A 123 26.96 -8.27 4.97
CA SER A 123 27.49 -8.56 6.30
C SER A 123 26.62 -9.58 7.03
N GLY A 124 27.23 -10.32 7.95
CA GLY A 124 26.51 -11.33 8.70
C GLY A 124 26.02 -12.47 7.82
N GLY A 1 -26.45 39.93 -20.25
CA GLY A 1 -26.28 38.49 -20.38
C GLY A 1 -26.10 37.82 -19.03
N SER A 2 -26.78 36.68 -18.84
CA SER A 2 -26.69 35.95 -17.59
C SER A 2 -25.29 35.39 -17.37
N SER A 3 -24.80 34.64 -18.36
CA SER A 3 -23.47 34.04 -18.27
C SER A 3 -23.21 33.47 -16.89
N GLY A 4 -24.22 32.79 -16.35
CA GLY A 4 -24.09 32.20 -15.03
C GLY A 4 -24.29 30.70 -15.05
N SER A 5 -23.21 29.95 -14.89
CA SER A 5 -23.28 28.49 -14.90
C SER A 5 -22.51 27.90 -13.71
N SER A 6 -22.69 26.60 -13.48
CA SER A 6 -22.03 25.93 -12.38
C SER A 6 -20.77 25.20 -12.86
N GLY A 7 -19.80 25.05 -11.97
CA GLY A 7 -18.56 24.38 -12.32
C GLY A 7 -18.49 22.96 -11.79
N TRP A 8 -19.60 22.23 -11.92
CA TRP A 8 -19.67 20.85 -11.45
C TRP A 8 -18.64 19.98 -12.16
N ILE A 9 -17.58 19.61 -11.45
CA ILE A 9 -16.53 18.78 -12.02
C ILE A 9 -17.04 17.36 -12.29
N LEU A 10 -16.59 16.79 -13.41
CA LEU A 10 -17.00 15.44 -13.78
C LEU A 10 -16.55 14.42 -12.74
N ALA A 11 -17.26 13.30 -12.67
CA ALA A 11 -16.93 12.25 -11.72
C ALA A 11 -17.04 12.75 -10.29
N SER A 12 -18.11 13.51 -10.01
CA SER A 12 -18.34 14.05 -8.67
C SER A 12 -19.69 13.62 -8.13
N THR A 13 -19.66 12.75 -7.12
CA THR A 13 -20.89 12.26 -6.50
C THR A 13 -20.74 12.16 -4.99
N THR A 14 -21.88 12.03 -4.30
CA THR A 14 -21.87 11.94 -2.85
C THR A 14 -21.61 10.51 -2.39
N GLU A 15 -20.52 10.33 -1.64
CA GLU A 15 -20.16 9.00 -1.14
C GLU A 15 -19.34 9.11 0.14
N GLY A 16 -19.29 8.02 0.91
CA GLY A 16 -18.54 8.01 2.14
C GLY A 16 -17.25 7.23 2.04
N ALA A 17 -16.16 7.92 1.71
CA ALA A 17 -14.87 7.28 1.59
C ALA A 17 -13.82 7.96 2.47
N PRO A 18 -12.84 7.18 2.94
CA PRO A 18 -11.77 7.69 3.80
C PRO A 18 -10.81 8.61 3.05
N SER A 19 -11.12 9.90 3.06
CA SER A 19 -10.28 10.89 2.38
C SER A 19 -9.05 11.23 3.21
N VAL A 20 -8.42 10.20 3.77
CA VAL A 20 -7.22 10.38 4.58
C VAL A 20 -6.31 9.16 4.51
N ALA A 21 -5.01 9.39 4.57
CA ALA A 21 -4.04 8.31 4.52
C ALA A 21 -3.47 8.01 5.90
N PRO A 22 -2.76 6.87 6.03
CA PRO A 22 -2.16 6.44 7.30
C PRO A 22 -0.99 7.32 7.71
N LEU A 23 -0.79 7.46 9.01
CA LEU A 23 0.31 8.27 9.52
C LEU A 23 1.53 7.42 9.84
N ASN A 24 2.58 8.06 10.33
CA ASN A 24 3.82 7.35 10.67
C ASN A 24 4.04 6.18 9.73
N VAL A 25 3.90 6.43 8.43
CA VAL A 25 4.10 5.39 7.42
C VAL A 25 5.57 5.24 7.07
N THR A 26 6.15 4.11 7.47
CA THR A 26 7.56 3.84 7.20
C THR A 26 7.74 2.47 6.56
N VAL A 27 8.93 2.23 6.01
CA VAL A 27 9.23 0.95 5.37
C VAL A 27 10.70 0.58 5.56
N PHE A 28 10.93 -0.65 6.04
CA PHE A 28 12.28 -1.13 6.27
C PHE A 28 12.60 -2.32 5.36
N LEU A 29 13.87 -2.47 5.02
CA LEU A 29 14.30 -3.57 4.16
C LEU A 29 15.18 -4.55 4.93
N ASN A 30 14.86 -5.84 4.81
CA ASN A 30 15.63 -6.88 5.50
C ASN A 30 16.71 -7.44 4.58
N GLU A 31 17.96 -7.25 4.97
CA GLU A 31 19.09 -7.75 4.18
C GLU A 31 19.37 -9.21 4.49
N SER A 32 19.22 -9.59 5.76
CA SER A 32 19.45 -10.96 6.19
C SER A 32 18.39 -11.89 5.64
N SER A 33 17.20 -11.35 5.42
CA SER A 33 16.09 -12.14 4.89
C SER A 33 15.48 -11.47 3.65
N ASP A 34 15.09 -12.28 2.68
CA ASP A 34 14.49 -11.76 1.46
C ASP A 34 13.05 -11.33 1.69
N ASN A 35 12.88 -10.21 2.38
CA ASN A 35 11.55 -9.69 2.67
C ASN A 35 11.62 -8.22 3.08
N VAL A 36 10.53 -7.50 2.84
CA VAL A 36 10.46 -6.08 3.18
C VAL A 36 9.43 -5.82 4.27
N ASP A 37 9.82 -5.06 5.28
CA ASP A 37 8.93 -4.73 6.38
C ASP A 37 8.22 -3.40 6.14
N ILE A 38 6.98 -3.31 6.61
CA ILE A 38 6.20 -2.09 6.44
C ILE A 38 5.38 -1.78 7.69
N ARG A 39 5.49 -0.54 8.17
CA ARG A 39 4.76 -0.11 9.36
C ARG A 39 4.03 1.20 9.11
N TRP A 40 2.83 1.31 9.67
CA TRP A 40 2.03 2.52 9.51
C TRP A 40 1.20 2.80 10.76
N MET A 41 0.36 3.83 10.69
CA MET A 41 -0.49 4.19 11.82
C MET A 41 -1.93 4.35 11.39
N LYS A 42 -2.85 4.38 12.36
CA LYS A 42 -4.27 4.53 12.07
C LYS A 42 -4.62 5.99 11.86
N PRO A 43 -5.46 6.26 10.84
CA PRO A 43 -5.90 7.62 10.51
C PRO A 43 -6.85 8.20 11.56
N PRO A 44 -6.85 9.53 11.68
CA PRO A 44 -7.70 10.24 12.64
C PRO A 44 -9.18 10.16 12.26
N THR A 45 -9.48 9.42 11.21
CA THR A 45 -10.85 9.27 10.74
C THR A 45 -11.81 9.05 11.91
N LYS A 46 -13.03 9.57 11.77
CA LYS A 46 -14.04 9.42 12.81
C LYS A 46 -15.36 8.92 12.23
N GLN A 47 -16.37 8.80 13.08
CA GLN A 47 -17.69 8.34 12.65
C GLN A 47 -18.11 9.03 11.35
N GLN A 48 -17.58 10.22 11.13
CA GLN A 48 -17.90 10.98 9.93
C GLN A 48 -17.68 10.15 8.68
N ASP A 49 -16.54 9.45 8.63
CA ASP A 49 -16.22 8.61 7.48
C ASP A 49 -16.83 7.22 7.63
N GLY A 50 -16.70 6.65 8.83
CA GLY A 50 -17.25 5.33 9.08
C GLY A 50 -16.36 4.50 9.97
N GLU A 51 -16.02 3.30 9.52
CA GLU A 51 -15.17 2.40 10.28
C GLU A 51 -14.11 1.74 9.39
N LEU A 52 -12.87 1.71 9.87
CA LEU A 52 -11.77 1.11 9.11
C LEU A 52 -11.78 -0.41 9.25
N VAL A 53 -11.71 -1.10 8.12
CA VAL A 53 -11.69 -2.56 8.12
C VAL A 53 -10.31 -3.09 7.79
N GLY A 54 -9.43 -2.21 7.32
CA GLY A 54 -8.08 -2.62 6.97
C GLY A 54 -7.36 -1.58 6.13
N TYR A 55 -6.30 -2.00 5.45
CA TYR A 55 -5.53 -1.11 4.60
C TYR A 55 -5.18 -1.78 3.27
N ARG A 56 -4.58 -1.00 2.37
CA ARG A 56 -4.20 -1.52 1.06
C ARG A 56 -2.74 -1.21 0.76
N ILE A 57 -1.89 -2.23 0.83
CA ILE A 57 -0.47 -2.06 0.57
C ILE A 57 -0.14 -2.40 -0.88
N SER A 58 0.23 -1.39 -1.66
CA SER A 58 0.57 -1.58 -3.06
C SER A 58 2.08 -1.47 -3.27
N HIS A 59 2.71 -2.58 -3.62
CA HIS A 59 4.15 -2.61 -3.85
C HIS A 59 4.46 -3.02 -5.28
N VAL A 60 4.96 -2.07 -6.08
CA VAL A 60 5.29 -2.34 -7.47
C VAL A 60 6.80 -2.45 -7.66
N TRP A 61 7.21 -3.21 -8.66
CA TRP A 61 8.63 -3.40 -8.95
C TRP A 61 8.96 -2.97 -10.37
N GLN A 62 9.96 -2.10 -10.51
CA GLN A 62 10.38 -1.62 -11.82
C GLN A 62 11.88 -1.76 -12.00
N SER A 63 12.28 -2.63 -12.93
CA SER A 63 13.69 -2.86 -13.21
C SER A 63 13.99 -2.68 -14.69
N ALA A 64 15.26 -2.42 -15.00
CA ALA A 64 15.68 -2.23 -16.39
C ALA A 64 15.47 -3.50 -17.21
N GLY A 65 14.38 -3.52 -17.97
CA GLY A 65 14.07 -4.68 -18.79
C GLY A 65 12.88 -5.46 -18.27
N ILE A 66 12.58 -5.29 -16.99
CA ILE A 66 11.46 -5.99 -16.37
C ILE A 66 10.65 -5.04 -15.48
N SER A 67 9.35 -4.94 -15.78
CA SER A 67 8.47 -4.08 -15.01
C SER A 67 7.23 -4.85 -14.53
N LYS A 68 7.21 -5.17 -13.24
CA LYS A 68 6.09 -5.90 -12.66
C LYS A 68 5.44 -5.10 -11.55
N GLU A 69 4.18 -5.42 -11.25
CA GLU A 69 3.45 -4.71 -10.21
C GLU A 69 2.68 -5.70 -9.32
N LEU A 70 2.97 -5.67 -8.03
CA LEU A 70 2.31 -6.56 -7.08
C LEU A 70 1.34 -5.79 -6.18
N LEU A 71 0.33 -6.48 -5.68
CA LEU A 71 -0.67 -5.86 -4.81
C LEU A 71 -0.95 -6.74 -3.59
N GLU A 72 -0.73 -6.19 -2.40
CA GLU A 72 -0.95 -6.93 -1.16
C GLU A 72 -2.31 -6.56 -0.57
N GLU A 73 -2.81 -7.43 0.32
CA GLU A 73 -4.09 -7.20 0.98
C GLU A 73 -3.98 -7.41 2.48
N VAL A 74 -4.32 -6.37 3.24
CA VAL A 74 -4.26 -6.44 4.70
C VAL A 74 -5.56 -5.93 5.32
N GLY A 75 -5.86 -6.41 6.53
CA GLY A 75 -7.06 -5.99 7.21
C GLY A 75 -6.78 -5.05 8.35
N GLN A 76 -7.77 -4.85 9.23
CA GLN A 76 -7.63 -3.97 10.37
C GLN A 76 -6.53 -4.46 11.31
N ASN A 77 -6.40 -5.78 11.41
CA ASN A 77 -5.38 -6.38 12.28
C ASN A 77 -4.15 -6.76 11.47
N GLY A 78 -3.10 -5.95 11.59
CA GLY A 78 -1.87 -6.21 10.88
C GLY A 78 -1.02 -4.97 10.69
N SER A 79 -1.02 -4.11 11.70
CA SER A 79 -0.25 -2.87 11.64
C SER A 79 1.08 -3.08 10.91
N ARG A 80 1.69 -4.24 11.14
CA ARG A 80 2.97 -4.58 10.51
C ARG A 80 2.76 -5.59 9.40
N ALA A 81 3.28 -5.28 8.21
CA ALA A 81 3.17 -6.18 7.07
C ALA A 81 4.54 -6.50 6.48
N ARG A 82 4.71 -7.74 6.04
CA ARG A 82 5.97 -8.18 5.46
C ARG A 82 5.75 -8.81 4.09
N ILE A 83 6.61 -8.47 3.13
CA ILE A 83 6.51 -9.01 1.78
C ILE A 83 7.75 -9.80 1.41
N SER A 84 7.65 -10.57 0.33
CA SER A 84 8.77 -11.39 -0.14
C SER A 84 9.39 -10.80 -1.40
N VAL A 85 10.59 -10.24 -1.26
CA VAL A 85 11.29 -9.63 -2.39
C VAL A 85 11.04 -10.43 -3.67
N GLN A 86 10.28 -9.84 -4.59
CA GLN A 86 9.97 -10.49 -5.86
C GLN A 86 11.06 -10.25 -6.88
N VAL A 87 11.65 -9.07 -6.84
CA VAL A 87 12.73 -8.71 -7.77
C VAL A 87 13.89 -8.03 -7.04
N HIS A 88 15.10 -8.35 -7.45
CA HIS A 88 16.29 -7.77 -6.84
C HIS A 88 16.97 -6.79 -7.79
N ASN A 89 17.59 -5.76 -7.22
CA ASN A 89 18.28 -4.75 -8.02
C ASN A 89 17.28 -3.91 -8.81
N ALA A 90 16.14 -3.62 -8.19
CA ALA A 90 15.10 -2.82 -8.85
C ALA A 90 14.55 -1.76 -7.90
N THR A 91 13.67 -0.91 -8.42
CA THR A 91 13.07 0.15 -7.62
C THR A 91 11.64 -0.21 -7.20
N CYS A 92 11.45 -0.43 -5.91
CA CYS A 92 10.14 -0.78 -5.38
C CYS A 92 9.49 0.40 -4.67
N THR A 93 8.22 0.65 -4.98
CA THR A 93 7.49 1.76 -4.38
C THR A 93 6.39 1.26 -3.44
N VAL A 94 6.55 1.55 -2.15
CA VAL A 94 5.57 1.13 -1.15
C VAL A 94 4.52 2.21 -0.93
N ARG A 95 3.27 1.80 -0.79
CA ARG A 95 2.17 2.73 -0.57
C ARG A 95 1.02 2.04 0.16
N ILE A 96 0.62 2.60 1.29
CA ILE A 96 -0.46 2.05 2.09
C ILE A 96 -1.66 3.01 2.13
N ALA A 97 -2.86 2.45 2.09
CA ALA A 97 -4.08 3.25 2.12
C ALA A 97 -5.06 2.70 3.13
N ALA A 98 -6.00 3.54 3.56
CA ALA A 98 -7.01 3.13 4.53
C ALA A 98 -8.26 2.61 3.84
N VAL A 99 -8.72 1.43 4.25
CA VAL A 99 -9.91 0.82 3.67
C VAL A 99 -11.08 0.83 4.65
N THR A 100 -12.26 1.18 4.16
CA THR A 100 -13.45 1.23 5.01
C THR A 100 -14.58 0.41 4.40
N ARG A 101 -15.72 0.40 5.08
CA ARG A 101 -16.87 -0.35 4.61
C ARG A 101 -17.62 0.42 3.51
N GLY A 102 -16.98 1.46 3.00
CA GLY A 102 -17.60 2.27 1.96
C GLY A 102 -16.76 2.32 0.71
N GLY A 103 -15.46 2.55 0.87
CA GLY A 103 -14.57 2.63 -0.28
C GLY A 103 -13.12 2.76 0.12
N VAL A 104 -12.23 2.77 -0.87
CA VAL A 104 -10.80 2.90 -0.61
C VAL A 104 -10.33 4.34 -0.79
N GLY A 105 -9.61 4.86 0.21
CA GLY A 105 -9.12 6.22 0.15
C GLY A 105 -7.78 6.32 -0.55
N PRO A 106 -7.24 7.54 -0.64
CA PRO A 106 -5.94 7.79 -1.28
C PRO A 106 -4.77 7.22 -0.47
N PHE A 107 -3.75 6.76 -1.18
CA PHE A 107 -2.57 6.18 -0.53
C PHE A 107 -1.69 7.29 0.05
N SER A 108 -0.84 6.91 1.01
CA SER A 108 0.05 7.87 1.65
C SER A 108 1.22 8.22 0.73
N ASP A 109 2.15 9.01 1.24
CA ASP A 109 3.32 9.42 0.47
C ASP A 109 4.16 8.22 0.07
N PRO A 110 4.32 8.02 -1.25
CA PRO A 110 5.10 6.91 -1.79
C PRO A 110 6.60 7.06 -1.53
N VAL A 111 7.28 5.93 -1.33
CA VAL A 111 8.71 5.95 -1.07
C VAL A 111 9.44 4.95 -1.96
N LYS A 112 10.31 5.45 -2.83
CA LYS A 112 11.07 4.60 -3.73
C LYS A 112 12.31 4.05 -3.05
N ILE A 113 12.27 2.76 -2.71
CA ILE A 113 13.40 2.12 -2.04
C ILE A 113 14.20 1.27 -3.03
N PHE A 114 15.50 1.48 -3.06
CA PHE A 114 16.38 0.73 -3.96
C PHE A 114 16.67 -0.66 -3.40
N ILE A 115 16.22 -1.68 -4.11
CA ILE A 115 16.43 -3.06 -3.69
C ILE A 115 17.80 -3.56 -4.11
N PRO A 116 18.67 -3.81 -3.11
CA PRO A 116 20.03 -4.30 -3.34
C PRO A 116 20.05 -5.73 -3.86
N ALA A 117 20.85 -5.98 -4.89
CA ALA A 117 20.96 -7.31 -5.47
C ALA A 117 21.27 -8.35 -4.39
N HIS A 118 22.09 -7.96 -3.42
CA HIS A 118 22.47 -8.85 -2.34
C HIS A 118 21.25 -9.59 -1.79
N SER A 119 21.37 -10.91 -1.65
CA SER A 119 20.28 -11.73 -1.14
C SER A 119 20.81 -12.94 -0.38
N GLY A 120 19.93 -13.60 0.36
CA GLY A 120 20.33 -14.77 1.12
C GLY A 120 20.96 -15.84 0.26
N PRO A 121 21.81 -16.67 0.87
CA PRO A 121 22.50 -17.76 0.18
C PRO A 121 21.55 -18.88 -0.24
N SER A 122 21.84 -19.51 -1.38
CA SER A 122 21.00 -20.59 -1.88
C SER A 122 21.86 -21.71 -2.48
N SER A 123 21.83 -22.88 -1.86
CA SER A 123 22.60 -24.02 -2.33
C SER A 123 24.09 -23.68 -2.36
N GLY A 124 24.56 -23.02 -1.31
CA GLY A 124 25.97 -22.65 -1.25
C GLY A 124 26.82 -23.74 -0.64
#